data_3A11
#
_entry.id   3A11
#
_cell.length_a   117.291
_cell.length_b   130.808
_cell.length_c   132.815
_cell.angle_alpha   90.00
_cell.angle_beta   90.00
_cell.angle_gamma   90.00
#
_symmetry.space_group_name_H-M   'P 21 21 21'
#
loop_
_entity.id
_entity.type
_entity.pdbx_description
1 polymer 'Translation initiation factor eIF-2B, delta subunit'
2 non-polymer DI(HYDROXYETHYL)ETHER
3 non-polymer 'MAGNESIUM ION'
4 water water
#
_entity_poly.entity_id   1
_entity_poly.type   'polypeptide(L)'
_entity_poly.pdbx_seq_one_letter_code
;MNHKVHHHHHHIEGRHMAVVKEVLEIAEKIKNMEIRGAGKIARSAAYALQLQAEKSKATNVDEFWKEMKQAAKILFETRP
TAVSLPNALRYVMHRGKIAYSSGADLEQLRFVIINAAKEFIHNSEKALERIGEFGAKRIEDGDVIMTHCHSKAAISVMKT
AWEQGKDIKVIVTETRPKWQGKITAKELASYGIPVIYVVDSAARHYMKMTDKVVMGADSITVNGAVINKIGTALIALTAK
EHRVWTMIAAETYKFHPETMLGQLVEIEMRDPTEVIPEDELKTWPKNIEVWNPAFDVTPPEYVDVIITERGIIPPYAAID
ILREEFGWALKYTEPWED
;
_entity_poly.pdbx_strand_id   A,B,C,D,E,F
#
# COMPACT_ATOMS: atom_id res chain seq x y z
N VAL A 19 -2.25 44.81 37.62
CA VAL A 19 -3.41 44.78 36.68
C VAL A 19 -4.66 45.28 37.39
N VAL A 20 -5.72 45.52 36.63
CA VAL A 20 -6.97 46.00 37.21
C VAL A 20 -7.57 44.94 38.12
N LYS A 21 -8.89 44.96 38.25
CA LYS A 21 -9.61 44.01 39.08
C LYS A 21 -10.37 43.00 38.23
N GLU A 22 -10.96 43.48 37.14
CA GLU A 22 -11.72 42.61 36.25
C GLU A 22 -10.82 41.51 35.68
N VAL A 23 -9.57 41.87 35.37
CA VAL A 23 -8.62 40.90 34.82
C VAL A 23 -8.47 39.75 35.79
N LEU A 24 -8.25 40.07 37.06
CA LEU A 24 -8.06 39.08 38.11
C LEU A 24 -9.29 38.23 38.42
N GLU A 25 -10.47 38.85 38.44
CA GLU A 25 -11.70 38.12 38.74
C GLU A 25 -12.13 37.17 37.62
N ILE A 26 -11.52 37.33 36.44
CA ILE A 26 -11.84 36.46 35.30
C ILE A 26 -10.85 35.30 35.29
N ALA A 27 -9.61 35.59 35.67
CA ALA A 27 -8.56 34.57 35.72
C ALA A 27 -8.98 33.44 36.64
N GLU A 28 -9.51 33.78 37.82
CA GLU A 28 -9.95 32.76 38.76
C GLU A 28 -11.13 31.96 38.20
N LYS A 29 -12.04 32.65 37.52
CA LYS A 29 -13.19 31.97 36.92
C LYS A 29 -12.72 31.08 35.77
N ILE A 30 -11.42 31.12 35.52
CA ILE A 30 -10.80 30.31 34.48
C ILE A 30 -9.99 29.22 35.19
N LYS A 31 -9.22 29.62 36.18
CA LYS A 31 -8.42 28.66 36.95
C LYS A 31 -9.38 27.73 37.67
N ASN A 32 -10.29 28.31 38.45
CA ASN A 32 -11.27 27.51 39.17
C ASN A 32 -12.19 26.86 38.15
N MET A 33 -11.89 27.08 36.88
CA MET A 33 -12.66 26.51 35.78
C MET A 33 -14.15 26.73 35.99
N GLU A 34 -14.49 27.80 36.70
CA GLU A 34 -15.88 28.13 36.96
C GLU A 34 -16.54 28.49 35.63
N ILE A 35 -15.74 28.44 34.57
CA ILE A 35 -16.18 28.72 33.21
C ILE A 35 -15.24 27.98 32.25
N ARG A 36 -15.81 27.11 31.43
CA ARG A 36 -15.01 26.36 30.47
C ARG A 36 -15.68 26.25 29.10
N GLY A 37 -14.93 25.71 28.15
CA GLY A 37 -15.41 25.56 26.79
C GLY A 37 -14.40 26.36 25.98
N ALA A 38 -13.79 25.73 24.99
CA ALA A 38 -12.79 26.41 24.16
C ALA A 38 -13.18 27.83 23.82
N GLY A 39 -14.42 28.01 23.36
CA GLY A 39 -14.89 29.34 22.99
C GLY A 39 -15.13 30.28 24.17
N LYS A 40 -15.89 29.82 25.16
CA LYS A 40 -16.20 30.65 26.32
C LYS A 40 -14.96 31.22 27.00
N ILE A 41 -13.99 30.39 27.35
CA ILE A 41 -12.80 30.89 28.02
C ILE A 41 -11.98 31.82 27.13
N ALA A 42 -11.87 31.49 25.85
CA ALA A 42 -11.12 32.32 24.93
C ALA A 42 -11.74 33.72 24.90
N ARG A 43 -13.04 33.77 24.67
CA ARG A 43 -13.74 35.04 24.63
C ARG A 43 -13.57 35.80 25.96
N SER A 44 -13.62 35.07 27.07
CA SER A 44 -13.46 35.69 28.39
C SER A 44 -12.04 36.21 28.58
N ALA A 45 -11.06 35.48 28.06
CA ALA A 45 -9.67 35.88 28.19
C ALA A 45 -9.47 37.19 27.44
N ALA A 46 -10.09 37.28 26.26
CA ALA A 46 -10.00 38.46 25.41
C ALA A 46 -10.74 39.62 26.06
N TYR A 47 -11.87 39.31 26.70
CA TYR A 47 -12.67 40.32 27.36
C TYR A 47 -11.86 40.99 28.47
N ALA A 48 -11.17 40.18 29.26
CA ALA A 48 -10.35 40.67 30.34
C ALA A 48 -9.36 41.71 29.85
N LEU A 49 -8.61 41.37 28.81
CA LEU A 49 -7.61 42.29 28.26
C LEU A 49 -8.27 43.57 27.76
N GLN A 50 -9.53 43.46 27.36
CA GLN A 50 -10.29 44.59 26.85
C GLN A 50 -10.59 45.56 27.99
N LEU A 51 -10.97 44.99 29.13
CA LEU A 51 -11.28 45.79 30.31
C LEU A 51 -10.02 46.44 30.87
N GLN A 52 -8.90 45.73 30.78
CA GLN A 52 -7.64 46.26 31.26
C GLN A 52 -7.27 47.49 30.44
N ALA A 53 -7.62 47.43 29.15
CA ALA A 53 -7.34 48.52 28.24
C ALA A 53 -8.34 49.65 28.47
N GLU A 54 -9.61 49.28 28.58
CA GLU A 54 -10.67 50.25 28.78
C GLU A 54 -10.60 50.93 30.14
N LYS A 55 -10.00 50.27 31.12
CA LYS A 55 -9.96 50.83 32.46
C LYS A 55 -8.59 51.13 33.08
N SER A 56 -7.52 51.00 32.30
CA SER A 56 -6.18 51.29 32.82
C SER A 56 -6.00 52.78 33.05
N LYS A 57 -5.33 53.13 34.16
CA LYS A 57 -5.08 54.52 34.49
C LYS A 57 -3.63 54.89 34.16
N ALA A 58 -3.05 54.16 33.22
CA ALA A 58 -1.68 54.40 32.80
C ALA A 58 -1.61 55.80 32.21
N THR A 59 -0.49 56.49 32.43
CA THR A 59 -0.31 57.85 31.93
C THR A 59 0.78 57.85 30.87
N ASN A 60 1.56 56.78 30.86
CA ASN A 60 2.66 56.62 29.92
C ASN A 60 2.36 55.43 28.99
N VAL A 61 2.85 55.50 27.76
CA VAL A 61 2.62 54.41 26.80
C VAL A 61 3.38 53.17 27.26
N ASP A 62 4.68 53.33 27.49
CA ASP A 62 5.52 52.23 27.94
C ASP A 62 5.03 51.69 29.27
N GLU A 63 4.33 52.54 30.03
CA GLU A 63 3.78 52.14 31.30
C GLU A 63 2.50 51.35 31.07
N PHE A 64 1.82 51.66 29.97
CA PHE A 64 0.58 50.97 29.62
C PHE A 64 0.89 49.59 29.08
N TRP A 65 1.93 49.52 28.24
CA TRP A 65 2.33 48.26 27.64
C TRP A 65 2.66 47.23 28.72
N LYS A 66 3.20 47.70 29.84
CA LYS A 66 3.56 46.82 30.95
C LYS A 66 2.32 46.30 31.67
N GLU A 67 1.26 47.12 31.71
CA GLU A 67 0.04 46.72 32.37
C GLU A 67 -0.67 45.62 31.59
N MET A 68 -0.48 45.62 30.27
CA MET A 68 -1.11 44.61 29.42
C MET A 68 -0.36 43.29 29.55
N LYS A 69 0.97 43.36 29.50
CA LYS A 69 1.80 42.17 29.60
C LYS A 69 1.53 41.42 30.89
N GLN A 70 1.46 42.15 32.00
CA GLN A 70 1.19 41.53 33.28
C GLN A 70 -0.23 40.99 33.29
N ALA A 71 -1.14 41.74 32.66
CA ALA A 71 -2.53 41.33 32.57
C ALA A 71 -2.62 39.94 31.93
N ALA A 72 -1.94 39.79 30.80
CA ALA A 72 -1.94 38.54 30.06
C ALA A 72 -1.19 37.42 30.79
N LYS A 73 -0.01 37.73 31.29
CA LYS A 73 0.79 36.75 32.02
C LYS A 73 -0.06 36.08 33.09
N ILE A 74 -0.93 36.88 33.72
CA ILE A 74 -1.80 36.39 34.76
C ILE A 74 -2.88 35.42 34.27
N LEU A 75 -3.46 35.72 33.11
CA LEU A 75 -4.48 34.87 32.55
C LEU A 75 -3.84 33.58 32.01
N PHE A 76 -2.66 33.74 31.42
CA PHE A 76 -1.92 32.63 30.83
C PHE A 76 -1.59 31.57 31.87
N GLU A 77 -1.18 32.02 33.05
CA GLU A 77 -0.80 31.12 34.14
C GLU A 77 -1.96 30.39 34.81
N THR A 78 -3.18 30.74 34.46
CA THR A 78 -4.34 30.08 35.06
C THR A 78 -4.54 28.64 34.57
N ARG A 79 -4.30 28.41 33.28
CA ARG A 79 -4.47 27.07 32.70
C ARG A 79 -3.63 26.90 31.45
N PRO A 80 -2.31 26.77 31.60
CA PRO A 80 -1.46 26.58 30.42
C PRO A 80 -2.00 25.47 29.53
N THR A 81 -2.42 24.38 30.16
CA THR A 81 -2.97 23.22 29.46
C THR A 81 -4.01 23.60 28.42
N ALA A 82 -4.88 24.55 28.75
CA ALA A 82 -5.93 25.00 27.84
C ALA A 82 -5.26 25.52 26.58
N VAL A 83 -5.88 25.32 25.43
CA VAL A 83 -5.29 25.79 24.18
C VAL A 83 -5.84 27.12 23.69
N SER A 84 -7.16 27.26 23.74
CA SER A 84 -7.78 28.49 23.28
C SER A 84 -7.30 29.71 24.07
N LEU A 85 -7.07 29.52 25.37
CA LEU A 85 -6.63 30.62 26.23
C LEU A 85 -5.42 31.38 25.65
N PRO A 86 -4.23 30.75 25.65
CA PRO A 86 -3.06 31.45 25.10
C PRO A 86 -3.27 32.00 23.70
N ASN A 87 -4.19 31.43 22.93
CA ASN A 87 -4.45 31.92 21.58
C ASN A 87 -5.21 33.24 21.62
N ALA A 88 -6.18 33.35 22.53
CA ALA A 88 -6.93 34.58 22.66
C ALA A 88 -5.93 35.68 23.05
N LEU A 89 -5.04 35.35 23.97
CA LEU A 89 -4.02 36.30 24.41
C LEU A 89 -3.08 36.62 23.27
N ARG A 90 -2.61 35.60 22.55
CA ARG A 90 -1.69 35.84 21.46
C ARG A 90 -2.31 36.78 20.45
N TYR A 91 -3.53 36.47 20.03
CA TYR A 91 -4.25 37.28 19.05
C TYR A 91 -4.22 38.76 19.43
N VAL A 92 -4.69 39.05 20.64
CA VAL A 92 -4.74 40.42 21.15
C VAL A 92 -3.36 41.02 21.40
N MET A 93 -2.49 40.29 22.09
CA MET A 93 -1.16 40.79 22.41
C MET A 93 -0.22 40.93 21.23
N HIS A 94 -0.31 40.01 20.26
CA HIS A 94 0.56 40.11 19.09
C HIS A 94 0.25 41.43 18.40
N ARG A 95 -1.04 41.74 18.28
CA ARG A 95 -1.42 42.98 17.63
C ARG A 95 -1.07 44.20 18.46
N GLY A 96 -1.10 44.06 19.77
CA GLY A 96 -0.74 45.17 20.64
C GLY A 96 0.77 45.40 20.56
N LYS A 97 1.51 44.30 20.68
CA LYS A 97 2.97 44.32 20.64
C LYS A 97 3.43 44.96 19.34
N ILE A 98 2.87 44.53 18.22
CA ILE A 98 3.27 45.11 16.94
C ILE A 98 3.09 46.62 16.97
N ALA A 99 1.88 47.06 17.28
CA ALA A 99 1.56 48.49 17.35
C ALA A 99 2.60 49.22 18.19
N TYR A 100 2.75 48.77 19.44
CA TYR A 100 3.70 49.36 20.36
C TYR A 100 5.08 49.64 19.73
N SER A 101 5.65 48.60 19.10
CA SER A 101 6.97 48.71 18.48
C SER A 101 7.06 49.72 17.33
N SER A 102 5.93 50.21 16.86
CA SER A 102 5.93 51.20 15.77
C SER A 102 5.89 52.62 16.29
N GLY A 103 6.04 52.77 17.60
CA GLY A 103 6.01 54.09 18.21
C GLY A 103 4.58 54.59 18.31
N ALA A 104 3.72 53.76 18.87
CA ALA A 104 2.31 54.11 19.03
C ALA A 104 2.12 54.72 20.41
N ASP A 105 1.26 55.73 20.49
CA ASP A 105 0.98 56.41 21.75
C ASP A 105 0.12 55.60 22.69
N LEU A 106 -0.02 56.10 23.91
CA LEU A 106 -0.83 55.45 24.92
C LEU A 106 -2.23 55.15 24.41
N GLU A 107 -2.82 56.13 23.73
CA GLU A 107 -4.18 55.98 23.22
C GLU A 107 -4.31 55.16 21.96
N GLN A 108 -3.30 55.20 21.09
CA GLN A 108 -3.34 54.42 19.86
C GLN A 108 -3.27 52.94 20.19
N LEU A 109 -2.46 52.60 21.19
CA LEU A 109 -2.28 51.22 21.62
C LEU A 109 -3.50 50.71 22.36
N ARG A 110 -4.07 51.55 23.22
CA ARG A 110 -5.27 51.19 23.97
C ARG A 110 -6.35 50.81 22.94
N PHE A 111 -6.47 51.67 21.93
CA PHE A 111 -7.42 51.48 20.85
C PHE A 111 -7.16 50.16 20.09
N VAL A 112 -5.92 49.97 19.67
CA VAL A 112 -5.53 48.77 18.94
C VAL A 112 -5.91 47.50 19.70
N ILE A 113 -5.67 47.50 21.01
CA ILE A 113 -5.96 46.37 21.87
C ILE A 113 -7.46 46.13 22.00
N ILE A 114 -8.16 47.11 22.57
CA ILE A 114 -9.60 47.02 22.74
C ILE A 114 -10.22 46.51 21.44
N ASN A 115 -9.77 47.10 20.34
CA ASN A 115 -10.27 46.75 19.02
C ASN A 115 -10.07 45.27 18.68
N ALA A 116 -8.83 44.80 18.84
CA ALA A 116 -8.51 43.41 18.55
C ALA A 116 -9.30 42.44 19.43
N ALA A 117 -9.47 42.80 20.70
CA ALA A 117 -10.21 41.98 21.64
C ALA A 117 -11.66 41.80 21.22
N LYS A 118 -12.31 42.90 20.84
CA LYS A 118 -13.71 42.83 20.43
C LYS A 118 -13.86 42.06 19.12
N GLU A 119 -12.86 42.19 18.26
CA GLU A 119 -12.84 41.51 16.98
C GLU A 119 -12.72 40.01 17.20
N PHE A 120 -11.89 39.61 18.15
CA PHE A 120 -11.71 38.20 18.42
C PHE A 120 -12.99 37.65 19.00
N ILE A 121 -13.55 38.39 19.95
CA ILE A 121 -14.78 38.00 20.60
C ILE A 121 -15.92 37.80 19.60
N HIS A 122 -16.07 38.75 18.69
CA HIS A 122 -17.12 38.65 17.68
C HIS A 122 -16.94 37.40 16.84
N ASN A 123 -15.72 37.18 16.34
CA ASN A 123 -15.44 36.02 15.51
C ASN A 123 -15.66 34.70 16.23
N SER A 124 -15.30 34.65 17.50
CA SER A 124 -15.49 33.44 18.28
C SER A 124 -16.99 33.15 18.45
N GLU A 125 -17.78 34.22 18.55
CA GLU A 125 -19.23 34.09 18.71
C GLU A 125 -19.92 33.53 17.48
N LYS A 126 -19.33 33.77 16.31
CA LYS A 126 -19.87 33.31 15.03
C LYS A 126 -19.24 32.02 14.52
N ALA A 127 -18.22 31.53 15.22
CA ALA A 127 -17.48 30.33 14.81
C ALA A 127 -18.31 29.06 14.53
N LEU A 128 -19.05 28.58 15.52
CA LEU A 128 -19.85 27.39 15.31
C LEU A 128 -20.74 27.50 14.07
N GLU A 129 -21.33 28.68 13.88
CA GLU A 129 -22.22 28.95 12.76
C GLU A 129 -21.43 28.91 11.44
N ARG A 130 -20.35 29.67 11.38
CA ARG A 130 -19.54 29.71 10.17
C ARG A 130 -18.94 28.36 9.84
N ILE A 131 -18.43 27.64 10.84
CA ILE A 131 -17.88 26.32 10.59
C ILE A 131 -18.99 25.46 9.99
N GLY A 132 -20.18 25.57 10.58
CA GLY A 132 -21.33 24.83 10.07
C GLY A 132 -21.55 25.08 8.59
N GLU A 133 -21.50 26.35 8.19
CA GLU A 133 -21.69 26.73 6.80
C GLU A 133 -20.58 26.17 5.91
N PHE A 134 -19.34 26.43 6.29
CA PHE A 134 -18.19 25.95 5.51
C PHE A 134 -18.19 24.44 5.33
N GLY A 135 -18.49 23.70 6.40
CA GLY A 135 -18.50 22.26 6.29
C GLY A 135 -19.67 21.72 5.49
N ALA A 136 -20.84 22.35 5.65
CA ALA A 136 -22.02 21.89 4.94
C ALA A 136 -21.86 21.95 3.42
N LYS A 137 -21.02 22.84 2.93
CA LYS A 137 -20.78 22.95 1.49
C LYS A 137 -20.06 21.71 0.96
N ARG A 138 -19.44 20.97 1.88
CA ARG A 138 -18.71 19.76 1.51
C ARG A 138 -19.51 18.49 1.78
N ILE A 139 -20.79 18.66 2.05
CA ILE A 139 -21.70 17.54 2.33
C ILE A 139 -22.70 17.47 1.18
N GLU A 140 -22.87 16.28 0.61
CA GLU A 140 -23.80 16.11 -0.51
C GLU A 140 -25.07 15.38 -0.05
N ASP A 141 -26.17 15.64 -0.77
CA ASP A 141 -27.46 15.02 -0.48
C ASP A 141 -27.28 13.52 -0.62
N GLY A 142 -27.71 12.77 0.40
CA GLY A 142 -27.54 11.33 0.37
C GLY A 142 -26.29 10.85 1.10
N ASP A 143 -25.53 11.77 1.69
CA ASP A 143 -24.31 11.41 2.41
C ASP A 143 -24.56 10.71 3.72
N VAL A 144 -23.77 9.68 3.95
CA VAL A 144 -23.81 8.93 5.20
C VAL A 144 -22.59 9.51 5.91
N ILE A 145 -22.80 10.03 7.10
CA ILE A 145 -21.73 10.65 7.86
C ILE A 145 -21.43 9.95 9.18
N MET A 146 -20.17 9.59 9.39
CA MET A 146 -19.80 8.97 10.65
C MET A 146 -19.15 10.06 11.49
N THR A 147 -19.45 10.05 12.78
CA THR A 147 -18.87 11.02 13.69
C THR A 147 -18.42 10.29 14.96
N HIS A 148 -17.88 11.04 15.93
CA HIS A 148 -17.36 10.48 17.18
C HIS A 148 -17.49 11.55 18.27
N CYS A 149 -17.66 11.11 19.52
CA CYS A 149 -17.80 12.02 20.67
C CYS A 149 -19.01 12.94 20.48
N HIS A 150 -18.97 14.13 21.07
CA HIS A 150 -20.06 15.10 20.95
C HIS A 150 -19.44 16.47 20.70
N SER A 151 -19.13 16.72 19.43
CA SER A 151 -18.51 17.96 19.01
C SER A 151 -19.51 18.98 18.49
N LYS A 152 -19.64 20.10 19.20
CA LYS A 152 -20.56 21.14 18.77
C LYS A 152 -20.24 21.59 17.35
N ALA A 153 -18.95 21.69 17.03
CA ALA A 153 -18.55 22.12 15.70
C ALA A 153 -18.95 21.10 14.64
N ALA A 154 -18.76 19.82 14.93
CA ALA A 154 -19.08 18.77 13.97
C ALA A 154 -20.59 18.71 13.76
N ILE A 155 -21.33 18.75 14.86
CA ILE A 155 -22.79 18.70 14.81
C ILE A 155 -23.34 19.89 14.04
N SER A 156 -22.74 21.06 14.25
CA SER A 156 -23.18 22.26 13.54
C SER A 156 -23.09 22.06 12.04
N VAL A 157 -22.06 21.35 11.59
CA VAL A 157 -21.89 21.06 10.17
C VAL A 157 -23.06 20.19 9.69
N MET A 158 -23.44 19.22 10.52
CA MET A 158 -24.50 18.30 10.17
C MET A 158 -25.89 18.93 10.15
N LYS A 159 -26.21 19.71 11.18
CA LYS A 159 -27.51 20.38 11.25
C LYS A 159 -27.67 21.30 10.05
N THR A 160 -26.63 22.08 9.79
CA THR A 160 -26.62 23.04 8.69
C THR A 160 -26.85 22.37 7.34
N ALA A 161 -26.25 21.21 7.13
CA ALA A 161 -26.43 20.51 5.86
C ALA A 161 -27.87 20.01 5.74
N TRP A 162 -28.37 19.48 6.85
CA TRP A 162 -29.73 18.96 6.92
C TRP A 162 -30.72 20.09 6.65
N GLU A 163 -30.45 21.26 7.21
CA GLU A 163 -31.32 22.41 7.04
C GLU A 163 -31.26 23.02 5.63
N GLN A 164 -30.23 22.69 4.87
CA GLN A 164 -30.13 23.20 3.51
C GLN A 164 -30.94 22.28 2.62
N GLY A 165 -31.63 21.33 3.25
CA GLY A 165 -32.45 20.40 2.50
C GLY A 165 -31.74 19.12 2.09
N LYS A 166 -30.51 18.95 2.58
CA LYS A 166 -29.73 17.77 2.25
C LYS A 166 -30.17 16.60 3.11
N ASP A 167 -30.46 15.48 2.46
CA ASP A 167 -30.91 14.27 3.14
C ASP A 167 -29.71 13.47 3.60
N ILE A 168 -29.42 13.52 4.90
CA ILE A 168 -28.28 12.82 5.46
C ILE A 168 -28.65 11.80 6.53
N LYS A 169 -27.79 10.81 6.69
CA LYS A 169 -27.95 9.75 7.68
C LYS A 169 -26.62 9.76 8.45
N VAL A 170 -26.67 9.89 9.78
CA VAL A 170 -25.44 9.93 10.55
C VAL A 170 -25.17 8.67 11.38
N ILE A 171 -23.99 8.08 11.19
CA ILE A 171 -23.61 6.92 11.99
C ILE A 171 -22.90 7.52 13.20
N VAL A 172 -23.48 7.31 14.38
CA VAL A 172 -22.88 7.85 15.59
C VAL A 172 -22.19 6.74 16.38
N THR A 173 -20.90 6.92 16.63
CA THR A 173 -20.14 5.95 17.42
C THR A 173 -20.40 6.24 18.89
N GLU A 174 -20.65 5.17 19.63
CA GLU A 174 -20.93 5.22 21.07
C GLU A 174 -20.02 6.16 21.88
N THR A 175 -18.72 6.09 21.62
CA THR A 175 -17.72 6.90 22.29
C THR A 175 -17.54 6.62 23.78
N ARG A 176 -17.17 5.39 24.10
CA ARG A 176 -16.89 5.05 25.49
C ARG A 176 -15.64 5.86 25.88
N PRO A 177 -15.37 6.01 27.18
CA PRO A 177 -16.16 5.48 28.29
C PRO A 177 -17.37 6.33 28.72
N LYS A 178 -17.32 7.65 28.49
CA LYS A 178 -18.42 8.50 28.93
C LYS A 178 -19.68 8.54 28.05
N TRP A 179 -19.73 7.67 27.04
CA TRP A 179 -20.89 7.57 26.16
C TRP A 179 -21.41 8.85 25.50
N GLN A 180 -20.55 9.65 24.89
CA GLN A 180 -21.02 10.88 24.24
C GLN A 180 -21.92 10.58 23.04
N GLY A 181 -21.69 9.43 22.41
CA GLY A 181 -22.50 9.03 21.28
C GLY A 181 -23.99 9.10 21.56
N LYS A 182 -24.37 8.82 22.79
CA LYS A 182 -25.78 8.83 23.18
C LYS A 182 -26.34 10.25 23.04
N ILE A 183 -25.59 11.21 23.57
CA ILE A 183 -25.96 12.62 23.50
C ILE A 183 -26.13 13.02 22.03
N THR A 184 -25.09 12.75 21.24
CA THR A 184 -25.09 13.09 19.81
C THR A 184 -26.22 12.41 19.05
N ALA A 185 -26.47 11.13 19.32
CA ALA A 185 -27.52 10.41 18.64
C ALA A 185 -28.88 11.07 18.94
N LYS A 186 -29.17 11.27 20.21
CA LYS A 186 -30.43 11.90 20.60
C LYS A 186 -30.58 13.28 19.99
N GLU A 187 -29.52 14.09 20.08
CA GLU A 187 -29.57 15.45 19.54
C GLU A 187 -29.79 15.49 18.03
N LEU A 188 -28.98 14.78 17.27
CA LEU A 188 -29.17 14.78 15.82
C LEU A 188 -30.56 14.26 15.45
N ALA A 189 -30.97 13.15 16.08
CA ALA A 189 -32.26 12.57 15.78
C ALA A 189 -33.42 13.53 16.10
N SER A 190 -33.27 14.31 17.17
CA SER A 190 -34.32 15.25 17.55
C SER A 190 -34.60 16.30 16.46
N TYR A 191 -33.59 16.62 15.64
CA TYR A 191 -33.77 17.59 14.57
C TYR A 191 -34.38 16.93 13.34
N GLY A 192 -34.55 15.61 13.39
CA GLY A 192 -35.12 14.90 12.25
C GLY A 192 -34.11 14.07 11.47
N ILE A 193 -32.84 14.24 11.79
CA ILE A 193 -31.78 13.51 11.12
C ILE A 193 -31.77 12.02 11.50
N PRO A 194 -31.93 11.12 10.52
CA PRO A 194 -31.94 9.68 10.80
C PRO A 194 -30.57 9.27 11.34
N VAL A 195 -30.57 8.55 12.46
CA VAL A 195 -29.34 8.13 13.11
C VAL A 195 -29.15 6.61 13.23
N ILE A 196 -27.90 6.19 13.05
CA ILE A 196 -27.52 4.81 13.22
C ILE A 196 -26.47 4.91 14.33
N TYR A 197 -26.74 4.23 15.42
CA TYR A 197 -25.87 4.22 16.60
C TYR A 197 -25.15 2.88 16.65
N VAL A 198 -23.84 2.91 16.84
CA VAL A 198 -23.06 1.68 16.92
C VAL A 198 -21.98 1.79 17.96
N VAL A 199 -21.51 0.62 18.40
CA VAL A 199 -20.45 0.58 19.38
C VAL A 199 -19.14 0.97 18.64
N ASP A 200 -18.20 1.59 19.35
CA ASP A 200 -16.93 2.01 18.76
C ASP A 200 -16.24 0.96 17.87
N SER A 201 -16.22 -0.29 18.33
CA SER A 201 -15.59 -1.39 17.60
C SER A 201 -16.12 -1.62 16.18
N ALA A 202 -17.28 -1.06 15.86
CA ALA A 202 -17.87 -1.29 14.54
C ALA A 202 -17.53 -0.21 13.51
N ALA A 203 -16.66 0.72 13.89
CA ALA A 203 -16.26 1.81 12.99
C ALA A 203 -15.74 1.30 11.65
N ARG A 204 -14.87 0.29 11.67
CA ARG A 204 -14.35 -0.21 10.40
C ARG A 204 -15.46 -0.89 9.61
N HIS A 205 -16.21 -1.76 10.28
CA HIS A 205 -17.30 -2.49 9.66
C HIS A 205 -18.28 -1.62 8.86
N TYR A 206 -18.61 -0.45 9.37
CA TYR A 206 -19.54 0.44 8.69
C TYR A 206 -18.89 1.56 7.88
N MET A 207 -17.56 1.56 7.82
CA MET A 207 -16.85 2.59 7.07
C MET A 207 -17.06 2.33 5.58
N LYS A 208 -17.47 1.11 5.26
CA LYS A 208 -17.73 0.70 3.88
C LYS A 208 -18.99 1.35 3.30
N MET A 209 -19.87 1.81 4.16
CA MET A 209 -21.10 2.44 3.71
C MET A 209 -21.10 3.91 4.10
N THR A 210 -19.93 4.43 4.43
CA THR A 210 -19.81 5.81 4.85
C THR A 210 -19.28 6.67 3.72
N ASP A 211 -19.87 7.85 3.55
CA ASP A 211 -19.44 8.76 2.50
C ASP A 211 -18.50 9.81 3.06
N LYS A 212 -18.75 10.19 4.30
CA LYS A 212 -17.94 11.20 4.93
C LYS A 212 -17.79 10.97 6.42
N VAL A 213 -16.68 11.47 6.93
CA VAL A 213 -16.39 11.39 8.34
C VAL A 213 -16.19 12.82 8.81
N VAL A 214 -16.95 13.20 9.81
CA VAL A 214 -16.87 14.53 10.35
C VAL A 214 -16.70 14.42 11.85
N MET A 215 -15.57 14.91 12.36
CA MET A 215 -15.31 14.88 13.79
C MET A 215 -14.79 16.22 14.31
N GLY A 216 -14.72 16.36 15.62
CA GLY A 216 -14.21 17.59 16.19
C GLY A 216 -12.74 17.47 16.56
N ALA A 217 -12.28 18.35 17.44
CA ALA A 217 -10.91 18.33 17.88
C ALA A 217 -10.78 19.04 19.21
N ASP A 218 -9.86 18.57 20.05
CA ASP A 218 -9.62 19.23 21.32
C ASP A 218 -8.53 20.25 20.97
N SER A 219 -7.65 19.86 20.04
CA SER A 219 -6.57 20.71 19.57
C SER A 219 -5.94 20.17 18.28
N ILE A 220 -5.34 21.09 17.53
CA ILE A 220 -4.68 20.78 16.26
C ILE A 220 -3.22 21.17 16.47
N THR A 221 -2.28 20.36 15.99
CA THR A 221 -0.87 20.67 16.17
C THR A 221 -0.33 21.50 15.03
N VAL A 222 0.90 21.98 15.21
CA VAL A 222 1.58 22.81 14.22
C VAL A 222 1.66 22.16 12.84
N ASN A 223 1.55 20.83 12.78
CA ASN A 223 1.59 20.12 11.50
C ASN A 223 0.23 19.64 11.00
N GLY A 224 -0.82 19.88 11.76
CA GLY A 224 -2.13 19.47 11.32
C GLY A 224 -2.58 18.16 11.91
N ALA A 225 -1.86 17.67 12.93
CA ALA A 225 -2.24 16.44 13.58
C ALA A 225 -3.37 16.83 14.51
N VAL A 226 -4.34 15.94 14.65
CA VAL A 226 -5.51 16.21 15.47
C VAL A 226 -5.55 15.48 16.81
N ILE A 227 -5.69 16.24 17.89
CA ILE A 227 -5.80 15.64 19.20
C ILE A 227 -7.28 15.67 19.55
N ASN A 228 -7.86 14.49 19.74
CA ASN A 228 -9.27 14.39 20.05
C ASN A 228 -9.57 13.13 20.87
N LYS A 229 -10.79 13.07 21.41
CA LYS A 229 -11.27 11.95 22.22
C LYS A 229 -10.82 10.60 21.69
N ILE A 230 -10.32 9.77 22.62
CA ILE A 230 -9.83 8.44 22.32
C ILE A 230 -10.79 7.74 21.34
N GLY A 231 -10.24 7.17 20.27
CA GLY A 231 -11.04 6.49 19.28
C GLY A 231 -11.02 7.17 17.92
N THR A 232 -10.82 8.48 17.94
CA THR A 232 -10.78 9.32 16.75
C THR A 232 -9.78 8.88 15.69
N ALA A 233 -8.57 8.52 16.14
CA ALA A 233 -7.53 8.10 15.21
C ALA A 233 -7.84 6.76 14.54
N LEU A 234 -8.50 5.85 15.27
CA LEU A 234 -8.88 4.55 14.72
C LEU A 234 -9.86 4.77 13.57
N ILE A 235 -10.81 5.66 13.79
CA ILE A 235 -11.80 5.97 12.79
C ILE A 235 -11.10 6.58 11.58
N ALA A 236 -10.28 7.59 11.82
CA ALA A 236 -9.57 8.24 10.74
C ALA A 236 -8.68 7.21 10.01
N LEU A 237 -8.13 6.27 10.76
CA LEU A 237 -7.29 5.24 10.17
C LEU A 237 -8.08 4.44 9.15
N THR A 238 -9.23 3.89 9.56
CA THR A 238 -10.04 3.10 8.65
C THR A 238 -10.67 3.92 7.54
N ALA A 239 -10.91 5.21 7.79
CA ALA A 239 -11.47 6.07 6.75
C ALA A 239 -10.42 6.22 5.65
N LYS A 240 -9.16 6.33 6.06
CA LYS A 240 -8.06 6.47 5.10
C LYS A 240 -7.98 5.17 4.29
N GLU A 241 -8.13 4.04 4.99
CA GLU A 241 -8.10 2.72 4.36
C GLU A 241 -9.21 2.56 3.30
N HIS A 242 -10.35 3.20 3.52
CA HIS A 242 -11.48 3.11 2.60
C HIS A 242 -11.63 4.33 1.67
N ARG A 243 -10.67 5.25 1.76
CA ARG A 243 -10.67 6.49 0.96
C ARG A 243 -11.92 7.31 1.22
N VAL A 244 -12.27 7.42 2.49
CA VAL A 244 -13.43 8.18 2.87
C VAL A 244 -13.02 9.57 3.34
N TRP A 245 -13.52 10.57 2.61
CA TRP A 245 -13.24 11.98 2.87
C TRP A 245 -13.41 12.24 4.36
N THR A 246 -12.33 12.67 4.99
CA THR A 246 -12.32 12.92 6.43
C THR A 246 -12.11 14.39 6.74
N MET A 247 -13.04 14.97 7.50
CA MET A 247 -12.98 16.39 7.83
C MET A 247 -12.96 16.64 9.33
N ILE A 248 -12.10 17.55 9.78
CA ILE A 248 -12.06 17.88 11.19
C ILE A 248 -12.59 19.30 11.36
N ALA A 249 -13.60 19.45 12.22
CA ALA A 249 -14.20 20.76 12.46
C ALA A 249 -13.56 21.36 13.70
N ALA A 250 -12.88 22.48 13.53
CA ALA A 250 -12.20 23.09 14.66
C ALA A 250 -11.91 24.57 14.47
N GLU A 251 -12.08 25.33 15.54
CA GLU A 251 -11.85 26.77 15.53
C GLU A 251 -10.36 27.07 15.50
N THR A 252 -10.01 28.18 14.84
CA THR A 252 -8.62 28.59 14.70
C THR A 252 -7.87 28.66 16.02
N TYR A 253 -8.55 29.04 17.10
CA TYR A 253 -7.88 29.14 18.40
C TYR A 253 -7.65 27.81 19.10
N LYS A 254 -7.86 26.71 18.37
CA LYS A 254 -7.61 25.38 18.91
C LYS A 254 -6.28 24.88 18.31
N PHE A 255 -5.71 25.65 17.39
CA PHE A 255 -4.45 25.31 16.76
C PHE A 255 -3.32 25.66 17.72
N HIS A 256 -2.52 24.66 18.06
CA HIS A 256 -1.41 24.82 19.00
C HIS A 256 -0.06 24.78 18.27
N PRO A 257 0.94 25.53 18.76
CA PRO A 257 2.26 25.54 18.13
C PRO A 257 3.14 24.32 18.45
N GLU A 258 2.64 23.42 19.31
CA GLU A 258 3.38 22.20 19.69
C GLU A 258 3.47 21.18 18.56
N THR A 259 4.32 20.18 18.75
CA THR A 259 4.51 19.13 17.75
C THR A 259 4.27 17.76 18.38
N MET A 260 4.16 16.74 17.53
CA MET A 260 3.96 15.37 17.97
C MET A 260 5.03 14.50 17.32
N LEU A 261 5.73 15.08 16.35
CA LEU A 261 6.79 14.40 15.63
C LEU A 261 8.08 14.38 16.45
N GLY A 262 8.19 15.29 17.40
CA GLY A 262 9.37 15.34 18.24
C GLY A 262 9.22 14.47 19.47
N GLN A 263 9.56 15.02 20.63
CA GLN A 263 9.46 14.29 21.90
C GLN A 263 8.09 13.64 22.02
N LEU A 264 8.07 12.42 22.55
CA LEU A 264 6.83 11.67 22.71
C LEU A 264 5.96 12.27 23.82
N VAL A 265 4.82 12.82 23.44
CA VAL A 265 3.90 13.43 24.40
C VAL A 265 2.53 12.76 24.41
N GLU A 266 2.12 12.31 25.58
CA GLU A 266 0.81 11.66 25.76
C GLU A 266 0.01 12.51 26.74
N ILE A 267 -1.13 13.03 26.27
CA ILE A 267 -1.95 13.89 27.12
C ILE A 267 -2.63 13.17 28.28
N GLU A 268 -3.29 13.95 29.14
CA GLU A 268 -3.96 13.47 30.33
C GLU A 268 -4.59 12.08 30.37
N MET A 269 -4.49 11.49 31.56
CA MET A 269 -5.05 10.19 31.87
C MET A 269 -6.22 10.55 32.76
N ARG A 270 -7.38 9.94 32.54
CA ARG A 270 -8.55 10.26 33.34
C ARG A 270 -8.93 9.19 34.35
N ASP A 271 -9.81 9.57 35.26
CA ASP A 271 -10.28 8.67 36.31
C ASP A 271 -10.79 7.34 35.76
N PRO A 272 -10.21 6.23 36.23
CA PRO A 272 -10.58 4.87 35.82
C PRO A 272 -12.06 4.55 36.05
N THR A 273 -12.66 5.16 37.06
CA THR A 273 -14.06 4.92 37.37
C THR A 273 -14.99 5.36 36.26
N GLU A 274 -14.47 6.07 35.26
CA GLU A 274 -15.32 6.48 34.14
C GLU A 274 -15.53 5.23 33.31
N VAL A 275 -14.51 4.36 33.32
CA VAL A 275 -14.55 3.11 32.57
C VAL A 275 -15.26 2.05 33.36
N ILE A 276 -14.75 1.76 34.55
CA ILE A 276 -15.35 0.77 35.43
C ILE A 276 -15.71 1.48 36.73
N PRO A 277 -17.00 1.59 37.04
CA PRO A 277 -17.47 2.25 38.27
C PRO A 277 -16.79 1.74 39.54
N GLU A 278 -16.68 2.60 40.55
CA GLU A 278 -16.07 2.28 41.84
C GLU A 278 -16.56 0.94 42.43
N ASP A 279 -17.88 0.80 42.54
CA ASP A 279 -18.49 -0.41 43.08
C ASP A 279 -17.96 -1.66 42.40
N GLU A 280 -18.13 -1.71 41.09
CA GLU A 280 -17.68 -2.84 40.29
C GLU A 280 -16.18 -3.01 40.42
N LEU A 281 -15.45 -1.90 40.40
CA LEU A 281 -14.00 -1.93 40.47
C LEU A 281 -13.38 -2.55 41.72
N LYS A 282 -14.07 -2.51 42.86
CA LYS A 282 -13.50 -3.13 44.05
C LYS A 282 -13.94 -4.59 44.13
N THR A 283 -14.46 -5.06 43.00
CA THR A 283 -14.92 -6.43 42.82
C THR A 283 -13.86 -7.14 41.96
N TRP A 284 -12.85 -6.37 41.55
CA TRP A 284 -11.79 -6.87 40.69
C TRP A 284 -10.46 -7.18 41.34
N PRO A 285 -9.69 -8.11 40.76
CA PRO A 285 -8.37 -8.51 41.25
C PRO A 285 -7.48 -7.27 41.26
N LYS A 286 -6.63 -7.15 42.26
CA LYS A 286 -5.75 -6.00 42.39
C LYS A 286 -4.74 -5.83 41.27
N ASN A 287 -4.37 -6.91 40.59
CA ASN A 287 -3.39 -6.80 39.51
C ASN A 287 -3.97 -6.46 38.12
N ILE A 288 -5.13 -5.83 38.10
CA ILE A 288 -5.75 -5.40 36.87
C ILE A 288 -5.78 -3.89 37.00
N GLU A 289 -5.15 -3.20 36.06
CA GLU A 289 -5.14 -1.74 36.07
C GLU A 289 -6.01 -1.24 34.92
N VAL A 290 -6.89 -0.30 35.23
CA VAL A 290 -7.77 0.29 34.23
C VAL A 290 -7.22 1.61 33.71
N TRP A 291 -6.68 1.58 32.49
CA TRP A 291 -6.13 2.80 31.88
C TRP A 291 -7.20 3.56 31.13
N ASN A 292 -7.28 4.87 31.33
CA ASN A 292 -8.29 5.68 30.67
C ASN A 292 -7.75 6.95 30.00
N PRO A 293 -7.05 6.80 28.85
CA PRO A 293 -6.52 7.97 28.16
C PRO A 293 -7.68 8.79 27.59
N ALA A 294 -7.55 10.11 27.65
CA ALA A 294 -8.59 11.02 27.15
C ALA A 294 -8.57 11.13 25.64
N PHE A 295 -7.37 11.27 25.08
CA PHE A 295 -7.20 11.44 23.65
C PHE A 295 -6.24 10.45 23.02
N ASP A 296 -6.11 10.60 21.71
CA ASP A 296 -5.16 9.86 20.89
C ASP A 296 -4.82 10.86 19.79
N VAL A 297 -3.80 10.56 19.01
CA VAL A 297 -3.38 11.49 17.98
C VAL A 297 -3.57 10.98 16.57
N THR A 298 -4.26 11.77 15.76
CA THR A 298 -4.53 11.43 14.38
C THR A 298 -3.46 12.11 13.50
N PRO A 299 -2.67 11.33 12.76
CA PRO A 299 -1.65 11.92 11.91
C PRO A 299 -2.32 12.82 10.88
N PRO A 300 -1.65 13.89 10.44
CA PRO A 300 -2.27 14.77 9.44
C PRO A 300 -2.55 14.03 8.11
N GLU A 301 -1.88 12.90 7.89
CA GLU A 301 -2.06 12.10 6.68
C GLU A 301 -3.46 11.46 6.60
N TYR A 302 -4.14 11.35 7.75
CA TYR A 302 -5.48 10.76 7.76
C TYR A 302 -6.56 11.81 7.86
N VAL A 303 -6.20 13.05 7.57
CA VAL A 303 -7.15 14.16 7.62
C VAL A 303 -7.14 14.91 6.31
N ASP A 304 -8.25 14.90 5.60
CA ASP A 304 -8.34 15.61 4.33
C ASP A 304 -8.41 17.12 4.45
N VAL A 305 -9.29 17.62 5.31
CA VAL A 305 -9.42 19.05 5.50
C VAL A 305 -9.86 19.38 6.91
N ILE A 306 -9.53 20.58 7.36
CA ILE A 306 -9.94 21.05 8.66
C ILE A 306 -10.89 22.18 8.35
N ILE A 307 -12.05 22.18 9.00
CA ILE A 307 -13.06 23.21 8.79
C ILE A 307 -12.97 24.24 9.89
N THR A 308 -12.42 25.42 9.56
CA THR A 308 -12.31 26.49 10.55
C THR A 308 -13.38 27.55 10.30
N GLU A 309 -13.57 28.44 11.27
CA GLU A 309 -14.55 29.50 11.13
C GLU A 309 -14.14 30.45 9.98
N ARG A 310 -12.85 30.43 9.62
CA ARG A 310 -12.36 31.30 8.55
C ARG A 310 -12.38 30.56 7.21
N GLY A 311 -12.67 29.27 7.24
CA GLY A 311 -12.69 28.51 6.00
C GLY A 311 -12.01 27.15 6.05
N ILE A 312 -12.03 26.46 4.93
CA ILE A 312 -11.46 25.13 4.81
C ILE A 312 -9.99 25.14 4.42
N ILE A 313 -9.19 24.35 5.13
CA ILE A 313 -7.76 24.29 4.83
C ILE A 313 -7.18 22.91 5.00
N PRO A 314 -6.12 22.61 4.25
CA PRO A 314 -5.46 21.31 4.35
C PRO A 314 -4.73 21.33 5.71
N PRO A 315 -4.46 20.15 6.30
CA PRO A 315 -3.77 20.11 7.60
C PRO A 315 -2.41 20.81 7.66
N TYR A 316 -1.64 20.75 6.58
CA TYR A 316 -0.33 21.39 6.56
C TYR A 316 -0.39 22.91 6.47
N ALA A 317 -1.59 23.48 6.57
CA ALA A 317 -1.73 24.93 6.51
C ALA A 317 -1.92 25.42 7.94
N ALA A 318 -1.95 24.48 8.85
CA ALA A 318 -2.12 24.77 10.27
C ALA A 318 -1.15 25.82 10.77
N ILE A 319 0.11 25.71 10.36
CA ILE A 319 1.12 26.67 10.79
C ILE A 319 0.83 28.06 10.24
N ASP A 320 0.17 28.13 9.09
CA ASP A 320 -0.17 29.40 8.49
C ASP A 320 -1.22 30.08 9.36
N ILE A 321 -2.08 29.29 9.97
CA ILE A 321 -3.09 29.86 10.87
C ILE A 321 -2.37 30.49 12.06
N LEU A 322 -1.50 29.72 12.71
CA LEU A 322 -0.75 30.21 13.87
C LEU A 322 0.01 31.51 13.57
N ARG A 323 0.76 31.55 12.48
CA ARG A 323 1.53 32.75 12.13
C ARG A 323 0.66 33.98 11.85
N GLU A 324 -0.13 33.92 10.78
CA GLU A 324 -1.00 35.01 10.36
C GLU A 324 -2.13 35.38 11.33
N GLU A 325 -2.59 34.41 12.11
CA GLU A 325 -3.68 34.67 13.02
C GLU A 325 -3.23 35.01 14.44
N PHE A 326 -2.25 34.28 14.96
CA PHE A 326 -1.79 34.51 16.31
C PHE A 326 -0.36 35.02 16.39
N GLY A 327 0.13 35.52 15.26
CA GLY A 327 1.48 36.06 15.18
C GLY A 327 2.59 35.17 15.69
N TRP A 328 2.28 33.90 15.90
CA TRP A 328 3.28 32.97 16.39
C TRP A 328 4.49 32.91 15.46
N ALA A 329 5.64 32.60 16.03
CA ALA A 329 6.87 32.49 15.25
C ALA A 329 7.81 31.49 15.92
N LEU A 330 8.29 30.54 15.13
CA LEU A 330 9.21 29.52 15.61
C LEU A 330 10.35 30.13 16.41
N LYS A 331 10.86 31.25 15.91
CA LYS A 331 11.98 31.93 16.54
C LYS A 331 11.57 32.93 17.63
N TYR A 332 10.57 33.75 17.35
CA TYR A 332 10.10 34.78 18.29
C TYR A 332 9.68 34.32 19.68
N THR A 333 9.40 35.30 20.53
CA THR A 333 8.99 35.07 21.91
C THR A 333 7.49 35.30 22.05
N GLU A 334 6.95 34.99 23.23
CA GLU A 334 5.54 35.19 23.49
C GLU A 334 5.36 36.71 23.53
N PRO A 335 4.27 37.22 22.93
CA PRO A 335 4.00 38.67 22.91
C PRO A 335 3.96 39.40 24.26
N TRP A 336 3.54 38.71 25.31
CA TRP A 336 3.46 39.34 26.64
C TRP A 336 4.68 39.03 27.50
N GLU A 337 5.73 38.52 26.87
CA GLU A 337 6.97 38.18 27.55
C GLU A 337 8.04 39.22 27.24
N ASP A 338 8.98 39.39 28.18
CA ASP A 338 10.07 40.34 28.02
C ASP A 338 9.56 41.78 27.97
N GLU B 13 -31.39 -63.27 9.58
CA GLU B 13 -32.49 -62.26 9.57
C GLU B 13 -31.93 -60.86 9.40
N GLY B 14 -30.96 -60.52 10.26
CA GLY B 14 -30.31 -59.22 10.21
C GLY B 14 -31.25 -58.03 10.32
N ARG B 15 -32.12 -58.05 11.34
CA ARG B 15 -33.05 -56.95 11.55
C ARG B 15 -32.41 -55.89 12.43
N HIS B 16 -32.54 -54.64 12.03
CA HIS B 16 -31.96 -53.55 12.81
C HIS B 16 -32.34 -52.18 12.27
N MET B 17 -32.20 -51.18 13.14
CA MET B 17 -32.49 -49.80 12.79
C MET B 17 -31.27 -49.24 12.04
N ALA B 18 -31.50 -48.55 10.92
CA ALA B 18 -30.42 -47.99 10.13
C ALA B 18 -29.46 -47.13 10.98
N VAL B 19 -29.96 -46.01 11.50
CA VAL B 19 -29.13 -45.14 12.34
C VAL B 19 -29.32 -45.51 13.80
N VAL B 20 -28.21 -45.67 14.52
CA VAL B 20 -28.29 -46.06 15.93
C VAL B 20 -28.81 -44.96 16.85
N LYS B 21 -29.52 -45.39 17.88
CA LYS B 21 -30.11 -44.48 18.87
C LYS B 21 -29.17 -43.43 19.45
N GLU B 22 -27.91 -43.82 19.70
CA GLU B 22 -26.92 -42.90 20.27
C GLU B 22 -26.71 -41.67 19.38
N VAL B 23 -26.72 -41.90 18.07
CA VAL B 23 -26.54 -40.84 17.08
C VAL B 23 -27.69 -39.84 17.11
N LEU B 24 -28.91 -40.37 17.18
CA LEU B 24 -30.10 -39.52 17.21
C LEU B 24 -30.16 -38.75 18.51
N GLU B 25 -29.60 -39.35 19.55
CA GLU B 25 -29.56 -38.77 20.87
C GLU B 25 -28.54 -37.62 20.93
N ILE B 26 -27.34 -37.88 20.40
CA ILE B 26 -26.30 -36.86 20.37
C ILE B 26 -26.74 -35.71 19.49
N ALA B 27 -27.35 -36.04 18.34
CA ALA B 27 -27.82 -35.02 17.40
C ALA B 27 -28.87 -34.15 18.08
N GLU B 28 -29.69 -34.78 18.92
CA GLU B 28 -30.74 -34.07 19.66
C GLU B 28 -30.13 -32.97 20.52
N LYS B 29 -29.20 -33.36 21.37
CA LYS B 29 -28.53 -32.42 22.27
C LYS B 29 -27.84 -31.27 21.53
N ILE B 30 -27.35 -31.54 20.33
CA ILE B 30 -26.70 -30.48 19.55
C ILE B 30 -27.78 -29.58 18.97
N LYS B 31 -28.91 -30.18 18.63
CA LYS B 31 -30.03 -29.43 18.08
C LYS B 31 -30.67 -28.56 19.16
N ASN B 32 -30.83 -29.12 20.35
CA ASN B 32 -31.44 -28.41 21.46
C ASN B 32 -30.43 -27.50 22.15
N MET B 33 -29.19 -27.55 21.65
CA MET B 33 -28.11 -26.73 22.18
C MET B 33 -27.62 -27.19 23.55
N GLU B 34 -28.02 -28.37 23.97
CA GLU B 34 -27.59 -28.89 25.27
C GLU B 34 -26.07 -29.03 25.22
N ILE B 35 -25.54 -29.17 24.01
CA ILE B 35 -24.09 -29.27 23.80
C ILE B 35 -23.68 -28.01 23.05
N ARG B 36 -22.68 -27.31 23.57
CA ARG B 36 -22.20 -26.06 22.98
C ARG B 36 -20.68 -25.95 22.96
N GLY B 37 -20.17 -25.13 22.05
CA GLY B 37 -18.73 -24.92 21.92
C GLY B 37 -18.20 -25.60 20.67
N ALA B 38 -17.33 -24.92 19.93
CA ALA B 38 -16.78 -25.48 18.70
C ALA B 38 -16.19 -26.86 18.96
N GLY B 39 -15.42 -26.98 20.05
CA GLY B 39 -14.78 -28.25 20.38
C GLY B 39 -15.71 -29.38 20.80
N LYS B 40 -16.58 -29.12 21.76
CA LYS B 40 -17.51 -30.13 22.26
C LYS B 40 -18.45 -30.65 21.16
N ILE B 41 -18.97 -29.75 20.35
CA ILE B 41 -19.86 -30.14 19.28
C ILE B 41 -19.14 -31.02 18.28
N ALA B 42 -17.99 -30.55 17.81
CA ALA B 42 -17.19 -31.29 16.84
C ALA B 42 -16.82 -32.66 17.42
N ARG B 43 -16.54 -32.69 18.72
CA ARG B 43 -16.19 -33.93 19.40
C ARG B 43 -17.38 -34.87 19.48
N SER B 44 -18.55 -34.33 19.82
CA SER B 44 -19.77 -35.13 19.92
C SER B 44 -20.24 -35.67 18.57
N ALA B 45 -20.11 -34.87 17.52
CA ALA B 45 -20.53 -35.31 16.20
C ALA B 45 -19.61 -36.46 15.75
N ALA B 46 -18.31 -36.30 15.97
CA ALA B 46 -17.35 -37.32 15.59
C ALA B 46 -17.61 -38.61 16.38
N TYR B 47 -17.90 -38.46 17.67
CA TYR B 47 -18.17 -39.60 18.53
C TYR B 47 -19.42 -40.35 18.07
N ALA B 48 -20.42 -39.61 17.61
CA ALA B 48 -21.65 -40.23 17.12
C ALA B 48 -21.29 -41.17 15.94
N LEU B 49 -20.55 -40.65 14.97
CA LEU B 49 -20.14 -41.46 13.83
C LEU B 49 -19.32 -42.67 14.28
N GLN B 50 -18.59 -42.51 15.38
CA GLN B 50 -17.80 -43.61 15.93
C GLN B 50 -18.74 -44.69 16.45
N LEU B 51 -19.70 -44.29 17.26
CA LEU B 51 -20.67 -45.21 17.83
C LEU B 51 -21.47 -45.92 16.74
N GLN B 52 -21.86 -45.17 15.71
CA GLN B 52 -22.61 -45.76 14.60
C GLN B 52 -21.75 -46.87 14.01
N ALA B 53 -20.48 -46.57 13.77
CA ALA B 53 -19.56 -47.54 13.21
C ALA B 53 -19.30 -48.69 14.19
N GLU B 54 -19.35 -48.41 15.48
CA GLU B 54 -19.10 -49.45 16.48
C GLU B 54 -20.31 -50.32 16.74
N LYS B 55 -21.51 -49.80 16.51
CA LYS B 55 -22.72 -50.55 16.80
C LYS B 55 -23.61 -50.94 15.62
N SER B 56 -23.18 -50.60 14.41
CA SER B 56 -23.96 -50.94 13.21
C SER B 56 -24.27 -52.43 13.17
N LYS B 57 -25.50 -52.77 12.82
CA LYS B 57 -25.90 -54.17 12.74
C LYS B 57 -25.92 -54.62 11.27
N ALA B 58 -25.25 -53.84 10.42
CA ALA B 58 -25.20 -54.15 9.00
C ALA B 58 -24.41 -55.44 8.75
N THR B 59 -24.66 -56.07 7.61
CA THR B 59 -23.97 -57.31 7.28
C THR B 59 -23.15 -57.26 5.99
N ASN B 60 -23.10 -56.08 5.36
CA ASN B 60 -22.31 -55.90 4.13
C ASN B 60 -21.84 -54.45 4.02
N VAL B 61 -20.59 -54.28 3.60
CA VAL B 61 -20.00 -52.95 3.46
C VAL B 61 -20.91 -51.89 2.82
N ASP B 62 -21.69 -52.27 1.82
CA ASP B 62 -22.57 -51.32 1.15
C ASP B 62 -23.69 -50.76 2.02
N GLU B 63 -24.36 -51.64 2.77
CA GLU B 63 -25.45 -51.23 3.64
C GLU B 63 -24.87 -50.36 4.76
N PHE B 64 -23.73 -50.79 5.27
CA PHE B 64 -23.04 -50.08 6.33
C PHE B 64 -22.72 -48.65 5.89
N TRP B 65 -22.10 -48.54 4.72
CA TRP B 65 -21.72 -47.24 4.19
C TRP B 65 -22.94 -46.36 4.03
N LYS B 66 -24.05 -46.98 3.62
CA LYS B 66 -25.30 -46.26 3.42
C LYS B 66 -25.84 -45.70 4.74
N GLU B 67 -25.77 -46.52 5.80
CA GLU B 67 -26.25 -46.11 7.11
C GLU B 67 -25.34 -45.02 7.67
N MET B 68 -24.06 -45.14 7.37
CA MET B 68 -23.05 -44.18 7.80
C MET B 68 -23.40 -42.80 7.21
N LYS B 69 -23.77 -42.79 5.93
CA LYS B 69 -24.14 -41.54 5.29
C LYS B 69 -25.43 -40.97 5.85
N GLN B 70 -26.30 -41.85 6.34
CA GLN B 70 -27.56 -41.42 6.91
C GLN B 70 -27.28 -40.75 8.25
N ALA B 71 -26.41 -41.38 9.03
CA ALA B 71 -26.02 -40.87 10.33
C ALA B 71 -25.46 -39.46 10.20
N ALA B 72 -24.49 -39.30 9.31
CA ALA B 72 -23.86 -38.00 9.10
C ALA B 72 -24.86 -36.95 8.63
N LYS B 73 -25.76 -37.32 7.73
CA LYS B 73 -26.75 -36.39 7.21
C LYS B 73 -27.68 -35.85 8.31
N ILE B 74 -28.03 -36.70 9.26
CA ILE B 74 -28.87 -36.28 10.38
C ILE B 74 -28.10 -35.27 11.22
N LEU B 75 -26.84 -35.60 11.51
CA LEU B 75 -25.99 -34.73 12.31
C LEU B 75 -25.71 -33.40 11.61
N PHE B 76 -25.43 -33.46 10.32
CA PHE B 76 -25.15 -32.25 9.55
C PHE B 76 -26.32 -31.28 9.58
N GLU B 77 -27.52 -31.82 9.70
CA GLU B 77 -28.71 -30.98 9.68
C GLU B 77 -29.16 -30.44 11.02
N THR B 78 -28.52 -30.86 12.11
CA THR B 78 -28.90 -30.36 13.42
C THR B 78 -28.67 -28.85 13.52
N ARG B 79 -27.48 -28.39 13.12
CA ARG B 79 -27.17 -26.96 13.17
C ARG B 79 -26.32 -26.49 12.00
N PRO B 80 -26.97 -25.97 10.94
CA PRO B 80 -26.24 -25.49 9.77
C PRO B 80 -25.41 -24.23 10.09
N THR B 81 -25.60 -23.68 11.28
CA THR B 81 -24.87 -22.48 11.69
C THR B 81 -23.60 -22.82 12.48
N ALA B 82 -23.53 -24.02 13.04
CA ALA B 82 -22.37 -24.46 13.79
C ALA B 82 -21.27 -24.76 12.75
N VAL B 83 -20.12 -24.13 12.87
CA VAL B 83 -19.07 -24.34 11.87
C VAL B 83 -18.22 -25.59 12.06
N SER B 84 -17.96 -25.97 13.31
CA SER B 84 -17.14 -27.14 13.57
C SER B 84 -17.86 -28.45 13.27
N LEU B 85 -19.17 -28.45 13.39
CA LEU B 85 -19.99 -29.64 13.16
C LEU B 85 -19.72 -30.32 11.81
N PRO B 86 -19.93 -29.62 10.69
CA PRO B 86 -19.66 -30.30 9.42
C PRO B 86 -18.20 -30.76 9.22
N ASN B 87 -17.24 -30.05 9.81
CA ASN B 87 -15.85 -30.46 9.63
C ASN B 87 -15.54 -31.74 10.40
N ALA B 88 -16.22 -31.96 11.51
CA ALA B 88 -16.00 -33.19 12.25
C ALA B 88 -16.57 -34.29 11.35
N LEU B 89 -17.69 -33.99 10.71
CA LEU B 89 -18.32 -34.96 9.83
C LEU B 89 -17.47 -35.23 8.60
N ARG B 90 -16.89 -34.18 8.03
CA ARG B 90 -16.05 -34.34 6.85
C ARG B 90 -14.78 -35.15 7.20
N TYR B 91 -14.19 -34.85 8.34
CA TYR B 91 -12.98 -35.56 8.73
C TYR B 91 -13.17 -37.08 8.74
N VAL B 92 -14.23 -37.53 9.40
CA VAL B 92 -14.50 -38.96 9.49
C VAL B 92 -15.00 -39.54 8.17
N MET B 93 -15.99 -38.89 7.57
CA MET B 93 -16.57 -39.39 6.31
C MET B 93 -15.63 -39.39 5.11
N HIS B 94 -14.81 -38.35 4.97
CA HIS B 94 -13.89 -38.27 3.85
C HIS B 94 -12.99 -39.49 3.85
N ARG B 95 -12.52 -39.87 5.03
CA ARG B 95 -11.63 -41.01 5.16
C ARG B 95 -12.37 -42.32 4.99
N GLY B 96 -13.66 -42.29 5.28
CA GLY B 96 -14.45 -43.49 5.14
C GLY B 96 -14.78 -43.67 3.66
N LYS B 97 -15.08 -42.57 2.99
CA LYS B 97 -15.39 -42.58 1.56
C LYS B 97 -14.20 -43.14 0.77
N ILE B 98 -13.00 -42.85 1.24
CA ILE B 98 -11.80 -43.34 0.58
C ILE B 98 -11.66 -44.85 0.75
N ALA B 99 -11.68 -45.32 1.99
CA ALA B 99 -11.58 -46.74 2.26
C ALA B 99 -12.68 -47.48 1.49
N TYR B 100 -13.89 -46.94 1.55
CA TYR B 100 -15.03 -47.53 0.86
C TYR B 100 -14.83 -47.69 -0.64
N SER B 101 -14.55 -46.57 -1.31
CA SER B 101 -14.35 -46.59 -2.75
C SER B 101 -13.19 -47.48 -3.17
N SER B 102 -12.21 -47.66 -2.28
CA SER B 102 -11.05 -48.49 -2.58
C SER B 102 -11.34 -50.00 -2.42
N GLY B 103 -12.62 -50.33 -2.31
CA GLY B 103 -13.02 -51.72 -2.19
C GLY B 103 -12.79 -52.43 -0.87
N ALA B 104 -12.76 -51.69 0.23
CA ALA B 104 -12.55 -52.29 1.56
C ALA B 104 -13.81 -53.06 1.97
N ASP B 105 -13.64 -54.08 2.80
CA ASP B 105 -14.80 -54.86 3.26
C ASP B 105 -15.34 -54.31 4.58
N LEU B 106 -16.50 -54.78 4.99
CA LEU B 106 -17.13 -54.29 6.22
C LEU B 106 -16.13 -54.05 7.35
N GLU B 107 -15.39 -55.09 7.71
CA GLU B 107 -14.40 -55.00 8.77
C GLU B 107 -13.48 -53.80 8.56
N GLN B 108 -12.75 -53.79 7.46
CA GLN B 108 -11.82 -52.71 7.14
C GLN B 108 -12.47 -51.33 7.21
N LEU B 109 -13.66 -51.20 6.64
CA LEU B 109 -14.35 -49.92 6.63
C LEU B 109 -14.73 -49.47 8.04
N ARG B 110 -15.27 -50.38 8.85
CA ARG B 110 -15.64 -50.03 10.22
C ARG B 110 -14.42 -49.50 10.96
N PHE B 111 -13.30 -50.21 10.82
CA PHE B 111 -12.05 -49.81 11.47
C PHE B 111 -11.59 -48.43 11.07
N VAL B 112 -11.58 -48.17 9.75
CA VAL B 112 -11.15 -46.87 9.25
C VAL B 112 -11.98 -45.75 9.87
N ILE B 113 -13.30 -45.90 9.87
CA ILE B 113 -14.19 -44.90 10.43
C ILE B 113 -13.97 -44.73 11.95
N ILE B 114 -14.05 -45.83 12.68
CA ILE B 114 -13.84 -45.78 14.12
C ILE B 114 -12.51 -45.14 14.45
N ASN B 115 -11.48 -45.49 13.69
CA ASN B 115 -10.15 -44.95 13.94
C ASN B 115 -10.07 -43.45 13.65
N ALA B 116 -10.70 -43.02 12.56
CA ALA B 116 -10.69 -41.61 12.20
C ALA B 116 -11.32 -40.75 13.31
N ALA B 117 -12.51 -41.17 13.76
CA ALA B 117 -13.23 -40.46 14.81
C ALA B 117 -12.43 -40.37 16.10
N LYS B 118 -11.80 -41.47 16.48
CA LYS B 118 -10.98 -41.47 17.69
C LYS B 118 -9.88 -40.45 17.51
N GLU B 119 -9.26 -40.49 16.34
CA GLU B 119 -8.18 -39.59 16.01
C GLU B 119 -8.65 -38.14 16.09
N PHE B 120 -9.81 -37.85 15.51
CA PHE B 120 -10.36 -36.49 15.52
C PHE B 120 -10.66 -36.00 16.93
N ILE B 121 -11.25 -36.86 17.73
CA ILE B 121 -11.61 -36.51 19.09
C ILE B 121 -10.38 -36.27 19.97
N HIS B 122 -9.36 -37.09 19.77
CA HIS B 122 -8.14 -36.94 20.55
C HIS B 122 -7.47 -35.62 20.23
N ASN B 123 -7.34 -35.34 18.94
CA ASN B 123 -6.72 -34.11 18.46
C ASN B 123 -7.48 -32.90 18.96
N SER B 124 -8.80 -33.01 19.03
CA SER B 124 -9.61 -31.89 19.49
C SER B 124 -9.40 -31.70 20.98
N GLU B 125 -9.39 -32.80 21.72
CA GLU B 125 -9.17 -32.73 23.15
C GLU B 125 -7.84 -32.08 23.49
N LYS B 126 -6.84 -32.24 22.62
CA LYS B 126 -5.51 -31.66 22.82
C LYS B 126 -5.30 -30.35 22.07
N ALA B 127 -6.31 -29.91 21.32
CA ALA B 127 -6.17 -28.70 20.51
C ALA B 127 -5.79 -27.42 21.24
N LEU B 128 -6.45 -27.12 22.36
CA LEU B 128 -6.13 -25.89 23.11
C LEU B 128 -4.71 -25.90 23.64
N GLU B 129 -4.33 -27.02 24.25
CA GLU B 129 -2.98 -27.14 24.78
C GLU B 129 -1.96 -26.95 23.64
N ARG B 130 -2.19 -27.61 22.52
CA ARG B 130 -1.25 -27.51 21.41
C ARG B 130 -1.20 -26.12 20.75
N ILE B 131 -2.34 -25.46 20.67
CA ILE B 131 -2.38 -24.12 20.11
C ILE B 131 -1.59 -23.24 21.07
N GLY B 132 -1.75 -23.52 22.36
CA GLY B 132 -1.05 -22.77 23.39
C GLY B 132 0.44 -22.83 23.19
N GLU B 133 0.95 -24.04 22.91
CA GLU B 133 2.38 -24.22 22.68
C GLU B 133 2.86 -23.60 21.39
N PHE B 134 2.10 -23.73 20.32
CA PHE B 134 2.52 -23.16 19.04
C PHE B 134 2.53 -21.64 19.10
N GLY B 135 1.56 -21.08 19.82
CA GLY B 135 1.48 -19.64 19.94
C GLY B 135 2.61 -19.09 20.79
N ALA B 136 2.92 -19.80 21.88
CA ALA B 136 3.99 -19.39 22.78
C ALA B 136 5.38 -19.33 22.12
N LYS B 137 5.64 -20.18 21.14
CA LYS B 137 6.95 -20.18 20.47
C LYS B 137 7.26 -18.77 19.97
N ARG B 138 6.22 -18.02 19.68
CA ARG B 138 6.37 -16.68 19.16
C ARG B 138 6.27 -15.55 20.20
N ILE B 139 6.08 -15.91 21.46
CA ILE B 139 6.00 -14.92 22.52
C ILE B 139 7.35 -14.84 23.23
N GLU B 140 7.82 -13.63 23.49
CA GLU B 140 9.10 -13.44 24.15
C GLU B 140 8.91 -12.89 25.55
N ASP B 141 9.89 -13.13 26.41
CA ASP B 141 9.84 -12.64 27.78
C ASP B 141 9.75 -11.12 27.68
N GLY B 142 8.90 -10.52 28.50
CA GLY B 142 8.75 -9.07 28.49
C GLY B 142 7.75 -8.54 27.48
N ASP B 143 7.10 -9.43 26.75
CA ASP B 143 6.13 -9.04 25.72
C ASP B 143 4.83 -8.44 26.21
N VAL B 144 4.41 -7.39 25.52
CA VAL B 144 3.13 -6.75 25.83
C VAL B 144 2.17 -7.27 24.73
N ILE B 145 1.17 -8.01 25.16
CA ILE B 145 0.21 -8.61 24.24
C ILE B 145 -1.17 -7.99 24.32
N MET B 146 -1.74 -7.64 23.17
CA MET B 146 -3.08 -7.07 23.15
C MET B 146 -4.04 -8.12 22.62
N THR B 147 -5.20 -8.23 23.26
CA THR B 147 -6.19 -9.22 22.83
C THR B 147 -7.59 -8.60 22.72
N HIS B 148 -8.55 -9.40 22.30
CA HIS B 148 -9.92 -8.95 22.13
C HIS B 148 -10.90 -10.08 22.44
N CYS B 149 -12.10 -9.70 22.87
CA CYS B 149 -13.12 -10.65 23.25
C CYS B 149 -12.57 -11.59 24.32
N HIS B 150 -13.05 -12.82 24.32
CA HIS B 150 -12.64 -13.83 25.29
C HIS B 150 -12.47 -15.14 24.54
N SER B 151 -11.26 -15.38 24.05
CA SER B 151 -10.96 -16.58 23.28
C SER B 151 -10.12 -17.56 24.08
N LYS B 152 -10.64 -18.77 24.25
CA LYS B 152 -9.92 -19.80 24.98
C LYS B 152 -8.59 -20.12 24.31
N ALA B 153 -8.59 -20.17 22.98
CA ALA B 153 -7.39 -20.48 22.24
C ALA B 153 -6.36 -19.39 22.47
N ALA B 154 -6.77 -18.14 22.33
CA ALA B 154 -5.88 -17.01 22.54
C ALA B 154 -5.40 -16.98 23.99
N ILE B 155 -6.32 -17.13 24.92
CA ILE B 155 -5.95 -17.13 26.33
C ILE B 155 -4.96 -18.26 26.60
N SER B 156 -5.13 -19.39 25.91
CA SER B 156 -4.23 -20.53 26.07
C SER B 156 -2.79 -20.16 25.68
N VAL B 157 -2.64 -19.44 24.58
CA VAL B 157 -1.32 -19.00 24.12
C VAL B 157 -0.68 -18.12 25.22
N MET B 158 -1.48 -17.27 25.84
CA MET B 158 -0.99 -16.38 26.88
C MET B 158 -0.66 -17.11 28.17
N LYS B 159 -1.52 -18.02 28.62
CA LYS B 159 -1.24 -18.74 29.84
C LYS B 159 -0.04 -19.66 29.64
N THR B 160 0.08 -20.23 28.45
CA THR B 160 1.20 -21.13 28.17
C THR B 160 2.54 -20.39 28.20
N ALA B 161 2.60 -19.22 27.58
CA ALA B 161 3.84 -18.43 27.55
C ALA B 161 4.21 -17.99 28.97
N TRP B 162 3.19 -17.58 29.74
CA TRP B 162 3.39 -17.15 31.11
C TRP B 162 3.93 -18.30 31.95
N GLU B 163 3.50 -19.52 31.61
CA GLU B 163 3.92 -20.72 32.33
C GLU B 163 5.30 -21.23 31.90
N GLN B 164 5.80 -20.76 30.77
CA GLN B 164 7.11 -21.18 30.30
C GLN B 164 8.15 -20.25 30.94
N GLY B 165 7.69 -19.42 31.87
CA GLY B 165 8.58 -18.48 32.54
C GLY B 165 8.74 -17.14 31.84
N LYS B 166 7.91 -16.87 30.86
CA LYS B 166 7.98 -15.60 30.12
C LYS B 166 7.05 -14.57 30.74
N ASP B 167 7.63 -13.47 31.24
CA ASP B 167 6.83 -12.42 31.83
C ASP B 167 6.15 -11.65 30.71
N ILE B 168 4.83 -11.53 30.78
CA ILE B 168 4.08 -10.81 29.76
C ILE B 168 3.02 -9.98 30.45
N LYS B 169 2.61 -8.90 29.79
CA LYS B 169 1.55 -8.06 30.30
C LYS B 169 0.51 -8.12 29.20
N VAL B 170 -0.76 -8.20 29.56
CA VAL B 170 -1.80 -8.28 28.56
C VAL B 170 -2.71 -7.08 28.58
N ILE B 171 -2.80 -6.38 27.45
CA ILE B 171 -3.70 -5.24 27.32
C ILE B 171 -5.01 -5.88 26.85
N VAL B 172 -6.01 -5.83 27.71
CA VAL B 172 -7.29 -6.42 27.40
C VAL B 172 -8.30 -5.36 26.95
N THR B 173 -8.80 -5.47 25.72
CA THR B 173 -9.78 -4.52 25.24
C THR B 173 -11.17 -4.94 25.74
N GLU B 174 -11.90 -3.94 26.22
CA GLU B 174 -13.25 -4.08 26.76
C GLU B 174 -14.19 -5.01 25.99
N THR B 175 -14.16 -4.92 24.66
CA THR B 175 -15.00 -5.71 23.78
C THR B 175 -16.50 -5.53 23.97
N ARG B 176 -17.00 -4.32 23.68
CA ARG B 176 -18.42 -4.04 23.76
C ARG B 176 -19.11 -4.79 22.59
N PRO B 177 -20.44 -4.94 22.65
CA PRO B 177 -21.31 -4.47 23.73
C PRO B 177 -21.38 -5.41 24.95
N LYS B 178 -21.17 -6.71 24.74
CA LYS B 178 -21.28 -7.69 25.83
C LYS B 178 -20.17 -7.77 26.87
N TRP B 179 -19.19 -6.87 26.78
CA TRP B 179 -18.08 -6.80 27.75
C TRP B 179 -17.23 -8.05 27.98
N GLN B 180 -16.97 -8.85 26.95
CA GLN B 180 -16.15 -10.05 27.17
C GLN B 180 -14.73 -9.76 27.72
N GLY B 181 -14.27 -8.52 27.60
CA GLY B 181 -12.96 -8.18 28.11
C GLY B 181 -12.86 -8.36 29.63
N LYS B 182 -13.94 -8.05 30.33
CA LYS B 182 -13.96 -8.18 31.79
C LYS B 182 -13.71 -9.62 32.18
N ILE B 183 -14.30 -10.55 31.43
CA ILE B 183 -14.12 -11.96 31.68
C ILE B 183 -12.66 -12.32 31.44
N THR B 184 -12.13 -11.84 30.33
CA THR B 184 -10.74 -12.11 29.97
C THR B 184 -9.76 -11.51 30.98
N ALA B 185 -10.03 -10.27 31.40
CA ALA B 185 -9.17 -9.58 32.37
C ALA B 185 -9.13 -10.35 33.70
N LYS B 186 -10.28 -10.63 34.28
CA LYS B 186 -10.31 -11.36 35.55
C LYS B 186 -9.62 -12.71 35.42
N GLU B 187 -9.93 -13.45 34.36
CA GLU B 187 -9.31 -14.76 34.14
C GLU B 187 -7.79 -14.68 34.04
N LEU B 188 -7.27 -13.77 33.22
CA LEU B 188 -5.82 -13.66 33.10
C LEU B 188 -5.24 -13.22 34.44
N ALA B 189 -5.87 -12.22 35.05
CA ALA B 189 -5.42 -11.73 36.36
C ALA B 189 -5.32 -12.90 37.34
N SER B 190 -6.30 -13.80 37.29
CA SER B 190 -6.35 -14.96 38.17
C SER B 190 -5.16 -15.91 38.00
N TYR B 191 -4.68 -16.11 36.77
CA TYR B 191 -3.54 -17.01 36.58
C TYR B 191 -2.28 -16.31 37.06
N GLY B 192 -2.41 -15.05 37.46
CA GLY B 192 -1.27 -14.29 37.93
C GLY B 192 -0.66 -13.42 36.84
N ILE B 193 -1.39 -13.20 35.76
CA ILE B 193 -0.90 -12.39 34.66
C ILE B 193 -1.34 -10.93 34.83
N PRO B 194 -0.39 -9.98 34.72
CA PRO B 194 -0.72 -8.56 34.87
C PRO B 194 -1.56 -8.05 33.68
N VAL B 195 -2.65 -7.36 33.99
CA VAL B 195 -3.56 -6.88 32.96
C VAL B 195 -3.86 -5.38 32.97
N ILE B 196 -3.94 -4.82 31.78
CA ILE B 196 -4.28 -3.42 31.58
C ILE B 196 -5.61 -3.45 30.85
N TYR B 197 -6.69 -3.09 31.54
CA TYR B 197 -8.02 -3.07 30.94
C TYR B 197 -8.16 -1.73 30.22
N VAL B 198 -8.72 -1.78 29.02
CA VAL B 198 -8.83 -0.58 28.21
C VAL B 198 -10.10 -0.59 27.37
N VAL B 199 -10.58 0.59 27.00
CA VAL B 199 -11.77 0.69 26.16
C VAL B 199 -11.36 0.33 24.72
N ASP B 200 -12.26 -0.27 23.95
CA ASP B 200 -11.94 -0.67 22.56
C ASP B 200 -11.31 0.45 21.73
N SER B 201 -11.81 1.67 21.93
CA SER B 201 -11.34 2.85 21.24
C SER B 201 -9.85 3.15 21.42
N ALA B 202 -9.25 2.56 22.45
CA ALA B 202 -7.84 2.83 22.73
C ALA B 202 -6.84 1.92 22.04
N ALA B 203 -7.34 1.02 21.20
CA ALA B 203 -6.49 0.07 20.50
C ALA B 203 -5.29 0.69 19.81
N ARG B 204 -5.51 1.69 18.96
CA ARG B 204 -4.41 2.34 18.26
C ARG B 204 -3.46 3.07 19.20
N HIS B 205 -4.01 3.86 20.11
CA HIS B 205 -3.20 4.59 21.07
C HIS B 205 -2.19 3.68 21.81
N TYR B 206 -2.59 2.44 22.11
CA TYR B 206 -1.69 1.54 22.80
C TYR B 206 -1.02 0.49 21.92
N MET B 207 -1.19 0.61 20.61
CA MET B 207 -0.58 -0.35 19.70
C MET B 207 0.90 -0.05 19.60
N LYS B 208 1.29 1.17 19.96
CA LYS B 208 2.68 1.58 19.89
C LYS B 208 3.53 0.96 21.00
N MET B 209 2.88 0.51 22.08
CA MET B 209 3.61 -0.15 23.16
C MET B 209 3.27 -1.64 23.19
N THR B 210 2.70 -2.13 22.10
CA THR B 210 2.32 -3.54 22.00
C THR B 210 3.32 -4.30 21.14
N ASP B 211 3.65 -5.51 21.56
CA ASP B 211 4.60 -6.35 20.83
C ASP B 211 3.92 -7.38 19.99
N LYS B 212 2.80 -7.89 20.49
CA LYS B 212 2.05 -8.93 19.81
C LYS B 212 0.54 -8.78 19.98
N VAL B 213 -0.18 -9.16 18.93
CA VAL B 213 -1.61 -9.15 19.02
C VAL B 213 -2.04 -10.61 18.88
N VAL B 214 -2.75 -11.12 19.88
CA VAL B 214 -3.23 -12.49 19.82
C VAL B 214 -4.72 -12.49 20.07
N MET B 215 -5.48 -12.93 19.08
CA MET B 215 -6.92 -12.96 19.21
C MET B 215 -7.41 -14.32 18.72
N GLY B 216 -8.68 -14.62 18.97
CA GLY B 216 -9.24 -15.89 18.54
C GLY B 216 -9.99 -15.73 17.24
N ALA B 217 -10.87 -16.68 16.94
CA ALA B 217 -11.67 -16.64 15.73
C ALA B 217 -12.96 -17.43 15.87
N ASP B 218 -14.01 -16.99 15.20
CA ASP B 218 -15.26 -17.72 15.23
C ASP B 218 -15.15 -18.71 14.08
N SER B 219 -14.55 -18.26 12.97
CA SER B 219 -14.32 -19.10 11.81
C SER B 219 -13.32 -18.44 10.84
N ILE B 220 -12.67 -19.26 10.03
CA ILE B 220 -11.69 -18.81 9.05
C ILE B 220 -12.23 -19.12 7.66
N THR B 221 -12.17 -18.17 6.74
CA THR B 221 -12.67 -18.36 5.38
C THR B 221 -11.67 -19.03 4.47
N VAL B 222 -12.09 -19.44 3.27
CA VAL B 222 -11.20 -20.08 2.29
C VAL B 222 -10.01 -19.20 1.95
N ASN B 223 -10.20 -17.88 2.03
CA ASN B 223 -9.14 -16.93 1.72
C ASN B 223 -8.26 -16.69 2.94
N GLY B 224 -8.65 -17.28 4.06
CA GLY B 224 -7.88 -17.07 5.28
C GLY B 224 -8.35 -15.83 6.02
N ALA B 225 -9.49 -15.27 5.62
CA ALA B 225 -10.03 -14.10 6.32
C ALA B 225 -10.51 -14.59 7.68
N VAL B 226 -10.56 -13.71 8.67
CA VAL B 226 -10.97 -14.11 10.00
C VAL B 226 -12.30 -13.53 10.48
N ILE B 227 -13.24 -14.42 10.83
CA ILE B 227 -14.53 -13.96 11.33
C ILE B 227 -14.46 -14.03 12.85
N ASN B 228 -14.61 -12.87 13.48
CA ASN B 228 -14.52 -12.79 14.91
C ASN B 228 -15.38 -11.61 15.41
N LYS B 229 -15.49 -11.47 16.72
CA LYS B 229 -16.27 -10.41 17.35
C LYS B 229 -15.97 -9.00 16.81
N ILE B 230 -17.04 -8.22 16.61
CA ILE B 230 -16.93 -6.86 16.09
C ILE B 230 -15.76 -6.13 16.77
N GLY B 231 -14.93 -5.46 15.96
CA GLY B 231 -13.77 -4.76 16.49
C GLY B 231 -12.45 -5.46 16.23
N THR B 232 -12.47 -6.76 15.98
CA THR B 232 -11.27 -7.53 15.71
C THR B 232 -10.50 -7.00 14.51
N ALA B 233 -11.22 -6.70 13.44
CA ALA B 233 -10.63 -6.20 12.20
C ALA B 233 -9.97 -4.84 12.41
N LEU B 234 -10.59 -4.00 13.24
CA LEU B 234 -10.07 -2.68 13.52
C LEU B 234 -8.71 -2.83 14.20
N ILE B 235 -8.68 -3.66 15.24
CA ILE B 235 -7.43 -3.87 15.97
C ILE B 235 -6.36 -4.37 15.00
N ALA B 236 -6.67 -5.39 14.21
CA ALA B 236 -5.73 -5.95 13.26
C ALA B 236 -5.23 -4.89 12.27
N LEU B 237 -6.14 -4.00 11.84
CA LEU B 237 -5.79 -2.94 10.89
C LEU B 237 -4.68 -2.07 11.52
N THR B 238 -4.90 -1.60 12.74
CA THR B 238 -3.90 -0.76 13.40
C THR B 238 -2.64 -1.55 13.81
N ALA B 239 -2.74 -2.87 13.92
CA ALA B 239 -1.56 -3.68 14.22
C ALA B 239 -0.68 -3.69 12.97
N LYS B 240 -1.32 -3.83 11.81
CA LYS B 240 -0.63 -3.85 10.53
C LYS B 240 0.05 -2.50 10.34
N GLU B 241 -0.72 -1.44 10.56
CA GLU B 241 -0.24 -0.06 10.46
C GLU B 241 1.06 0.08 11.26
N HIS B 242 1.17 -0.65 12.37
CA HIS B 242 2.34 -0.58 13.24
C HIS B 242 3.33 -1.75 13.15
N ARG B 243 3.01 -2.75 12.34
CA ARG B 243 3.88 -3.92 12.20
C ARG B 243 4.02 -4.73 13.47
N VAL B 244 2.95 -4.78 14.26
CA VAL B 244 2.97 -5.58 15.47
C VAL B 244 2.59 -6.97 15.01
N TRP B 245 3.41 -7.96 15.36
CA TRP B 245 3.12 -9.34 14.97
C TRP B 245 1.71 -9.71 15.41
N THR B 246 0.88 -10.13 14.45
CA THR B 246 -0.50 -10.47 14.74
C THR B 246 -0.84 -11.94 14.52
N MET B 247 -1.32 -12.58 15.58
CA MET B 247 -1.66 -14.01 15.49
C MET B 247 -3.14 -14.28 15.82
N ILE B 248 -3.73 -15.20 15.08
CA ILE B 248 -5.10 -15.62 15.31
C ILE B 248 -5.02 -17.08 15.70
N ALA B 249 -5.50 -17.39 16.88
CA ALA B 249 -5.46 -18.74 17.39
C ALA B 249 -6.78 -19.44 17.03
N ALA B 250 -6.70 -20.50 16.24
CA ALA B 250 -7.91 -21.19 15.82
C ALA B 250 -7.72 -22.67 15.48
N GLU B 251 -8.66 -23.50 15.92
CA GLU B 251 -8.61 -24.93 15.65
C GLU B 251 -8.93 -25.16 14.17
N THR B 252 -8.36 -26.22 13.60
CA THR B 252 -8.59 -26.53 12.19
C THR B 252 -10.07 -26.64 11.82
N TYR B 253 -10.89 -27.19 12.71
CA TYR B 253 -12.32 -27.35 12.41
C TYR B 253 -13.11 -26.03 12.41
N LYS B 254 -12.39 -24.92 12.47
CA LYS B 254 -13.05 -23.62 12.40
C LYS B 254 -12.83 -23.05 11.00
N PHE B 255 -12.06 -23.77 10.17
CA PHE B 255 -11.78 -23.36 8.81
C PHE B 255 -13.00 -23.71 7.95
N HIS B 256 -13.42 -22.77 7.12
CA HIS B 256 -14.61 -22.93 6.29
C HIS B 256 -14.35 -22.78 4.80
N PRO B 257 -15.10 -23.53 3.97
CA PRO B 257 -14.93 -23.43 2.52
C PRO B 257 -15.56 -22.19 1.83
N GLU B 258 -16.33 -21.41 2.57
CA GLU B 258 -16.98 -20.21 2.00
C GLU B 258 -16.18 -18.91 2.16
N THR B 259 -16.72 -17.83 1.62
CA THR B 259 -16.08 -16.52 1.69
C THR B 259 -16.86 -15.58 2.61
N MET B 260 -16.21 -14.51 3.06
CA MET B 260 -16.81 -13.52 3.96
C MET B 260 -17.56 -14.15 5.14
N LEU B 261 -18.81 -13.77 5.35
CA LEU B 261 -19.56 -14.32 6.49
C LEU B 261 -19.96 -15.79 6.35
N GLY B 262 -20.26 -16.22 5.13
CA GLY B 262 -20.69 -17.60 4.94
C GLY B 262 -22.08 -17.75 5.54
N GLN B 263 -22.81 -16.64 5.60
CA GLN B 263 -24.16 -16.61 6.14
C GLN B 263 -24.84 -15.26 5.87
N GLU B 268 -24.53 -11.43 10.88
CA GLU B 268 -25.54 -11.73 11.88
C GLU B 268 -25.78 -10.51 12.77
N MET B 269 -27.02 -10.03 12.80
CA MET B 269 -27.34 -8.87 13.64
C MET B 269 -27.88 -9.35 14.99
N ARG B 270 -27.23 -8.96 16.08
CA ARG B 270 -27.72 -9.34 17.39
C ARG B 270 -28.70 -8.29 17.91
N ASP B 271 -29.32 -8.60 19.05
CA ASP B 271 -30.33 -7.75 19.69
C ASP B 271 -29.85 -6.38 20.16
N PRO B 272 -30.48 -5.31 19.65
CA PRO B 272 -30.18 -3.91 19.97
C PRO B 272 -30.02 -3.61 21.45
N THR B 273 -30.78 -4.32 22.28
CA THR B 273 -30.74 -4.12 23.72
C THR B 273 -29.44 -4.58 24.36
N GLU B 274 -28.60 -5.23 23.57
CA GLU B 274 -27.30 -5.66 24.08
C GLU B 274 -26.43 -4.40 24.22
N VAL B 275 -26.64 -3.45 23.32
CA VAL B 275 -25.92 -2.18 23.32
C VAL B 275 -26.59 -1.12 24.21
N ILE B 276 -27.88 -0.94 24.00
CA ILE B 276 -28.68 0.02 24.78
C ILE B 276 -29.79 -0.74 25.50
N PRO B 277 -29.68 -0.90 26.82
CA PRO B 277 -30.72 -1.62 27.57
C PRO B 277 -32.13 -1.14 27.24
N GLU B 278 -33.07 -2.09 27.21
CA GLU B 278 -34.46 -1.82 26.89
C GLU B 278 -35.07 -0.60 27.59
N ASP B 279 -34.96 -0.57 28.91
CA ASP B 279 -35.54 0.55 29.66
C ASP B 279 -35.06 1.90 29.20
N GLU B 280 -33.86 1.97 28.63
CA GLU B 280 -33.36 3.23 28.15
C GLU B 280 -33.75 3.44 26.69
N LEU B 281 -33.70 2.37 25.90
CA LEU B 281 -34.01 2.44 24.48
C LEU B 281 -35.47 2.76 24.17
N LYS B 282 -36.39 2.39 25.06
CA LYS B 282 -37.82 2.66 24.86
C LYS B 282 -38.04 4.17 24.95
N THR B 283 -36.99 4.84 25.43
CA THR B 283 -36.94 6.28 25.64
C THR B 283 -36.39 7.04 24.44
N TRP B 284 -35.79 6.31 23.50
CA TRP B 284 -35.20 6.93 22.32
C TRP B 284 -36.12 7.10 21.12
N PRO B 285 -35.97 8.21 20.40
CA PRO B 285 -36.84 8.38 19.23
C PRO B 285 -36.60 7.21 18.28
N LYS B 286 -37.66 6.76 17.63
CA LYS B 286 -37.61 5.65 16.70
C LYS B 286 -36.65 6.05 15.59
N ASN B 287 -36.38 7.34 15.55
CA ASN B 287 -35.48 7.96 14.58
C ASN B 287 -34.06 7.38 14.64
N ILE B 288 -33.69 6.78 15.79
CA ILE B 288 -32.36 6.18 15.99
C ILE B 288 -32.40 4.66 15.87
N GLU B 289 -31.62 4.10 14.96
CA GLU B 289 -31.58 2.65 14.82
C GLU B 289 -30.28 2.14 15.43
N VAL B 290 -30.39 1.25 16.40
CA VAL B 290 -29.23 0.69 17.07
C VAL B 290 -28.78 -0.54 16.28
N TRP B 291 -27.60 -0.50 15.68
CA TRP B 291 -27.09 -1.65 14.93
C TRP B 291 -26.03 -2.36 15.75
N ASN B 292 -26.26 -3.64 15.98
CA ASN B 292 -25.37 -4.45 16.78
C ASN B 292 -24.82 -5.67 16.01
N PRO B 293 -23.92 -5.44 15.06
CA PRO B 293 -23.38 -6.61 14.34
C PRO B 293 -22.54 -7.45 15.30
N ALA B 294 -22.63 -8.77 15.16
CA ALA B 294 -21.89 -9.69 16.01
C ALA B 294 -20.42 -9.77 15.62
N PHE B 295 -20.18 -9.89 14.32
CA PHE B 295 -18.83 -10.03 13.78
C PHE B 295 -18.40 -9.01 12.74
N ASP B 296 -17.11 -8.99 12.47
CA ASP B 296 -16.56 -8.17 11.40
C ASP B 296 -15.60 -9.12 10.72
N VAL B 297 -15.18 -8.80 9.51
CA VAL B 297 -14.30 -9.67 8.77
C VAL B 297 -12.91 -9.10 8.68
N THR B 298 -11.94 -9.86 9.17
CA THR B 298 -10.55 -9.41 9.11
C THR B 298 -9.88 -9.96 7.87
N PRO B 299 -9.37 -9.08 7.01
CA PRO B 299 -8.70 -9.50 5.78
C PRO B 299 -7.44 -10.32 6.13
N PRO B 300 -7.12 -11.32 5.31
CA PRO B 300 -5.93 -12.13 5.61
C PRO B 300 -4.62 -11.30 5.64
N GLU B 301 -4.57 -10.19 4.92
CA GLU B 301 -3.37 -9.34 4.90
C GLU B 301 -3.09 -8.59 6.21
N TYR B 302 -4.02 -8.64 7.16
CA TYR B 302 -3.77 -7.97 8.43
C TYR B 302 -3.45 -9.01 9.48
N VAL B 303 -3.29 -10.24 9.02
CA VAL B 303 -2.98 -11.35 9.90
C VAL B 303 -1.68 -12.03 9.48
N ASP B 304 -0.71 -12.07 10.39
CA ASP B 304 0.57 -12.71 10.11
C ASP B 304 0.48 -14.23 10.05
N VAL B 305 -0.09 -14.83 11.09
CA VAL B 305 -0.22 -16.28 11.15
C VAL B 305 -1.47 -16.73 11.89
N ILE B 306 -1.92 -17.93 11.57
CA ILE B 306 -3.07 -18.51 12.26
C ILE B 306 -2.46 -19.65 13.06
N ILE B 307 -2.74 -19.70 14.37
CA ILE B 307 -2.19 -20.77 15.21
C ILE B 307 -3.16 -21.95 15.32
N THR B 308 -2.81 -23.04 14.65
CA THR B 308 -3.60 -24.28 14.58
C THR B 308 -3.03 -25.37 15.53
N GLU B 309 -3.77 -26.46 15.74
CA GLU B 309 -3.30 -27.56 16.59
C GLU B 309 -2.19 -28.30 15.85
N ARG B 310 -2.18 -28.15 14.52
CA ARG B 310 -1.15 -28.79 13.72
C ARG B 310 -0.05 -27.79 13.36
N GLY B 311 -0.08 -26.62 14.00
CA GLY B 311 0.95 -25.63 13.74
C GLY B 311 0.58 -24.26 13.21
N ILE B 312 1.63 -23.48 12.97
CA ILE B 312 1.52 -22.12 12.48
C ILE B 312 1.52 -22.09 10.96
N ILE B 313 0.56 -21.38 10.38
CA ILE B 313 0.46 -21.29 8.94
C ILE B 313 0.10 -19.88 8.52
N PRO B 314 0.46 -19.51 7.29
CA PRO B 314 0.09 -18.15 6.86
C PRO B 314 -1.41 -18.22 6.53
N PRO B 315 -2.12 -17.08 6.59
CA PRO B 315 -3.56 -17.02 6.31
C PRO B 315 -4.00 -17.71 5.01
N TYR B 316 -3.23 -17.49 3.94
CA TYR B 316 -3.55 -18.04 2.63
C TYR B 316 -3.35 -19.55 2.49
N ALA B 317 -3.04 -20.22 3.59
CA ALA B 317 -2.84 -21.66 3.54
C ALA B 317 -4.08 -22.33 4.12
N ALA B 318 -5.08 -21.52 4.44
CA ALA B 318 -6.32 -22.01 4.99
C ALA B 318 -6.92 -23.07 4.07
N ILE B 319 -6.75 -22.87 2.77
CA ILE B 319 -7.29 -23.81 1.80
C ILE B 319 -6.54 -25.14 1.84
N ASP B 320 -5.27 -25.13 2.25
CA ASP B 320 -4.51 -26.37 2.38
C ASP B 320 -5.02 -27.18 3.58
N ILE B 321 -5.40 -26.48 4.65
CA ILE B 321 -5.92 -27.12 5.84
C ILE B 321 -7.25 -27.81 5.52
N LEU B 322 -8.08 -27.13 4.75
CA LEU B 322 -9.38 -27.65 4.38
C LEU B 322 -9.22 -28.95 3.60
N ARG B 323 -8.26 -28.95 2.67
CA ARG B 323 -7.98 -30.09 1.84
C ARG B 323 -7.40 -31.27 2.62
N GLU B 324 -6.27 -31.05 3.28
CA GLU B 324 -5.62 -32.10 4.03
C GLU B 324 -6.40 -32.66 5.21
N GLU B 325 -7.10 -31.80 5.94
CA GLU B 325 -7.85 -32.25 7.09
C GLU B 325 -9.24 -32.77 6.77
N PHE B 326 -9.96 -32.07 5.90
CA PHE B 326 -11.33 -32.46 5.60
C PHE B 326 -11.59 -32.88 4.16
N GLY B 327 -10.56 -33.42 3.51
CA GLY B 327 -10.69 -33.89 2.14
C GLY B 327 -11.49 -33.00 1.23
N TRP B 328 -11.51 -31.71 1.56
CA TRP B 328 -12.25 -30.73 0.78
C TRP B 328 -11.57 -30.45 -0.56
N ALA B 329 -12.38 -30.29 -1.59
CA ALA B 329 -11.90 -30.00 -2.94
C ALA B 329 -13.13 -29.45 -3.63
N LEU B 330 -12.97 -28.94 -4.84
CA LEU B 330 -14.13 -28.41 -5.54
C LEU B 330 -14.98 -29.52 -6.11
N LYS B 331 -15.84 -30.06 -5.26
CA LYS B 331 -16.76 -31.13 -5.62
C LYS B 331 -18.15 -30.55 -5.45
N TYR B 332 -19.17 -31.29 -5.87
CA TYR B 332 -20.54 -30.83 -5.76
C TYR B 332 -21.19 -31.42 -4.50
N THR B 333 -20.69 -32.58 -4.07
CA THR B 333 -21.23 -33.25 -2.91
C THR B 333 -20.26 -33.41 -1.75
N GLU B 334 -20.84 -33.58 -0.57
CA GLU B 334 -20.10 -33.79 0.65
C GLU B 334 -19.88 -35.29 0.69
N PRO B 335 -18.86 -35.76 1.43
CA PRO B 335 -18.60 -37.20 1.51
C PRO B 335 -19.76 -38.12 1.95
N TRP B 336 -20.80 -37.54 2.53
CA TRP B 336 -21.95 -38.32 2.97
C TRP B 336 -23.15 -38.13 2.04
N GLU B 337 -22.92 -37.50 0.90
CA GLU B 337 -23.97 -37.26 -0.09
C GLU B 337 -23.82 -38.23 -1.24
N ASP B 338 -24.94 -38.73 -1.73
CA ASP B 338 -24.93 -39.67 -2.83
C ASP B 338 -24.69 -38.94 -4.14
N ALA C 18 -21.66 52.99 -14.68
CA ALA C 18 -20.40 53.80 -14.67
C ALA C 18 -19.26 52.99 -15.27
N VAL C 19 -19.57 52.17 -16.27
CA VAL C 19 -18.57 51.33 -16.92
C VAL C 19 -18.38 51.68 -18.40
N VAL C 20 -17.14 51.54 -18.88
CA VAL C 20 -16.81 51.84 -20.27
C VAL C 20 -17.22 50.71 -21.20
N LYS C 21 -17.62 51.06 -22.42
CA LYS C 21 -18.04 50.08 -23.42
C LYS C 21 -16.91 49.10 -23.72
N GLU C 22 -15.68 49.57 -23.54
CA GLU C 22 -14.50 48.74 -23.80
C GLU C 22 -14.52 47.48 -22.95
N VAL C 23 -15.21 47.54 -21.81
CA VAL C 23 -15.32 46.41 -20.90
C VAL C 23 -16.40 45.45 -21.36
N LEU C 24 -17.65 45.89 -21.31
CA LEU C 24 -18.79 45.07 -21.73
C LEU C 24 -18.55 44.51 -23.12
N GLU C 25 -17.57 45.10 -23.81
CA GLU C 25 -17.20 44.69 -25.16
C GLU C 25 -16.73 43.23 -25.09
N ILE C 26 -15.87 42.96 -24.11
CA ILE C 26 -15.31 41.63 -23.92
C ILE C 26 -16.26 40.71 -23.18
N ALA C 27 -16.83 41.19 -22.07
CA ALA C 27 -17.76 40.39 -21.28
C ALA C 27 -18.77 39.66 -22.16
N GLU C 28 -19.27 40.35 -23.18
CA GLU C 28 -20.25 39.77 -24.10
C GLU C 28 -19.69 38.52 -24.78
N LYS C 29 -18.59 38.70 -25.51
CA LYS C 29 -17.96 37.60 -26.21
C LYS C 29 -17.61 36.44 -25.28
N ILE C 30 -17.22 36.76 -24.05
CA ILE C 30 -16.88 35.73 -23.07
C ILE C 30 -18.15 34.98 -22.67
N LYS C 31 -19.18 35.74 -22.31
CA LYS C 31 -20.45 35.17 -21.88
C LYS C 31 -21.11 34.37 -23.01
N ASN C 32 -20.74 34.67 -24.25
CA ASN C 32 -21.32 33.99 -25.41
C ASN C 32 -20.37 32.97 -26.05
N MET C 33 -19.22 32.75 -25.42
CA MET C 33 -18.24 31.80 -25.92
C MET C 33 -17.45 32.21 -27.17
N GLU C 34 -17.62 33.45 -27.63
CA GLU C 34 -16.87 33.89 -28.81
C GLU C 34 -15.39 33.85 -28.45
N ILE C 35 -15.06 34.34 -27.26
CA ILE C 35 -13.69 34.31 -26.78
C ILE C 35 -13.62 33.05 -25.92
N ARG C 36 -13.03 31.99 -26.47
CA ARG C 36 -12.95 30.72 -25.76
C ARG C 36 -11.51 30.22 -25.63
N GLY C 37 -11.20 29.66 -24.46
CA GLY C 37 -9.87 29.14 -24.20
C GLY C 37 -9.39 29.68 -22.86
N ALA C 38 -8.81 28.81 -22.04
CA ALA C 38 -8.31 29.20 -20.72
C ALA C 38 -7.39 30.41 -20.79
N GLY C 39 -6.46 30.40 -21.74
CA GLY C 39 -5.52 31.49 -21.88
C GLY C 39 -6.14 32.79 -22.39
N LYS C 40 -6.82 32.69 -23.53
CA LYS C 40 -7.46 33.86 -24.14
C LYS C 40 -8.47 34.53 -23.20
N ILE C 41 -9.36 33.75 -22.63
CA ILE C 41 -10.37 34.30 -21.73
C ILE C 41 -9.75 35.06 -20.55
N ALA C 42 -8.70 34.50 -19.96
CA ALA C 42 -8.05 35.15 -18.84
C ALA C 42 -7.37 36.44 -19.27
N ARG C 43 -6.81 36.44 -20.47
CA ARG C 43 -6.13 37.62 -21.00
C ARG C 43 -7.11 38.75 -21.31
N SER C 44 -8.21 38.42 -21.98
CA SER C 44 -9.22 39.40 -22.32
C SER C 44 -9.75 40.02 -21.03
N ALA C 45 -10.00 39.17 -20.03
CA ALA C 45 -10.50 39.62 -18.74
C ALA C 45 -9.55 40.65 -18.15
N ALA C 46 -8.25 40.40 -18.32
CA ALA C 46 -7.22 41.30 -17.80
C ALA C 46 -7.22 42.58 -18.64
N TYR C 47 -7.19 42.39 -19.95
CA TYR C 47 -7.20 43.52 -20.88
C TYR C 47 -8.36 44.45 -20.52
N ALA C 48 -9.54 43.87 -20.31
CA ALA C 48 -10.72 44.65 -19.96
C ALA C 48 -10.40 45.51 -18.75
N LEU C 49 -9.97 44.88 -17.66
CA LEU C 49 -9.62 45.60 -16.45
C LEU C 49 -8.51 46.62 -16.66
N GLN C 50 -7.87 46.57 -17.82
CA GLN C 50 -6.79 47.50 -18.13
C GLN C 50 -7.38 48.76 -18.76
N LEU C 51 -8.22 48.57 -19.77
CA LEU C 51 -8.86 49.68 -20.46
C LEU C 51 -9.59 50.59 -19.49
N GLN C 52 -10.44 50.02 -18.66
CA GLN C 52 -11.20 50.80 -17.68
C GLN C 52 -10.23 51.64 -16.84
N ALA C 53 -8.94 51.34 -16.97
CA ALA C 53 -7.91 52.06 -16.24
C ALA C 53 -7.11 52.98 -17.17
N GLU C 54 -7.32 52.83 -18.47
CA GLU C 54 -6.62 53.65 -19.47
C GLU C 54 -7.58 54.62 -20.16
N LYS C 55 -8.86 54.52 -19.84
CA LYS C 55 -9.89 55.37 -20.42
C LYS C 55 -11.02 55.59 -19.42
N SER C 56 -10.70 56.18 -18.28
CA SER C 56 -11.69 56.43 -17.24
C SER C 56 -11.64 57.87 -16.74
N LYS C 57 -12.81 58.45 -16.53
CA LYS C 57 -12.91 59.82 -16.04
C LYS C 57 -13.21 59.83 -14.55
N ALA C 58 -12.20 59.47 -13.76
CA ALA C 58 -12.34 59.42 -12.31
C ALA C 58 -11.67 60.61 -11.63
N THR C 59 -12.41 61.28 -10.74
CA THR C 59 -11.90 62.43 -10.01
C THR C 59 -10.69 62.04 -9.19
N ASN C 60 -10.92 61.29 -8.11
CA ASN C 60 -9.83 60.84 -7.25
C ASN C 60 -9.78 59.32 -7.16
N VAL C 61 -8.91 58.81 -6.31
CA VAL C 61 -8.74 57.38 -6.13
C VAL C 61 -10.02 56.66 -5.65
N ASP C 62 -10.88 57.39 -4.95
CA ASP C 62 -12.12 56.80 -4.44
C ASP C 62 -13.15 56.50 -5.52
N GLU C 63 -13.39 57.46 -6.41
CA GLU C 63 -14.36 57.26 -7.49
C GLU C 63 -13.76 56.30 -8.51
N PHE C 64 -12.44 56.18 -8.48
CA PHE C 64 -11.71 55.32 -9.39
C PHE C 64 -11.84 53.83 -9.03
N TRP C 65 -11.45 53.50 -7.81
CA TRP C 65 -11.50 52.11 -7.35
C TRP C 65 -12.85 51.45 -7.55
N LYS C 66 -13.87 51.96 -6.85
CA LYS C 66 -15.21 51.40 -6.96
C LYS C 66 -15.69 51.37 -8.41
N GLU C 67 -14.96 52.05 -9.29
CA GLU C 67 -15.32 52.09 -10.70
C GLU C 67 -14.86 50.79 -11.36
N MET C 68 -13.83 50.17 -10.80
CA MET C 68 -13.31 48.93 -11.34
C MET C 68 -13.93 47.73 -10.63
N LYS C 69 -14.29 47.89 -9.37
CA LYS C 69 -14.90 46.79 -8.63
C LYS C 69 -16.12 46.31 -9.42
N GLN C 70 -16.66 47.19 -10.25
CA GLN C 70 -17.81 46.86 -11.08
C GLN C 70 -17.32 46.12 -12.32
N ALA C 71 -16.24 46.63 -12.92
CA ALA C 71 -15.65 46.02 -14.11
C ALA C 71 -15.23 44.60 -13.82
N ALA C 72 -14.70 44.38 -12.63
CA ALA C 72 -14.25 43.06 -12.21
C ALA C 72 -15.46 42.16 -11.95
N LYS C 73 -16.45 42.70 -11.24
CA LYS C 73 -17.66 41.95 -10.92
C LYS C 73 -18.44 41.65 -12.19
N ILE C 74 -18.36 42.55 -13.16
CA ILE C 74 -19.06 42.35 -14.42
C ILE C 74 -18.54 41.09 -15.08
N LEU C 75 -17.25 41.12 -15.42
CA LEU C 75 -16.58 40.00 -16.07
C LEU C 75 -16.69 38.74 -15.21
N PHE C 76 -16.66 38.93 -13.89
CA PHE C 76 -16.75 37.82 -12.95
C PHE C 76 -18.05 37.04 -13.09
N GLU C 77 -19.15 37.75 -13.37
CA GLU C 77 -20.45 37.11 -13.51
C GLU C 77 -20.75 36.65 -14.92
N THR C 78 -19.83 36.89 -15.86
CA THR C 78 -20.06 36.46 -17.24
C THR C 78 -20.00 34.93 -17.30
N ARG C 79 -19.10 34.34 -16.52
CA ARG C 79 -18.95 32.89 -16.47
C ARG C 79 -18.34 32.43 -15.14
N PRO C 80 -19.14 32.43 -14.06
CA PRO C 80 -18.63 32.00 -12.76
C PRO C 80 -17.98 30.64 -12.92
N THR C 81 -18.49 29.91 -13.90
CA THR C 81 -18.00 28.58 -14.23
C THR C 81 -16.52 28.61 -14.61
N ALA C 82 -16.17 29.50 -15.53
CA ALA C 82 -14.79 29.64 -15.99
C ALA C 82 -13.82 29.58 -14.81
N VAL C 83 -12.60 29.13 -15.07
CA VAL C 83 -11.60 29.03 -14.01
C VAL C 83 -10.55 30.13 -14.11
N SER C 84 -10.03 30.34 -15.32
CA SER C 84 -9.01 31.37 -15.54
C SER C 84 -9.59 32.77 -15.50
N LEU C 85 -10.92 32.86 -15.50
CA LEU C 85 -11.60 34.14 -15.48
C LEU C 85 -11.39 34.92 -14.18
N PRO C 86 -11.81 34.35 -13.03
CA PRO C 86 -11.63 35.05 -11.76
C PRO C 86 -10.19 35.20 -11.28
N ASN C 87 -9.29 34.37 -11.80
CA ASN C 87 -7.90 34.49 -11.39
C ASN C 87 -7.23 35.70 -12.02
N ALA C 88 -7.60 35.99 -13.26
CA ALA C 88 -7.05 37.14 -13.96
C ALA C 88 -7.45 38.38 -13.17
N LEU C 89 -8.73 38.45 -12.82
CA LEU C 89 -9.26 39.58 -12.06
C LEU C 89 -8.57 39.69 -10.71
N ARG C 90 -8.53 38.57 -9.99
CA ARG C 90 -7.89 38.54 -8.68
C ARG C 90 -6.46 39.02 -8.77
N TYR C 91 -5.82 38.78 -9.91
CA TYR C 91 -4.44 39.18 -10.09
C TYR C 91 -4.27 40.71 -10.01
N VAL C 92 -4.93 41.41 -10.91
CA VAL C 92 -4.82 42.86 -10.91
C VAL C 92 -5.47 43.47 -9.67
N MET C 93 -6.78 43.23 -9.50
CA MET C 93 -7.53 43.76 -8.38
C MET C 93 -6.87 43.61 -7.02
N HIS C 94 -6.11 42.53 -6.82
CA HIS C 94 -5.43 42.32 -5.55
C HIS C 94 -4.32 43.33 -5.38
N ARG C 95 -3.51 43.49 -6.42
CA ARG C 95 -2.42 44.44 -6.39
C ARG C 95 -2.98 45.86 -6.37
N GLY C 96 -4.27 45.98 -6.63
CA GLY C 96 -4.91 47.28 -6.60
C GLY C 96 -5.38 47.62 -5.21
N LYS C 97 -6.11 46.69 -4.61
CA LYS C 97 -6.63 46.91 -3.26
C LYS C 97 -5.51 47.01 -2.23
N ILE C 98 -4.35 46.43 -2.55
CA ILE C 98 -3.22 46.48 -1.64
C ILE C 98 -2.68 47.92 -1.58
N ALA C 99 -2.48 48.51 -2.76
CA ALA C 99 -1.99 49.88 -2.85
C ALA C 99 -3.08 50.85 -2.41
N TYR C 100 -4.28 50.65 -2.92
CA TYR C 100 -5.43 51.48 -2.57
C TYR C 100 -5.51 51.66 -1.06
N SER C 101 -5.65 50.53 -0.36
CA SER C 101 -5.73 50.52 1.08
C SER C 101 -4.56 51.30 1.70
N SER C 102 -3.36 51.00 1.22
CA SER C 102 -2.17 51.68 1.73
C SER C 102 -2.28 53.18 1.45
N GLY C 103 -3.24 53.55 0.62
CA GLY C 103 -3.43 54.94 0.29
C GLY C 103 -2.76 55.29 -1.02
N ALA C 104 -3.54 55.80 -1.96
CA ALA C 104 -3.02 56.17 -3.27
C ALA C 104 -4.04 57.05 -3.97
N ASP C 105 -3.58 57.85 -4.93
CA ASP C 105 -4.47 58.73 -5.67
C ASP C 105 -4.86 58.07 -6.99
N LEU C 106 -5.25 58.88 -7.97
CA LEU C 106 -5.64 58.34 -9.26
C LEU C 106 -4.43 57.74 -9.97
N GLU C 107 -3.50 58.58 -10.39
CA GLU C 107 -2.31 58.13 -11.10
C GLU C 107 -1.37 57.25 -10.29
N GLN C 108 -1.73 56.98 -9.05
CA GLN C 108 -0.91 56.12 -8.20
C GLN C 108 -1.45 54.70 -8.26
N LEU C 109 -2.77 54.58 -8.14
CA LEU C 109 -3.46 53.29 -8.19
C LEU C 109 -3.68 52.92 -9.66
N ARG C 110 -4.08 53.91 -10.46
CA ARG C 110 -4.34 53.73 -11.88
C ARG C 110 -3.12 53.11 -12.55
N PHE C 111 -1.96 53.32 -11.94
CA PHE C 111 -0.70 52.79 -12.46
C PHE C 111 -0.53 51.33 -12.09
N VAL C 112 -0.46 51.05 -10.79
CA VAL C 112 -0.30 49.68 -10.32
C VAL C 112 -1.32 48.76 -10.99
N ILE C 113 -2.47 49.32 -11.37
CA ILE C 113 -3.50 48.54 -12.03
C ILE C 113 -3.03 48.18 -13.44
N ILE C 114 -2.91 49.18 -14.30
CA ILE C 114 -2.47 48.98 -15.67
C ILE C 114 -1.19 48.16 -15.73
N ASN C 115 -0.25 48.46 -14.84
CA ASN C 115 1.02 47.75 -14.80
C ASN C 115 0.80 46.26 -14.63
N ALA C 116 0.07 45.89 -13.59
CA ALA C 116 -0.22 44.49 -13.29
C ALA C 116 -0.94 43.79 -14.44
N ALA C 117 -1.98 44.42 -14.96
CA ALA C 117 -2.75 43.85 -16.06
C ALA C 117 -1.85 43.49 -17.25
N LYS C 118 -0.89 44.36 -17.55
CA LYS C 118 0.02 44.15 -18.67
C LYS C 118 0.95 42.99 -18.38
N GLU C 119 1.45 42.91 -17.15
CA GLU C 119 2.35 41.82 -16.76
C GLU C 119 1.65 40.49 -16.95
N PHE C 120 0.48 40.34 -16.33
CA PHE C 120 -0.31 39.13 -16.41
C PHE C 120 -0.49 38.74 -17.86
N ILE C 121 -1.00 39.66 -18.66
CA ILE C 121 -1.21 39.40 -20.08
C ILE C 121 0.04 38.85 -20.74
N HIS C 122 1.18 39.49 -20.48
CA HIS C 122 2.43 39.02 -21.08
C HIS C 122 2.79 37.65 -20.51
N ASN C 123 2.75 37.52 -19.19
CA ASN C 123 3.08 36.27 -18.51
C ASN C 123 2.26 35.13 -19.13
N SER C 124 1.04 35.44 -19.55
CA SER C 124 0.14 34.47 -20.16
C SER C 124 0.56 34.11 -21.58
N GLU C 125 0.82 35.11 -22.40
CA GLU C 125 1.23 34.89 -23.79
C GLU C 125 2.47 34.02 -23.89
N LYS C 126 3.31 34.07 -22.86
CA LYS C 126 4.54 33.28 -22.83
C LYS C 126 4.37 32.04 -21.96
N ALA C 127 3.14 31.79 -21.51
CA ALA C 127 2.85 30.65 -20.65
C ALA C 127 3.21 29.29 -21.25
N LEU C 128 2.56 28.94 -22.35
CA LEU C 128 2.80 27.67 -23.01
C LEU C 128 4.26 27.53 -23.39
N GLU C 129 4.86 28.64 -23.80
CA GLU C 129 6.26 28.65 -24.18
C GLU C 129 7.13 28.28 -22.97
N ARG C 130 6.95 29.01 -21.88
CA ARG C 130 7.73 28.77 -20.68
C ARG C 130 7.46 27.42 -20.03
N ILE C 131 6.20 26.97 -20.05
CA ILE C 131 5.87 25.68 -19.46
C ILE C 131 6.63 24.57 -20.20
N GLY C 132 6.68 24.67 -21.52
CA GLY C 132 7.41 23.69 -22.31
C GLY C 132 8.86 23.69 -21.90
N GLU C 133 9.38 24.88 -21.61
CA GLU C 133 10.76 25.07 -21.18
C GLU C 133 11.03 24.24 -19.93
N PHE C 134 10.32 24.56 -18.84
CA PHE C 134 10.48 23.85 -17.58
C PHE C 134 10.22 22.36 -17.70
N GLY C 135 9.16 21.99 -18.40
CA GLY C 135 8.84 20.60 -18.58
C GLY C 135 9.93 19.83 -19.29
N ALA C 136 10.48 20.43 -20.34
CA ALA C 136 11.53 19.80 -21.12
C ALA C 136 12.73 19.40 -20.28
N LYS C 137 13.06 20.22 -19.29
CA LYS C 137 14.21 19.93 -18.43
C LYS C 137 14.03 18.61 -17.71
N ARG C 138 12.78 18.17 -17.58
CA ARG C 138 12.51 16.90 -16.90
C ARG C 138 12.31 15.77 -17.90
N ILE C 139 12.68 16.01 -19.16
CA ILE C 139 12.56 14.99 -20.19
C ILE C 139 13.96 14.59 -20.66
N GLU C 140 14.22 13.29 -20.69
CA GLU C 140 15.52 12.77 -21.08
C GLU C 140 15.49 12.08 -22.43
N ASP C 141 16.64 12.04 -23.09
CA ASP C 141 16.77 11.38 -24.37
C ASP C 141 16.31 9.93 -24.20
N GLY C 142 15.49 9.44 -25.13
CA GLY C 142 15.00 8.07 -25.04
C GLY C 142 13.72 7.89 -24.25
N ASP C 143 13.26 8.96 -23.60
CA ASP C 143 12.04 8.90 -22.81
C ASP C 143 10.79 8.60 -23.64
N VAL C 144 10.05 7.59 -23.20
CA VAL C 144 8.79 7.24 -23.82
C VAL C 144 7.80 8.00 -22.94
N ILE C 145 6.91 8.76 -23.56
CA ILE C 145 5.94 9.56 -22.81
C ILE C 145 4.48 9.23 -23.11
N MET C 146 3.68 9.05 -22.06
CA MET C 146 2.27 8.77 -22.23
C MET C 146 1.49 10.02 -21.90
N THR C 147 0.46 10.33 -22.70
CA THR C 147 -0.36 11.51 -22.45
C THR C 147 -1.86 11.20 -22.62
N HIS C 148 -2.70 12.20 -22.36
CA HIS C 148 -4.15 12.03 -22.45
C HIS C 148 -4.80 13.33 -22.94
N CYS C 149 -5.96 13.20 -23.59
CA CYS C 149 -6.69 14.36 -24.13
C CYS C 149 -5.80 15.14 -25.09
N HIS C 150 -6.07 16.43 -25.23
CA HIS C 150 -5.29 17.28 -26.11
C HIS C 150 -4.93 18.57 -25.39
N SER C 151 -3.85 18.53 -24.63
CA SER C 151 -3.40 19.71 -23.88
C SER C 151 -2.24 20.40 -24.56
N LYS C 152 -2.40 21.69 -24.80
CA LYS C 152 -1.34 22.47 -25.44
C LYS C 152 -0.14 22.54 -24.48
N ALA C 153 -0.43 22.69 -23.20
CA ALA C 153 0.63 22.74 -22.18
C ALA C 153 1.47 21.47 -22.22
N ALA C 154 0.81 20.32 -22.17
CA ALA C 154 1.52 19.05 -22.20
C ALA C 154 2.27 18.88 -23.52
N ILE C 155 1.61 19.19 -24.63
CA ILE C 155 2.23 19.04 -25.94
C ILE C 155 3.43 19.96 -26.09
N SER C 156 3.33 21.16 -25.52
CA SER C 156 4.44 22.11 -25.58
C SER C 156 5.69 21.48 -24.96
N VAL C 157 5.51 20.79 -23.84
CA VAL C 157 6.62 20.12 -23.15
C VAL C 157 7.25 19.11 -24.10
N MET C 158 6.41 18.29 -24.71
CA MET C 158 6.88 17.27 -25.63
C MET C 158 7.61 17.89 -26.81
N LYS C 159 7.01 18.91 -27.41
CA LYS C 159 7.59 19.59 -28.55
C LYS C 159 8.91 20.31 -28.23
N THR C 160 9.13 20.67 -26.97
CA THR C 160 10.36 21.35 -26.60
C THR C 160 11.50 20.36 -26.36
N ALA C 161 11.22 19.28 -25.65
CA ALA C 161 12.23 18.26 -25.39
C ALA C 161 12.83 17.82 -26.72
N TRP C 162 11.93 17.56 -27.67
CA TRP C 162 12.30 17.11 -29.00
C TRP C 162 13.07 18.19 -29.79
N GLU C 163 12.71 19.45 -29.59
CA GLU C 163 13.38 20.53 -30.29
C GLU C 163 14.71 20.89 -29.61
N GLN C 164 15.08 20.13 -28.59
CA GLN C 164 16.35 20.35 -27.90
C GLN C 164 17.27 19.23 -28.32
N GLY C 165 16.76 18.37 -29.21
CA GLY C 165 17.52 17.25 -29.70
C GLY C 165 17.27 16.00 -28.88
N LYS C 166 16.14 15.98 -28.18
CA LYS C 166 15.80 14.83 -27.35
C LYS C 166 14.98 13.81 -28.10
N ASP C 167 15.46 12.57 -28.05
CA ASP C 167 14.81 11.46 -28.71
C ASP C 167 13.67 10.93 -27.85
N ILE C 168 12.47 11.44 -28.08
CA ILE C 168 11.29 11.00 -27.32
C ILE C 168 10.32 10.28 -28.25
N LYS C 169 9.46 9.46 -27.65
CA LYS C 169 8.46 8.70 -28.38
C LYS C 169 7.20 8.85 -27.54
N VAL C 170 6.11 9.33 -28.13
CA VAL C 170 4.89 9.53 -27.37
C VAL C 170 3.77 8.49 -27.56
N ILE C 171 3.20 8.05 -26.43
CA ILE C 171 2.09 7.11 -26.45
C ILE C 171 0.85 7.97 -26.22
N VAL C 172 0.01 8.09 -27.25
CA VAL C 172 -1.20 8.89 -27.18
C VAL C 172 -2.45 8.06 -26.89
N THR C 173 -3.18 8.42 -25.83
CA THR C 173 -4.40 7.68 -25.51
C THR C 173 -5.56 8.26 -26.31
N GLU C 174 -6.36 7.36 -26.88
CA GLU C 174 -7.52 7.72 -27.69
C GLU C 174 -8.34 8.88 -27.09
N THR C 175 -8.67 8.72 -25.82
CA THR C 175 -9.43 9.71 -25.07
C THR C 175 -10.91 9.84 -25.49
N ARG C 176 -11.67 8.78 -25.28
CA ARG C 176 -13.10 8.81 -25.56
C ARG C 176 -13.65 9.79 -24.54
N PRO C 177 -14.86 10.31 -24.76
CA PRO C 177 -15.68 10.00 -25.93
C PRO C 177 -15.33 10.76 -27.21
N LYS C 178 -14.90 12.01 -27.09
CA LYS C 178 -14.59 12.83 -28.28
C LYS C 178 -13.28 12.67 -29.04
N TRP C 179 -12.55 11.58 -28.78
CA TRP C 179 -11.31 11.28 -29.49
C TRP C 179 -10.16 12.32 -29.59
N GLN C 180 -9.99 13.17 -28.58
CA GLN C 180 -8.92 14.16 -28.64
C GLN C 180 -7.55 13.54 -28.94
N GLY C 181 -7.43 12.22 -28.80
CA GLY C 181 -6.17 11.56 -29.07
C GLY C 181 -5.76 11.68 -30.54
N LYS C 182 -6.72 11.53 -31.44
CA LYS C 182 -6.43 11.64 -32.87
C LYS C 182 -5.77 12.99 -33.15
N ILE C 183 -6.29 14.04 -32.53
CA ILE C 183 -5.73 15.37 -32.71
C ILE C 183 -4.28 15.40 -32.19
N THR C 184 -4.07 14.87 -30.99
CA THR C 184 -2.74 14.84 -30.38
C THR C 184 -1.78 14.00 -31.19
N ALA C 185 -2.25 12.84 -31.67
CA ALA C 185 -1.42 11.95 -32.47
C ALA C 185 -0.95 12.59 -33.77
N LYS C 186 -1.87 13.14 -34.54
CA LYS C 186 -1.53 13.79 -35.81
C LYS C 186 -0.60 14.97 -35.58
N GLU C 187 -0.97 15.83 -34.65
CA GLU C 187 -0.17 17.00 -34.35
C GLU C 187 1.28 16.68 -34.00
N LEU C 188 1.48 15.74 -33.07
CA LEU C 188 2.82 15.37 -32.66
C LEU C 188 3.63 14.74 -33.80
N ALA C 189 2.98 13.90 -34.59
CA ALA C 189 3.65 13.23 -35.71
C ALA C 189 4.10 14.24 -36.76
N SER C 190 3.37 15.33 -36.86
CA SER C 190 3.69 16.37 -37.83
C SER C 190 4.99 17.06 -37.44
N TYR C 191 5.24 17.17 -36.14
CA TYR C 191 6.47 17.79 -35.66
C TYR C 191 7.62 16.81 -35.89
N GLY C 192 7.29 15.64 -36.40
CA GLY C 192 8.31 14.64 -36.65
C GLY C 192 8.52 13.71 -35.46
N ILE C 193 7.62 13.82 -34.48
CA ILE C 193 7.70 12.99 -33.28
C ILE C 193 6.97 11.67 -33.49
N PRO C 194 7.67 10.54 -33.25
CA PRO C 194 7.01 9.25 -33.42
C PRO C 194 5.89 9.10 -32.38
N VAL C 195 4.75 8.57 -32.83
CA VAL C 195 3.60 8.40 -31.97
C VAL C 195 3.09 6.97 -31.93
N ILE C 196 2.56 6.60 -30.77
CA ILE C 196 1.98 5.27 -30.58
C ILE C 196 0.58 5.53 -30.07
N TYR C 197 -0.42 5.20 -30.88
CA TYR C 197 -1.82 5.41 -30.55
C TYR C 197 -2.43 4.15 -29.92
N VAL C 198 -3.17 4.34 -28.82
CA VAL C 198 -3.82 3.22 -28.14
C VAL C 198 -5.15 3.64 -27.51
N VAL C 199 -6.04 2.66 -27.30
CA VAL C 199 -7.31 2.96 -26.67
C VAL C 199 -6.97 3.24 -25.20
N ASP C 200 -7.81 4.01 -24.53
CA ASP C 200 -7.60 4.35 -23.12
C ASP C 200 -7.32 3.13 -22.25
N SER C 201 -8.09 2.07 -22.46
CA SER C 201 -7.93 0.83 -21.70
C SER C 201 -6.53 0.24 -21.72
N ALA C 202 -5.70 0.64 -22.66
CA ALA C 202 -4.36 0.07 -22.74
C ALA C 202 -3.34 0.81 -21.87
N ALA C 203 -3.79 1.87 -21.19
CA ALA C 203 -2.91 2.67 -20.35
C ALA C 203 -2.06 1.89 -19.33
N ARG C 204 -2.63 0.92 -18.62
CA ARG C 204 -1.81 0.16 -17.66
C ARG C 204 -0.82 -0.75 -18.38
N HIS C 205 -1.33 -1.51 -19.34
CA HIS C 205 -0.54 -2.44 -20.14
C HIS C 205 0.79 -1.83 -20.61
N TYR C 206 0.72 -0.62 -21.18
CA TYR C 206 1.91 0.04 -21.69
C TYR C 206 2.62 0.95 -20.69
N MET C 207 2.10 1.01 -19.47
CA MET C 207 2.73 1.85 -18.45
C MET C 207 4.06 1.20 -18.12
N LYS C 208 4.13 -0.12 -18.32
CA LYS C 208 5.33 -0.88 -18.08
C LYS C 208 6.52 -0.39 -18.92
N MET C 209 6.24 0.22 -20.06
CA MET C 209 7.31 0.70 -20.93
C MET C 209 7.29 2.21 -21.06
N THR C 210 6.68 2.87 -20.09
CA THR C 210 6.60 4.32 -20.11
C THR C 210 7.60 4.86 -19.09
N ASP C 211 8.19 6.00 -19.42
CA ASP C 211 9.19 6.64 -18.56
C ASP C 211 8.61 7.85 -17.84
N LYS C 212 7.84 8.63 -18.58
CA LYS C 212 7.22 9.83 -18.04
C LYS C 212 5.76 9.91 -18.48
N VAL C 213 4.92 10.43 -17.60
CA VAL C 213 3.53 10.64 -17.92
C VAL C 213 3.38 12.14 -17.88
N VAL C 214 2.97 12.74 -19.00
CA VAL C 214 2.81 14.18 -19.07
C VAL C 214 1.40 14.53 -19.54
N MET C 215 0.61 15.12 -18.65
CA MET C 215 -0.77 15.49 -18.97
C MET C 215 -1.09 16.93 -18.58
N GLY C 216 -2.21 17.43 -19.10
CA GLY C 216 -2.63 18.78 -18.78
C GLY C 216 -3.58 18.82 -17.61
N ALA C 217 -4.34 19.90 -17.51
CA ALA C 217 -5.30 20.06 -16.44
C ALA C 217 -6.38 21.07 -16.81
N ASP C 218 -7.57 20.86 -16.27
CA ASP C 218 -8.66 21.79 -16.51
C ASP C 218 -8.52 22.81 -15.38
N SER C 219 -8.23 22.28 -14.19
CA SER C 219 -8.04 23.07 -12.99
C SER C 219 -7.24 22.29 -11.96
N ILE C 220 -6.79 22.99 -10.91
CA ILE C 220 -6.02 22.39 -9.82
C ILE C 220 -6.68 22.86 -8.54
N THR C 221 -6.79 22.00 -7.54
CA THR C 221 -7.44 22.40 -6.28
C THR C 221 -6.46 22.85 -5.19
N VAL C 222 -6.98 23.50 -4.16
CA VAL C 222 -6.19 23.98 -3.05
C VAL C 222 -5.33 22.89 -2.42
N ASN C 223 -5.77 21.64 -2.57
CA ASN C 223 -5.04 20.50 -2.03
C ASN C 223 -4.04 19.97 -3.06
N GLY C 224 -4.07 20.52 -4.26
CA GLY C 224 -3.18 20.07 -5.30
C GLY C 224 -3.80 18.94 -6.11
N ALA C 225 -5.11 18.75 -5.98
CA ALA C 225 -5.79 17.71 -6.73
C ALA C 225 -5.92 18.20 -8.16
N VAL C 226 -5.87 17.28 -9.13
CA VAL C 226 -5.96 17.66 -10.54
C VAL C 226 -7.26 17.25 -11.21
N ILE C 227 -8.00 18.23 -11.71
CA ILE C 227 -9.25 17.98 -12.40
C ILE C 227 -8.93 18.05 -13.88
N ASN C 228 -9.15 16.95 -14.59
CA ASN C 228 -8.84 16.89 -16.01
C ASN C 228 -9.78 15.93 -16.71
N LYS C 229 -9.75 15.91 -18.03
CA LYS C 229 -10.61 15.01 -18.80
C LYS C 229 -10.68 13.62 -18.16
N ILE C 230 -11.85 12.99 -18.28
CA ILE C 230 -12.12 11.66 -17.74
C ILE C 230 -11.06 10.66 -18.22
N GLY C 231 -10.49 9.91 -17.28
CA GLY C 231 -9.46 8.94 -17.61
C GLY C 231 -8.08 9.30 -17.07
N THR C 232 -7.83 10.60 -16.91
CA THR C 232 -6.56 11.13 -16.38
C THR C 232 -6.14 10.51 -15.05
N ALA C 233 -7.09 10.32 -14.15
CA ALA C 233 -6.81 9.76 -12.83
C ALA C 233 -6.47 8.28 -12.91
N LEU C 234 -7.04 7.59 -13.89
CA LEU C 234 -6.78 6.17 -14.06
C LEU C 234 -5.34 5.99 -14.50
N ILE C 235 -4.91 6.86 -15.41
CA ILE C 235 -3.56 6.80 -15.91
C ILE C 235 -2.61 7.11 -14.75
N ALA C 236 -2.87 8.22 -14.05
CA ALA C 236 -2.04 8.62 -12.92
C ALA C 236 -1.97 7.51 -11.87
N LEU C 237 -3.08 6.78 -11.71
CA LEU C 237 -3.14 5.71 -10.73
C LEU C 237 -2.21 4.54 -11.09
N THR C 238 -2.14 4.16 -12.36
CA THR C 238 -1.26 3.07 -12.72
C THR C 238 0.17 3.56 -12.92
N ALA C 239 0.35 4.87 -13.10
CA ALA C 239 1.68 5.45 -13.23
C ALA C 239 2.32 5.26 -11.86
N LYS C 240 1.60 5.68 -10.82
CA LYS C 240 2.05 5.56 -9.45
C LYS C 240 2.29 4.09 -9.13
N GLU C 241 1.42 3.22 -9.62
CA GLU C 241 1.58 1.79 -9.39
C GLU C 241 2.95 1.34 -9.94
N HIS C 242 3.40 2.00 -11.03
CA HIS C 242 4.67 1.65 -11.68
C HIS C 242 5.79 2.65 -11.37
N ARG C 243 5.60 3.46 -10.35
CA ARG C 243 6.59 4.47 -9.96
C ARG C 243 7.11 5.26 -11.17
N VAL C 244 6.18 5.68 -12.02
CA VAL C 244 6.51 6.44 -13.20
C VAL C 244 6.34 7.93 -12.88
N TRP C 245 7.41 8.69 -13.06
CA TRP C 245 7.38 10.12 -12.81
C TRP C 245 6.20 10.71 -13.59
N THR C 246 5.31 11.41 -12.88
CA THR C 246 4.11 12.00 -13.47
C THR C 246 4.03 13.52 -13.29
N MET C 247 3.97 14.24 -14.40
CA MET C 247 3.91 15.69 -14.35
C MET C 247 2.61 16.19 -14.94
N ILE C 248 2.09 17.26 -14.34
CA ILE C 248 0.86 17.87 -14.82
C ILE C 248 1.20 19.29 -15.27
N ALA C 249 1.12 19.56 -16.56
CA ALA C 249 1.42 20.89 -17.08
C ALA C 249 0.19 21.79 -16.92
N ALA C 250 0.31 22.80 -16.07
CA ALA C 250 -0.81 23.70 -15.83
C ALA C 250 -0.37 25.11 -15.43
N GLU C 251 -0.89 26.12 -16.14
CA GLU C 251 -0.54 27.49 -15.82
C GLU C 251 -1.21 27.96 -14.51
N THR C 252 -0.50 28.83 -13.79
CA THR C 252 -0.96 29.36 -12.51
C THR C 252 -2.43 29.76 -12.40
N TYR C 253 -2.97 30.40 -13.44
CA TYR C 253 -4.36 30.82 -13.36
C TYR C 253 -5.36 29.67 -13.42
N LYS C 254 -4.89 28.44 -13.46
CA LYS C 254 -5.78 27.29 -13.46
C LYS C 254 -5.91 26.75 -12.04
N PHE C 255 -5.26 27.43 -11.10
CA PHE C 255 -5.31 27.03 -9.70
C PHE C 255 -6.56 27.58 -9.03
N HIS C 256 -7.39 26.68 -8.54
CA HIS C 256 -8.65 27.02 -7.87
C HIS C 256 -8.47 27.05 -6.37
N PRO C 257 -9.00 28.10 -5.71
CA PRO C 257 -8.90 28.23 -4.26
C PRO C 257 -9.87 27.32 -3.51
N GLU C 258 -10.51 26.41 -4.22
CA GLU C 258 -11.48 25.51 -3.60
C GLU C 258 -11.13 24.02 -3.65
N THR C 259 -11.97 23.23 -2.97
CA THR C 259 -11.81 21.78 -2.89
C THR C 259 -12.75 21.12 -3.91
N MET C 260 -12.33 20.00 -4.48
CA MET C 260 -13.19 19.33 -5.43
C MET C 260 -13.37 17.85 -5.07
N LEU C 261 -12.42 17.32 -4.28
CA LEU C 261 -12.49 15.94 -3.83
C LEU C 261 -13.61 15.79 -2.79
N GLY C 262 -14.03 14.56 -2.53
CA GLY C 262 -15.09 14.30 -1.57
C GLY C 262 -16.38 15.04 -1.90
N ILE C 267 -18.07 17.18 -10.63
CA ILE C 267 -19.17 16.52 -11.35
C ILE C 267 -19.75 17.46 -12.40
N GLU C 268 -19.49 17.15 -13.67
CA GLU C 268 -20.00 17.94 -14.79
C GLU C 268 -20.37 16.99 -15.91
N MET C 269 -21.64 16.62 -15.98
CA MET C 269 -22.14 15.69 -16.99
C MET C 269 -22.32 16.34 -18.36
N ARG C 270 -21.71 15.76 -19.38
CA ARG C 270 -21.83 16.28 -20.74
C ARG C 270 -22.87 15.51 -21.54
N ASP C 271 -23.15 15.98 -22.74
CA ASP C 271 -24.12 15.39 -23.66
C ASP C 271 -23.87 13.88 -23.88
N PRO C 272 -24.86 13.04 -23.56
CA PRO C 272 -24.76 11.58 -23.73
C PRO C 272 -24.49 11.11 -25.16
N THR C 273 -24.98 11.86 -26.15
CA THR C 273 -24.81 11.48 -27.56
C THR C 273 -23.38 11.65 -27.99
N GLU C 274 -22.57 12.20 -27.10
CA GLU C 274 -21.16 12.41 -27.35
C GLU C 274 -20.52 11.02 -27.32
N VAL C 275 -21.13 10.11 -26.57
CA VAL C 275 -20.65 8.74 -26.45
C VAL C 275 -21.41 7.86 -27.43
N ILE C 276 -22.73 7.92 -27.36
CA ILE C 276 -23.54 7.16 -28.30
C ILE C 276 -24.38 8.14 -29.10
N PRO C 277 -24.16 8.21 -30.43
CA PRO C 277 -24.87 9.11 -31.36
C PRO C 277 -26.37 9.11 -31.15
N GLU C 278 -26.99 10.27 -31.36
CA GLU C 278 -28.43 10.38 -31.18
C GLU C 278 -29.21 9.34 -31.97
N ASP C 279 -28.85 9.15 -33.24
CA ASP C 279 -29.54 8.18 -34.08
C ASP C 279 -29.40 6.75 -33.55
N GLU C 280 -28.25 6.43 -32.97
CA GLU C 280 -28.03 5.08 -32.44
C GLU C 280 -28.66 4.95 -31.06
N LEU C 281 -28.56 6.01 -30.25
CA LEU C 281 -29.09 5.99 -28.89
C LEU C 281 -30.61 5.91 -28.81
N LYS C 282 -31.30 6.23 -29.91
CA LYS C 282 -32.76 6.17 -29.95
C LYS C 282 -33.23 4.73 -29.82
N THR C 283 -32.48 3.82 -30.44
CA THR C 283 -32.75 2.38 -30.45
C THR C 283 -32.67 1.73 -29.07
N TRP C 284 -31.61 2.05 -28.34
CA TRP C 284 -31.35 1.50 -27.02
C TRP C 284 -32.54 1.50 -26.08
N PRO C 285 -32.67 0.44 -25.25
CA PRO C 285 -33.73 0.28 -24.27
C PRO C 285 -33.73 1.43 -23.25
N LYS C 286 -34.91 1.81 -22.81
CA LYS C 286 -35.11 2.90 -21.88
C LYS C 286 -34.46 2.72 -20.51
N ASN C 287 -34.11 1.49 -20.15
CA ASN C 287 -33.50 1.27 -18.85
C ASN C 287 -31.96 1.26 -18.92
N ILE C 288 -31.44 1.86 -19.97
CA ILE C 288 -30.00 1.98 -20.17
C ILE C 288 -29.71 3.49 -20.24
N GLU C 289 -28.97 4.01 -19.27
CA GLU C 289 -28.63 5.43 -19.30
C GLU C 289 -27.16 5.55 -19.69
N VAL C 290 -26.84 6.59 -20.45
CA VAL C 290 -25.46 6.79 -20.84
C VAL C 290 -24.92 7.98 -20.06
N TRP C 291 -23.96 7.74 -19.18
CA TRP C 291 -23.35 8.81 -18.39
C TRP C 291 -22.04 9.26 -19.03
N ASN C 292 -21.91 10.57 -19.21
CA ASN C 292 -20.73 11.14 -19.84
C ASN C 292 -20.02 12.20 -18.98
N PRO C 293 -19.37 11.77 -17.89
CA PRO C 293 -18.68 12.77 -17.07
C PRO C 293 -17.52 13.36 -17.85
N ALA C 294 -17.35 14.67 -17.72
CA ALA C 294 -16.28 15.37 -18.40
C ALA C 294 -14.92 15.06 -17.80
N PHE C 295 -14.80 15.23 -16.49
CA PHE C 295 -13.54 15.01 -15.81
C PHE C 295 -13.59 14.01 -14.68
N ASP C 296 -12.40 13.72 -14.14
CA ASP C 296 -12.28 12.89 -12.95
C ASP C 296 -11.27 13.66 -12.11
N VAL C 297 -11.13 13.31 -10.84
CA VAL C 297 -10.21 14.05 -9.99
C VAL C 297 -9.02 13.20 -9.63
N THR C 298 -7.82 13.68 -10.00
CA THR C 298 -6.60 12.96 -9.68
C THR C 298 -6.01 13.47 -8.37
N PRO C 299 -5.87 12.57 -7.37
CA PRO C 299 -5.33 12.88 -6.05
C PRO C 299 -3.90 13.42 -6.13
N PRO C 300 -3.53 14.36 -5.26
CA PRO C 300 -2.16 14.89 -5.31
C PRO C 300 -1.08 13.81 -5.17
N GLU C 301 -1.34 12.78 -4.38
CA GLU C 301 -0.36 11.72 -4.19
C GLU C 301 -0.05 10.94 -5.48
N TYR C 302 -0.81 11.19 -6.54
CA TYR C 302 -0.59 10.49 -7.80
C TYR C 302 0.08 11.40 -8.82
N VAL C 303 0.48 12.58 -8.36
CA VAL C 303 1.17 13.54 -9.22
C VAL C 303 2.44 14.02 -8.53
N ASP C 304 3.59 13.83 -9.18
CA ASP C 304 4.87 14.24 -8.64
C ASP C 304 5.08 15.76 -8.63
N VAL C 305 4.93 16.39 -9.79
CA VAL C 305 5.09 17.84 -9.87
C VAL C 305 4.11 18.47 -10.87
N ILE C 306 3.87 19.76 -10.68
CA ILE C 306 3.01 20.51 -11.57
C ILE C 306 3.94 21.49 -12.25
N ILE C 307 3.89 21.54 -13.58
CA ILE C 307 4.73 22.45 -14.33
C ILE C 307 3.96 23.72 -14.65
N THR C 308 4.30 24.81 -13.99
CA THR C 308 3.65 26.10 -14.24
C THR C 308 4.57 26.96 -15.08
N GLU C 309 4.12 28.15 -15.45
CA GLU C 309 4.94 29.04 -16.27
C GLU C 309 5.90 29.86 -15.42
N ARG C 310 5.97 29.53 -14.13
CA ARG C 310 6.85 30.21 -13.21
C ARG C 310 7.72 29.19 -12.48
N GLY C 311 7.72 27.96 -12.97
CA GLY C 311 8.53 26.92 -12.35
C GLY C 311 7.79 25.62 -12.01
N ILE C 312 8.55 24.63 -11.54
CA ILE C 312 8.02 23.33 -11.17
C ILE C 312 7.81 23.24 -9.66
N ILE C 313 6.58 22.88 -9.26
CA ILE C 313 6.25 22.81 -7.84
C ILE C 313 5.54 21.53 -7.42
N PRO C 314 5.55 21.23 -6.12
CA PRO C 314 4.87 20.03 -5.60
C PRO C 314 3.39 20.36 -5.68
N PRO C 315 2.54 19.35 -5.90
CA PRO C 315 1.09 19.56 -5.99
C PRO C 315 0.52 20.37 -4.83
N TYR C 316 0.83 19.93 -3.61
CA TYR C 316 0.34 20.58 -2.40
C TYR C 316 0.87 22.01 -2.18
N ALA C 317 1.63 22.53 -3.12
CA ALA C 317 2.14 23.88 -3.02
C ALA C 317 1.13 24.83 -3.63
N ALA C 318 0.08 24.26 -4.20
CA ALA C 318 -0.99 25.03 -4.85
C ALA C 318 -1.50 26.15 -3.96
N ILE C 319 -1.57 25.89 -2.66
CA ILE C 319 -2.05 26.87 -1.71
C ILE C 319 -1.11 28.09 -1.66
N ASP C 320 0.18 27.87 -1.92
CA ASP C 320 1.13 28.98 -1.91
C ASP C 320 1.00 29.84 -3.17
N ILE C 321 0.69 29.21 -4.30
CA ILE C 321 0.52 29.95 -5.54
C ILE C 321 -0.70 30.85 -5.47
N LEU C 322 -1.77 30.35 -4.85
CA LEU C 322 -2.99 31.14 -4.70
C LEU C 322 -2.70 32.40 -3.90
N ARG C 323 -1.93 32.25 -2.81
CA ARG C 323 -1.57 33.38 -1.96
C ARG C 323 -0.71 34.38 -2.69
N GLU C 324 0.44 33.93 -3.20
CA GLU C 324 1.37 34.79 -3.92
C GLU C 324 0.84 35.37 -5.23
N GLU C 325 0.29 34.52 -6.09
CA GLU C 325 -0.19 34.98 -7.38
C GLU C 325 -1.52 35.73 -7.37
N PHE C 326 -2.50 35.26 -6.60
CA PHE C 326 -3.80 35.90 -6.59
C PHE C 326 -4.24 36.45 -5.24
N GLY C 327 -3.30 36.50 -4.30
CA GLY C 327 -3.59 37.01 -2.97
C GLY C 327 -4.76 36.36 -2.27
N TRP C 328 -4.70 35.05 -2.11
CA TRP C 328 -5.77 34.30 -1.44
C TRP C 328 -5.41 34.14 0.02
N ALA C 329 -6.36 34.37 0.90
CA ALA C 329 -6.14 34.23 2.33
C ALA C 329 -7.28 33.38 2.89
N LEU C 330 -7.08 32.79 4.06
CA LEU C 330 -8.13 31.97 4.62
C LEU C 330 -9.40 32.81 4.76
N LYS C 331 -9.47 33.63 5.79
CA LYS C 331 -10.63 34.49 5.97
C LYS C 331 -10.63 35.31 4.69
N TYR C 332 -11.42 34.88 3.73
CA TYR C 332 -11.44 35.54 2.43
C TYR C 332 -12.73 36.24 2.04
N THR C 333 -12.56 37.22 1.15
CA THR C 333 -13.62 38.02 0.58
C THR C 333 -13.00 38.48 -0.73
N GLU C 334 -13.75 38.33 -1.81
CA GLU C 334 -13.22 38.72 -3.11
C GLU C 334 -12.67 40.14 -3.05
N PRO C 335 -11.59 40.42 -3.80
CA PRO C 335 -10.97 41.74 -3.80
C PRO C 335 -11.78 42.84 -4.51
N TRP C 336 -12.94 42.48 -5.05
CA TRP C 336 -13.77 43.45 -5.75
C TRP C 336 -15.19 43.55 -5.20
N GLU C 337 -15.37 43.21 -3.93
CA GLU C 337 -16.67 43.27 -3.26
C GLU C 337 -16.55 44.05 -1.96
N ASP C 338 -17.50 43.84 -1.05
CA ASP C 338 -17.51 44.52 0.24
C ASP C 338 -16.26 44.20 1.06
N MET D 17 -2.55 -45.31 -37.40
CA MET D 17 -3.75 -44.44 -37.25
C MET D 17 -5.04 -45.25 -37.47
N ALA D 18 -5.85 -45.36 -36.43
CA ALA D 18 -7.12 -46.09 -36.51
C ALA D 18 -8.22 -45.37 -35.73
N VAL D 19 -8.32 -44.06 -35.93
CA VAL D 19 -9.32 -43.23 -35.27
C VAL D 19 -10.61 -43.14 -36.06
N VAL D 20 -11.74 -43.09 -35.37
CA VAL D 20 -13.05 -43.01 -36.01
C VAL D 20 -13.26 -41.72 -36.81
N LYS D 21 -14.11 -41.80 -37.82
CA LYS D 21 -14.44 -40.68 -38.68
C LYS D 21 -15.00 -39.53 -37.84
N GLU D 22 -15.85 -39.87 -36.88
CA GLU D 22 -16.48 -38.91 -35.99
C GLU D 22 -15.45 -37.94 -35.41
N VAL D 23 -14.41 -38.53 -34.83
CA VAL D 23 -13.32 -37.78 -34.21
C VAL D 23 -12.67 -36.85 -35.22
N LEU D 24 -12.29 -37.40 -36.37
CA LEU D 24 -11.66 -36.60 -37.42
C LEU D 24 -12.52 -35.41 -37.84
N GLU D 25 -13.84 -35.59 -37.85
CA GLU D 25 -14.76 -34.52 -38.23
C GLU D 25 -14.80 -33.41 -37.18
N ILE D 26 -14.92 -33.78 -35.91
CA ILE D 26 -14.98 -32.82 -34.83
C ILE D 26 -13.72 -31.94 -34.80
N ALA D 27 -12.57 -32.54 -35.03
CA ALA D 27 -11.32 -31.81 -35.03
C ALA D 27 -11.28 -30.85 -36.22
N GLU D 28 -11.91 -31.26 -37.31
CA GLU D 28 -11.95 -30.42 -38.51
C GLU D 28 -12.72 -29.14 -38.19
N LYS D 29 -13.90 -29.29 -37.59
CA LYS D 29 -14.71 -28.14 -37.20
C LYS D 29 -13.95 -27.28 -36.18
N ILE D 30 -13.18 -27.92 -35.30
CA ILE D 30 -12.41 -27.18 -34.30
C ILE D 30 -11.23 -26.47 -34.95
N LYS D 31 -10.49 -27.19 -35.78
CA LYS D 31 -9.34 -26.60 -36.44
C LYS D 31 -9.73 -25.44 -37.35
N ASN D 32 -10.88 -25.55 -38.01
CA ASN D 32 -11.33 -24.49 -38.90
C ASN D 32 -12.14 -23.42 -38.20
N MET D 33 -12.44 -23.67 -36.93
CA MET D 33 -13.19 -22.75 -36.09
C MET D 33 -14.69 -22.68 -36.36
N GLU D 34 -15.28 -23.80 -36.76
CA GLU D 34 -16.72 -23.86 -37.01
C GLU D 34 -17.37 -23.97 -35.63
N ILE D 35 -16.54 -24.35 -34.66
CA ILE D 35 -16.97 -24.48 -33.27
C ILE D 35 -16.07 -23.52 -32.48
N ARG D 36 -16.67 -22.47 -31.91
CA ARG D 36 -15.93 -21.47 -31.14
C ARG D 36 -16.46 -21.36 -29.71
N GLY D 37 -15.64 -20.79 -28.82
CA GLY D 37 -16.05 -20.64 -27.44
C GLY D 37 -15.48 -21.72 -26.54
N ALA D 38 -14.93 -21.30 -25.41
CA ALA D 38 -14.33 -22.21 -24.43
C ALA D 38 -15.24 -23.39 -24.11
N GLY D 39 -16.50 -23.12 -23.80
CA GLY D 39 -17.42 -24.19 -23.48
C GLY D 39 -17.70 -25.17 -24.61
N LYS D 40 -18.18 -24.66 -25.74
CA LYS D 40 -18.52 -25.51 -26.88
C LYS D 40 -17.33 -26.33 -27.37
N ILE D 41 -16.18 -25.69 -27.48
CA ILE D 41 -14.98 -26.39 -27.92
C ILE D 41 -14.63 -27.55 -26.99
N ALA D 42 -14.53 -27.29 -25.69
CA ALA D 42 -14.21 -28.32 -24.71
C ALA D 42 -15.20 -29.46 -24.77
N ARG D 43 -16.47 -29.10 -24.77
CA ARG D 43 -17.53 -30.10 -24.82
C ARG D 43 -17.36 -30.98 -26.05
N SER D 44 -16.94 -30.36 -27.16
CA SER D 44 -16.75 -31.09 -28.41
C SER D 44 -15.63 -32.12 -28.34
N ALA D 45 -14.49 -31.71 -27.81
CA ALA D 45 -13.34 -32.61 -27.70
C ALA D 45 -13.66 -33.78 -26.76
N ALA D 46 -14.31 -33.49 -25.65
CA ALA D 46 -14.65 -34.54 -24.70
C ALA D 46 -15.56 -35.54 -25.39
N TYR D 47 -16.51 -35.02 -26.18
CA TYR D 47 -17.46 -35.86 -26.88
C TYR D 47 -16.76 -36.68 -27.96
N ALA D 48 -15.70 -36.13 -28.53
CA ALA D 48 -14.96 -36.82 -29.56
C ALA D 48 -14.32 -38.07 -28.94
N LEU D 49 -13.74 -37.89 -27.76
CA LEU D 49 -13.10 -39.01 -27.06
C LEU D 49 -14.18 -40.04 -26.74
N GLN D 50 -15.35 -39.55 -26.31
CA GLN D 50 -16.47 -40.43 -25.96
C GLN D 50 -16.87 -41.30 -27.13
N LEU D 51 -16.81 -40.74 -28.33
CA LEU D 51 -17.17 -41.47 -29.54
C LEU D 51 -16.12 -42.55 -29.83
N GLN D 52 -14.86 -42.15 -29.84
CA GLN D 52 -13.76 -43.08 -30.09
C GLN D 52 -13.85 -44.26 -29.13
N ALA D 53 -14.48 -44.03 -27.98
CA ALA D 53 -14.63 -45.05 -26.95
C ALA D 53 -15.85 -45.93 -27.18
N GLU D 54 -16.96 -45.32 -27.57
CA GLU D 54 -18.18 -46.09 -27.80
C GLU D 54 -18.06 -46.95 -29.05
N LYS D 55 -17.75 -46.33 -30.18
CA LYS D 55 -17.61 -47.05 -31.44
C LYS D 55 -16.14 -47.32 -31.76
N SER D 56 -15.56 -48.30 -31.08
CA SER D 56 -14.17 -48.67 -31.29
C SER D 56 -14.07 -50.14 -31.68
N LYS D 57 -13.30 -50.44 -32.72
CA LYS D 57 -13.14 -51.81 -33.19
C LYS D 57 -12.13 -52.61 -32.38
N ALA D 58 -11.49 -51.95 -31.41
CA ALA D 58 -10.49 -52.58 -30.56
C ALA D 58 -10.94 -53.94 -30.02
N THR D 59 -10.01 -54.68 -29.43
CA THR D 59 -10.31 -56.00 -28.88
C THR D 59 -9.56 -56.27 -27.59
N ASN D 60 -8.43 -55.59 -27.40
CA ASN D 60 -7.63 -55.76 -26.20
C ASN D 60 -7.50 -54.44 -25.43
N VAL D 61 -7.11 -54.55 -24.17
CA VAL D 61 -6.98 -53.40 -23.28
C VAL D 61 -5.86 -52.40 -23.63
N ASP D 62 -5.06 -52.70 -24.65
CA ASP D 62 -3.98 -51.80 -25.04
C ASP D 62 -4.22 -51.16 -26.39
N GLU D 63 -4.92 -51.87 -27.27
CA GLU D 63 -5.23 -51.37 -28.59
C GLU D 63 -6.17 -50.18 -28.39
N PHE D 64 -7.06 -50.32 -27.41
CA PHE D 64 -8.04 -49.27 -27.07
C PHE D 64 -7.34 -48.04 -26.51
N TRP D 65 -6.59 -48.22 -25.43
CA TRP D 65 -5.88 -47.10 -24.84
C TRP D 65 -4.96 -46.43 -25.86
N LYS D 66 -4.41 -47.23 -26.77
CA LYS D 66 -3.52 -46.68 -27.78
C LYS D 66 -4.30 -45.76 -28.71
N GLU D 67 -5.40 -46.24 -29.26
CA GLU D 67 -6.19 -45.43 -30.16
C GLU D 67 -6.84 -44.24 -29.44
N MET D 68 -7.10 -44.40 -28.14
CA MET D 68 -7.68 -43.32 -27.35
C MET D 68 -6.67 -42.16 -27.30
N LYS D 69 -5.39 -42.50 -27.17
CA LYS D 69 -4.34 -41.49 -27.11
C LYS D 69 -4.11 -40.92 -28.50
N GLN D 70 -4.31 -41.75 -29.51
CA GLN D 70 -4.14 -41.34 -30.91
C GLN D 70 -5.08 -40.18 -31.17
N ALA D 71 -6.33 -40.36 -30.75
CA ALA D 71 -7.37 -39.38 -30.92
C ALA D 71 -7.07 -38.09 -30.18
N ALA D 72 -6.72 -38.21 -28.90
CA ALA D 72 -6.41 -37.06 -28.08
C ALA D 72 -5.29 -36.20 -28.65
N LYS D 73 -4.36 -36.81 -29.37
CA LYS D 73 -3.24 -36.06 -29.94
C LYS D 73 -3.73 -35.21 -31.10
N ILE D 74 -4.62 -35.78 -31.89
CA ILE D 74 -5.18 -35.09 -33.04
C ILE D 74 -5.99 -33.89 -32.55
N LEU D 75 -7.02 -34.15 -31.75
CA LEU D 75 -7.86 -33.11 -31.21
C LEU D 75 -6.99 -32.01 -30.61
N PHE D 76 -5.98 -32.41 -29.84
CA PHE D 76 -5.07 -31.48 -29.21
C PHE D 76 -4.39 -30.55 -30.20
N GLU D 77 -3.86 -31.12 -31.29
CA GLU D 77 -3.15 -30.33 -32.28
C GLU D 77 -3.96 -29.44 -33.21
N THR D 78 -5.29 -29.51 -33.14
CA THR D 78 -6.10 -28.66 -34.02
C THR D 78 -5.82 -27.19 -33.71
N ARG D 79 -5.75 -26.84 -32.43
CA ARG D 79 -5.49 -25.46 -32.03
C ARG D 79 -4.60 -25.37 -30.80
N PRO D 80 -3.32 -25.09 -31.01
CA PRO D 80 -2.38 -24.98 -29.88
C PRO D 80 -2.85 -23.87 -28.93
N THR D 81 -3.47 -22.84 -29.50
CA THR D 81 -3.98 -21.70 -28.75
C THR D 81 -5.12 -22.07 -27.80
N ALA D 82 -6.22 -22.56 -28.37
CA ALA D 82 -7.42 -22.95 -27.60
C ALA D 82 -7.05 -23.38 -26.19
N VAL D 83 -7.69 -22.76 -25.21
CA VAL D 83 -7.41 -23.03 -23.81
C VAL D 83 -8.17 -24.21 -23.23
N SER D 84 -9.48 -24.22 -23.43
CA SER D 84 -10.34 -25.27 -22.90
C SER D 84 -10.13 -26.63 -23.55
N LEU D 85 -9.69 -26.64 -24.80
CA LEU D 85 -9.48 -27.88 -25.53
C LEU D 85 -8.51 -28.79 -24.76
N PRO D 86 -7.28 -28.34 -24.55
CA PRO D 86 -6.29 -29.15 -23.83
C PRO D 86 -6.80 -29.70 -22.50
N ASN D 87 -7.61 -28.93 -21.79
CA ASN D 87 -8.14 -29.38 -20.50
C ASN D 87 -9.20 -30.45 -20.59
N ALA D 88 -10.09 -30.34 -21.59
CA ALA D 88 -11.13 -31.34 -21.76
C ALA D 88 -10.41 -32.66 -22.01
N LEU D 89 -9.37 -32.61 -22.82
CA LEU D 89 -8.59 -33.80 -23.14
C LEU D 89 -7.92 -34.33 -21.88
N ARG D 90 -7.21 -33.46 -21.16
CA ARG D 90 -6.55 -33.86 -19.94
C ARG D 90 -7.53 -34.46 -18.94
N TYR D 91 -8.70 -33.86 -18.82
CA TYR D 91 -9.69 -34.36 -17.89
C TYR D 91 -10.03 -35.81 -18.16
N VAL D 92 -10.39 -36.09 -19.41
CA VAL D 92 -10.76 -37.44 -19.81
C VAL D 92 -9.58 -38.40 -19.89
N MET D 93 -8.45 -37.91 -20.35
CA MET D 93 -7.28 -38.76 -20.48
C MET D 93 -6.51 -39.03 -19.19
N HIS D 94 -6.59 -38.10 -18.23
CA HIS D 94 -5.90 -38.31 -16.98
C HIS D 94 -6.59 -39.44 -16.22
N ARG D 95 -7.92 -39.36 -16.10
CA ARG D 95 -8.67 -40.41 -15.41
C ARG D 95 -8.49 -41.72 -16.15
N GLY D 96 -8.39 -41.63 -17.47
CA GLY D 96 -8.21 -42.81 -18.27
C GLY D 96 -6.84 -43.40 -18.03
N LYS D 97 -5.80 -42.56 -18.11
CA LYS D 97 -4.44 -43.04 -17.90
C LYS D 97 -4.26 -43.64 -16.52
N ILE D 98 -5.01 -43.14 -15.55
CA ILE D 98 -4.92 -43.65 -14.19
C ILE D 98 -5.63 -45.00 -14.08
N ALA D 99 -6.79 -45.11 -14.70
CA ALA D 99 -7.54 -46.36 -14.67
C ALA D 99 -6.76 -47.39 -15.49
N TYR D 100 -6.14 -46.93 -16.57
CA TYR D 100 -5.35 -47.80 -17.44
C TYR D 100 -4.19 -48.45 -16.71
N SER D 101 -3.24 -47.65 -16.27
CA SER D 101 -2.08 -48.16 -15.57
C SER D 101 -2.43 -48.77 -14.22
N SER D 102 -3.73 -48.92 -13.99
CA SER D 102 -4.23 -49.52 -12.76
C SER D 102 -4.54 -50.97 -13.11
N GLY D 103 -4.13 -51.35 -14.32
CA GLY D 103 -4.35 -52.70 -14.80
C GLY D 103 -5.75 -52.95 -15.33
N ALA D 104 -6.60 -51.92 -15.27
CA ALA D 104 -7.98 -52.02 -15.73
C ALA D 104 -8.15 -52.82 -17.01
N ASP D 105 -9.30 -53.47 -17.14
CA ASP D 105 -9.63 -54.30 -18.30
C ASP D 105 -10.05 -53.42 -19.48
N LEU D 106 -10.25 -54.06 -20.64
CA LEU D 106 -10.66 -53.34 -21.84
C LEU D 106 -12.02 -52.68 -21.62
N GLU D 107 -13.06 -53.49 -21.47
CA GLU D 107 -14.41 -52.98 -21.24
C GLU D 107 -14.43 -52.12 -19.99
N GLN D 108 -13.45 -52.32 -19.13
CA GLN D 108 -13.33 -51.58 -17.89
C GLN D 108 -12.83 -50.16 -18.18
N LEU D 109 -11.74 -50.07 -18.93
CA LEU D 109 -11.16 -48.79 -19.31
C LEU D 109 -12.15 -47.96 -20.13
N ARG D 110 -12.82 -48.62 -21.07
CA ARG D 110 -13.78 -47.95 -21.92
C ARG D 110 -14.79 -47.20 -21.06
N PHE D 111 -15.34 -47.91 -20.07
CA PHE D 111 -16.32 -47.34 -19.16
C PHE D 111 -15.79 -46.07 -18.50
N VAL D 112 -14.56 -46.14 -18.00
CA VAL D 112 -13.93 -45.00 -17.35
C VAL D 112 -13.91 -43.78 -18.26
N ILE D 113 -13.38 -43.96 -19.47
CA ILE D 113 -13.29 -42.87 -20.44
C ILE D 113 -14.65 -42.31 -20.82
N ILE D 114 -15.66 -43.16 -20.98
CA ILE D 114 -16.98 -42.68 -21.34
C ILE D 114 -17.66 -41.85 -20.25
N ASN D 115 -17.58 -42.30 -19.01
CA ASN D 115 -18.20 -41.57 -17.92
C ASN D 115 -17.45 -40.28 -17.57
N ALA D 116 -16.14 -40.29 -17.80
CA ALA D 116 -15.32 -39.12 -17.55
C ALA D 116 -15.76 -38.04 -18.52
N ALA D 117 -15.87 -38.39 -19.79
CA ALA D 117 -16.27 -37.45 -20.83
C ALA D 117 -17.71 -37.01 -20.61
N LYS D 118 -18.60 -37.97 -20.43
CA LYS D 118 -20.00 -37.67 -20.21
C LYS D 118 -20.16 -36.75 -18.99
N GLU D 119 -19.36 -36.99 -17.96
CA GLU D 119 -19.43 -36.18 -16.76
C GLU D 119 -18.86 -34.79 -17.04
N PHE D 120 -17.84 -34.72 -17.89
CA PHE D 120 -17.24 -33.44 -18.24
C PHE D 120 -18.25 -32.60 -19.00
N ILE D 121 -18.80 -33.21 -20.04
CA ILE D 121 -19.79 -32.56 -20.88
C ILE D 121 -20.94 -32.01 -20.05
N HIS D 122 -21.56 -32.87 -19.24
CA HIS D 122 -22.67 -32.43 -18.39
C HIS D 122 -22.26 -31.26 -17.51
N ASN D 123 -21.12 -31.43 -16.82
CA ASN D 123 -20.59 -30.38 -15.94
C ASN D 123 -20.43 -29.06 -16.71
N SER D 124 -19.93 -29.14 -17.94
CA SER D 124 -19.74 -27.96 -18.78
C SER D 124 -21.07 -27.33 -19.20
N GLU D 125 -22.03 -28.14 -19.63
CA GLU D 125 -23.34 -27.62 -20.05
C GLU D 125 -23.97 -26.81 -18.92
N LYS D 126 -23.74 -27.24 -17.69
CA LYS D 126 -24.30 -26.55 -16.53
C LYS D 126 -23.38 -25.46 -15.99
N ALA D 127 -22.16 -25.37 -16.54
CA ALA D 127 -21.19 -24.38 -16.09
C ALA D 127 -21.73 -22.96 -15.92
N LEU D 128 -22.29 -22.40 -16.98
CA LEU D 128 -22.80 -21.04 -16.90
C LEU D 128 -23.87 -20.85 -15.83
N GLU D 129 -24.71 -21.86 -15.65
CA GLU D 129 -25.76 -21.79 -14.64
C GLU D 129 -25.20 -21.82 -13.21
N ARG D 130 -24.39 -22.83 -12.91
CA ARG D 130 -23.80 -22.97 -11.58
C ARG D 130 -22.94 -21.77 -11.19
N ILE D 131 -22.19 -21.24 -12.15
CA ILE D 131 -21.35 -20.07 -11.87
C ILE D 131 -22.27 -18.94 -11.44
N GLY D 132 -23.41 -18.82 -12.14
CA GLY D 132 -24.38 -17.80 -11.82
C GLY D 132 -24.84 -17.93 -10.38
N GLU D 133 -25.14 -19.17 -9.98
CA GLU D 133 -25.59 -19.47 -8.62
C GLU D 133 -24.54 -19.06 -7.59
N PHE D 134 -23.32 -19.58 -7.76
CA PHE D 134 -22.22 -19.29 -6.85
C PHE D 134 -21.92 -17.79 -6.75
N GLY D 135 -21.90 -17.11 -7.89
CA GLY D 135 -21.62 -15.69 -7.86
C GLY D 135 -22.74 -14.85 -7.26
N ALA D 136 -23.98 -15.26 -7.49
CA ALA D 136 -25.13 -14.53 -6.96
C ALA D 136 -25.13 -14.48 -5.43
N LYS D 137 -24.61 -15.54 -4.80
CA LYS D 137 -24.54 -15.60 -3.34
C LYS D 137 -23.71 -14.43 -2.82
N ARG D 138 -22.79 -13.96 -3.65
CA ARG D 138 -21.92 -12.84 -3.28
C ARG D 138 -22.49 -11.51 -3.76
N ILE D 139 -23.72 -11.54 -4.27
CA ILE D 139 -24.37 -10.32 -4.76
C ILE D 139 -25.51 -9.93 -3.82
N GLU D 140 -25.49 -8.68 -3.36
CA GLU D 140 -26.51 -8.21 -2.42
C GLU D 140 -27.50 -7.20 -3.00
N ASP D 141 -28.68 -7.20 -2.41
CA ASP D 141 -29.75 -6.29 -2.80
C ASP D 141 -29.24 -4.85 -2.72
N GLY D 142 -29.39 -4.11 -3.82
CA GLY D 142 -28.92 -2.73 -3.86
C GLY D 142 -27.49 -2.58 -4.38
N ASP D 143 -26.83 -3.69 -4.69
CA ASP D 143 -25.46 -3.63 -5.19
C ASP D 143 -25.34 -3.00 -6.56
N VAL D 144 -24.36 -2.11 -6.70
CA VAL D 144 -24.05 -1.45 -7.96
C VAL D 144 -22.82 -2.27 -8.43
N ILE D 145 -22.94 -2.89 -9.59
CA ILE D 145 -21.90 -3.75 -10.14
C ILE D 145 -21.21 -3.25 -11.42
N MET D 146 -19.88 -3.26 -11.42
CA MET D 146 -19.15 -2.84 -12.61
C MET D 146 -18.59 -4.06 -13.34
N THR D 147 -18.67 -4.04 -14.68
CA THR D 147 -18.18 -5.14 -15.50
C THR D 147 -17.41 -4.61 -16.72
N HIS D 148 -16.86 -5.53 -17.51
CA HIS D 148 -16.07 -5.16 -18.69
C HIS D 148 -16.26 -6.23 -19.78
N CYS D 149 -16.02 -5.86 -21.03
CA CYS D 149 -16.19 -6.77 -22.19
C CYS D 149 -17.61 -7.35 -22.23
N HIS D 150 -17.74 -8.56 -22.77
CA HIS D 150 -19.05 -9.23 -22.84
C HIS D 150 -18.82 -10.66 -22.35
N SER D 151 -18.96 -10.86 -21.06
CA SER D 151 -18.73 -12.18 -20.50
C SER D 151 -20.00 -12.91 -20.11
N LYS D 152 -20.26 -14.05 -20.73
CA LYS D 152 -21.45 -14.82 -20.42
C LYS D 152 -21.47 -15.22 -18.94
N ALA D 153 -20.32 -15.66 -18.43
CA ALA D 153 -20.23 -16.07 -17.02
C ALA D 153 -20.53 -14.89 -16.08
N ALA D 154 -19.96 -13.73 -16.36
CA ALA D 154 -20.19 -12.55 -15.53
C ALA D 154 -21.65 -12.15 -15.63
N ILE D 155 -22.16 -12.15 -16.85
CA ILE D 155 -23.54 -11.78 -17.09
C ILE D 155 -24.48 -12.75 -16.37
N SER D 156 -24.07 -14.02 -16.27
CA SER D 156 -24.89 -15.01 -15.62
C SER D 156 -25.02 -14.78 -14.11
N VAL D 157 -24.02 -14.15 -13.52
CA VAL D 157 -24.05 -13.87 -12.10
C VAL D 157 -25.05 -12.74 -11.84
N MET D 158 -24.98 -11.71 -12.68
CA MET D 158 -25.86 -10.56 -12.58
C MET D 158 -27.31 -10.92 -12.85
N LYS D 159 -27.53 -11.78 -13.82
CA LYS D 159 -28.87 -12.23 -14.19
C LYS D 159 -29.49 -13.09 -13.07
N THR D 160 -28.70 -13.99 -12.50
CA THR D 160 -29.19 -14.85 -11.43
C THR D 160 -29.51 -14.02 -10.19
N ALA D 161 -28.69 -13.01 -9.93
CA ALA D 161 -28.90 -12.17 -8.76
C ALA D 161 -30.17 -11.36 -8.94
N TRP D 162 -30.46 -10.97 -10.18
CA TRP D 162 -31.67 -10.23 -10.45
C TRP D 162 -32.88 -11.16 -10.37
N GLU D 163 -32.74 -12.38 -10.88
CA GLU D 163 -33.83 -13.35 -10.86
C GLU D 163 -34.15 -13.81 -9.44
N GLN D 164 -33.25 -13.52 -8.50
CA GLN D 164 -33.46 -13.88 -7.10
C GLN D 164 -34.09 -12.68 -6.42
N GLY D 165 -34.56 -11.72 -7.23
CA GLY D 165 -35.20 -10.54 -6.69
C GLY D 165 -34.28 -9.48 -6.10
N LYS D 166 -32.98 -9.63 -6.28
CA LYS D 166 -32.03 -8.65 -5.77
C LYS D 166 -32.03 -7.39 -6.63
N ASP D 167 -32.13 -6.24 -6.00
CA ASP D 167 -32.17 -4.97 -6.71
C ASP D 167 -30.78 -4.47 -7.05
N ILE D 168 -30.28 -4.82 -8.22
CA ILE D 168 -28.94 -4.40 -8.64
C ILE D 168 -28.95 -3.45 -9.82
N LYS D 169 -27.81 -2.80 -10.03
CA LYS D 169 -27.64 -1.88 -11.15
C LYS D 169 -26.27 -2.22 -11.69
N VAL D 170 -26.14 -2.32 -13.01
CA VAL D 170 -24.85 -2.67 -13.57
C VAL D 170 -24.21 -1.54 -14.37
N ILE D 171 -22.98 -1.18 -14.00
CA ILE D 171 -22.26 -0.14 -14.72
C ILE D 171 -21.44 -0.87 -15.78
N VAL D 172 -21.84 -0.68 -17.04
CA VAL D 172 -21.19 -1.32 -18.17
C VAL D 172 -20.17 -0.42 -18.88
N THR D 173 -18.91 -0.86 -18.89
CA THR D 173 -17.87 -0.09 -19.58
C THR D 173 -17.86 -0.44 -21.06
N GLU D 174 -17.80 0.62 -21.86
CA GLU D 174 -17.78 0.56 -23.31
C GLU D 174 -16.98 -0.61 -23.88
N THR D 175 -15.72 -0.71 -23.44
CA THR D 175 -14.83 -1.76 -23.88
C THR D 175 -14.33 -1.61 -25.30
N ARG D 176 -13.61 -0.53 -25.57
CA ARG D 176 -13.04 -0.34 -26.90
C ARG D 176 -12.01 -1.47 -27.07
N PRO D 177 -11.61 -1.76 -28.31
CA PRO D 177 -12.08 -1.10 -29.52
C PRO D 177 -13.36 -1.70 -30.12
N LYS D 178 -13.59 -2.99 -29.92
CA LYS D 178 -14.77 -3.64 -30.48
C LYS D 178 -16.11 -3.38 -29.83
N TRP D 179 -16.15 -2.52 -28.84
CA TRP D 179 -17.40 -2.15 -28.17
C TRP D 179 -18.27 -3.27 -27.58
N GLN D 180 -17.67 -4.34 -27.03
CA GLN D 180 -18.49 -5.41 -26.46
C GLN D 180 -19.45 -4.90 -25.37
N GLY D 181 -19.19 -3.70 -24.84
CA GLY D 181 -20.06 -3.14 -23.83
C GLY D 181 -21.49 -2.91 -24.33
N LYS D 182 -21.64 -2.57 -25.60
CA LYS D 182 -22.97 -2.34 -26.16
C LYS D 182 -23.81 -3.62 -26.06
N ILE D 183 -23.20 -4.74 -26.42
CA ILE D 183 -23.91 -6.01 -26.36
C ILE D 183 -24.28 -6.33 -24.93
N THR D 184 -23.37 -6.04 -24.00
CA THR D 184 -23.61 -6.29 -22.59
C THR D 184 -24.72 -5.39 -22.03
N ALA D 185 -24.70 -4.12 -22.41
CA ALA D 185 -25.71 -3.17 -21.93
C ALA D 185 -27.09 -3.61 -22.39
N LYS D 186 -27.22 -3.86 -23.68
CA LYS D 186 -28.47 -4.30 -24.27
C LYS D 186 -28.93 -5.64 -23.70
N GLU D 187 -28.02 -6.60 -23.59
CA GLU D 187 -28.38 -7.90 -23.06
C GLU D 187 -28.90 -7.77 -21.63
N LEU D 188 -28.13 -7.10 -20.77
CA LEU D 188 -28.55 -6.91 -19.38
C LEU D 188 -29.90 -6.17 -19.31
N ALA D 189 -30.01 -5.05 -20.03
CA ALA D 189 -31.25 -4.28 -20.05
C ALA D 189 -32.43 -5.14 -20.50
N SER D 190 -32.19 -6.05 -21.44
CA SER D 190 -33.24 -6.93 -21.94
C SER D 190 -33.89 -7.75 -20.83
N TYR D 191 -33.10 -8.13 -19.81
CA TYR D 191 -33.65 -8.90 -18.70
C TYR D 191 -34.35 -7.95 -17.73
N GLY D 192 -34.19 -6.66 -17.97
CA GLY D 192 -34.80 -5.65 -17.13
C GLY D 192 -33.87 -5.04 -16.08
N ILE D 193 -32.59 -5.36 -16.15
CA ILE D 193 -31.61 -4.83 -15.21
C ILE D 193 -31.21 -3.40 -15.58
N PRO D 194 -31.29 -2.47 -14.61
CA PRO D 194 -30.91 -1.08 -14.88
C PRO D 194 -29.43 -1.05 -15.29
N VAL D 195 -29.12 -0.29 -16.33
CA VAL D 195 -27.75 -0.22 -16.81
C VAL D 195 -27.24 1.20 -16.98
N ILE D 196 -25.98 1.40 -16.62
CA ILE D 196 -25.34 2.67 -16.77
C ILE D 196 -24.18 2.36 -17.70
N TYR D 197 -24.23 2.88 -18.92
CA TYR D 197 -23.20 2.64 -19.92
C TYR D 197 -22.18 3.76 -19.81
N VAL D 198 -20.91 3.40 -19.73
CA VAL D 198 -19.87 4.41 -19.56
C VAL D 198 -18.60 4.11 -20.35
N VAL D 199 -17.84 5.17 -20.64
CA VAL D 199 -16.58 5.04 -21.36
C VAL D 199 -15.56 4.37 -20.41
N ASP D 200 -14.65 3.56 -20.95
CA ASP D 200 -13.65 2.84 -20.13
C ASP D 200 -12.88 3.76 -19.22
N SER D 201 -12.50 4.92 -19.76
CA SER D 201 -11.75 5.92 -19.02
C SER D 201 -12.48 6.39 -17.78
N ALA D 202 -13.70 5.90 -17.56
CA ALA D 202 -14.45 6.36 -16.40
C ALA D 202 -14.56 5.32 -15.30
N ALA D 203 -13.84 4.21 -15.43
CA ALA D 203 -13.89 3.16 -14.43
C ALA D 203 -13.48 3.65 -13.02
N ARG D 204 -12.47 4.51 -12.91
CA ARG D 204 -12.08 4.98 -11.58
C ARG D 204 -13.11 5.94 -11.00
N HIS D 205 -13.51 6.91 -11.81
CA HIS D 205 -14.47 7.91 -11.39
C HIS D 205 -15.74 7.31 -10.78
N TYR D 206 -16.17 6.15 -11.27
CA TYR D 206 -17.37 5.50 -10.75
C TYR D 206 -17.10 4.33 -9.83
N MET D 207 -15.83 4.04 -9.56
CA MET D 207 -15.48 2.94 -8.68
C MET D 207 -15.91 3.35 -7.28
N LYS D 208 -16.02 4.66 -7.08
CA LYS D 208 -16.43 5.25 -5.81
C LYS D 208 -17.86 4.86 -5.43
N MET D 209 -18.68 4.52 -6.43
CA MET D 209 -20.05 4.12 -6.14
C MET D 209 -20.32 2.66 -6.54
N THR D 210 -19.26 1.89 -6.74
CA THR D 210 -19.41 0.49 -7.10
C THR D 210 -19.23 -0.38 -5.85
N ASP D 211 -20.06 -1.42 -5.72
CA ASP D 211 -20.00 -2.31 -4.58
C ASP D 211 -19.29 -3.62 -4.93
N LYS D 212 -19.46 -4.07 -6.17
CA LYS D 212 -18.86 -5.32 -6.63
C LYS D 212 -18.38 -5.17 -8.06
N VAL D 213 -17.31 -5.91 -8.39
CA VAL D 213 -16.77 -5.92 -9.73
C VAL D 213 -16.84 -7.37 -10.17
N VAL D 214 -17.53 -7.62 -11.29
CA VAL D 214 -17.66 -8.97 -11.82
C VAL D 214 -17.32 -8.98 -13.31
N MET D 215 -16.21 -9.62 -13.64
CA MET D 215 -15.74 -9.73 -15.01
C MET D 215 -15.45 -11.18 -15.31
N GLY D 216 -15.20 -11.48 -16.58
CA GLY D 216 -14.90 -12.84 -16.99
C GLY D 216 -13.40 -12.99 -17.25
N ALA D 217 -13.04 -13.97 -18.07
CA ALA D 217 -11.64 -14.20 -18.36
C ALA D 217 -11.45 -15.14 -19.51
N ASP D 218 -10.48 -14.82 -20.37
CA ASP D 218 -10.13 -15.67 -21.49
C ASP D 218 -9.42 -16.87 -20.90
N SER D 219 -8.57 -16.64 -19.90
CA SER D 219 -7.85 -17.73 -19.23
C SER D 219 -7.22 -17.30 -17.90
N ILE D 220 -6.90 -18.28 -17.06
CA ILE D 220 -6.27 -18.02 -15.76
C ILE D 220 -4.88 -18.66 -15.73
N THR D 221 -3.89 -17.98 -15.19
CA THR D 221 -2.53 -18.54 -15.12
C THR D 221 -2.31 -19.35 -13.84
N VAL D 222 -1.18 -20.05 -13.78
CA VAL D 222 -0.85 -20.86 -12.61
C VAL D 222 -0.75 -20.02 -11.34
N ASN D 223 -0.47 -18.73 -11.51
CA ASN D 223 -0.37 -17.83 -10.36
C ASN D 223 -1.73 -17.23 -10.05
N GLY D 224 -2.73 -17.63 -10.82
CA GLY D 224 -4.06 -17.09 -10.62
C GLY D 224 -4.23 -15.73 -11.26
N ALA D 225 -3.32 -15.36 -12.17
CA ALA D 225 -3.43 -14.07 -12.86
C ALA D 225 -4.52 -14.24 -13.92
N VAL D 226 -5.20 -13.16 -14.24
CA VAL D 226 -6.29 -13.20 -15.20
C VAL D 226 -6.00 -12.58 -16.57
N ILE D 227 -6.17 -13.39 -17.63
CA ILE D 227 -5.98 -12.93 -19.01
C ILE D 227 -7.37 -12.52 -19.51
N ASN D 228 -7.54 -11.25 -19.88
CA ASN D 228 -8.84 -10.77 -20.33
C ASN D 228 -8.66 -9.52 -21.20
N LYS D 229 -9.72 -9.11 -21.89
CA LYS D 229 -9.70 -7.94 -22.77
C LYS D 229 -9.02 -6.74 -22.10
N ILE D 230 -8.17 -6.03 -22.85
CA ILE D 230 -7.48 -4.87 -22.26
C ILE D 230 -8.44 -4.02 -21.48
N GLY D 231 -7.93 -3.37 -20.45
CA GLY D 231 -8.77 -2.53 -19.60
C GLY D 231 -9.15 -3.25 -18.33
N THR D 232 -9.27 -4.58 -18.42
CA THR D 232 -9.62 -5.41 -17.28
C THR D 232 -8.70 -5.15 -16.08
N ALA D 233 -7.39 -5.16 -16.30
CA ALA D 233 -6.44 -4.97 -15.22
C ALA D 233 -6.55 -3.57 -14.65
N LEU D 234 -6.90 -2.62 -15.50
CA LEU D 234 -7.06 -1.23 -15.06
C LEU D 234 -8.19 -1.15 -14.05
N ILE D 235 -9.31 -1.79 -14.40
CA ILE D 235 -10.49 -1.77 -13.54
C ILE D 235 -10.18 -2.47 -12.24
N ALA D 236 -9.50 -3.60 -12.31
CA ALA D 236 -9.13 -4.34 -11.11
C ALA D 236 -8.24 -3.48 -10.20
N LEU D 237 -7.31 -2.74 -10.81
CA LEU D 237 -6.39 -1.87 -10.08
C LEU D 237 -7.14 -0.86 -9.21
N THR D 238 -8.00 -0.06 -9.84
CA THR D 238 -8.76 0.94 -9.12
C THR D 238 -9.77 0.27 -8.17
N ALA D 239 -10.23 -0.92 -8.50
CA ALA D 239 -11.18 -1.62 -7.61
C ALA D 239 -10.45 -1.96 -6.32
N LYS D 240 -9.20 -2.38 -6.47
CA LYS D 240 -8.36 -2.74 -5.34
C LYS D 240 -8.07 -1.49 -4.52
N GLU D 241 -7.85 -0.37 -5.20
CA GLU D 241 -7.59 0.91 -4.55
C GLU D 241 -8.78 1.40 -3.72
N HIS D 242 -9.98 0.93 -4.05
CA HIS D 242 -11.22 1.33 -3.37
C HIS D 242 -11.79 0.22 -2.50
N ARG D 243 -11.04 -0.87 -2.37
CA ARG D 243 -11.47 -2.02 -1.58
C ARG D 243 -12.81 -2.53 -2.07
N VAL D 244 -13.02 -2.44 -3.37
CA VAL D 244 -14.24 -2.93 -3.97
C VAL D 244 -14.02 -4.40 -4.31
N TRP D 245 -14.83 -5.26 -3.71
CA TRP D 245 -14.79 -6.70 -3.89
C TRP D 245 -14.85 -7.04 -5.38
N THR D 246 -13.81 -7.71 -5.85
CA THR D 246 -13.66 -8.05 -7.26
C THR D 246 -13.73 -9.56 -7.52
N MET D 247 -14.73 -9.97 -8.30
CA MET D 247 -14.88 -11.37 -8.63
C MET D 247 -14.65 -11.61 -10.13
N ILE D 248 -14.04 -12.75 -10.45
CA ILE D 248 -13.78 -13.13 -11.83
C ILE D 248 -14.50 -14.45 -12.03
N ALA D 249 -15.46 -14.47 -12.95
CA ALA D 249 -16.23 -15.67 -13.23
C ALA D 249 -15.56 -16.44 -14.35
N ALA D 250 -15.18 -17.69 -14.06
CA ALA D 250 -14.49 -18.49 -15.06
C ALA D 250 -14.60 -19.99 -14.82
N GLU D 251 -14.79 -20.74 -15.89
CA GLU D 251 -14.89 -22.18 -15.82
C GLU D 251 -13.53 -22.79 -15.44
N THR D 252 -13.54 -23.97 -14.83
CA THR D 252 -12.29 -24.61 -14.46
C THR D 252 -11.42 -24.84 -15.69
N TYR D 253 -12.05 -25.23 -16.81
CA TYR D 253 -11.26 -25.47 -18.01
C TYR D 253 -10.55 -24.26 -18.61
N LYS D 254 -10.65 -23.10 -17.95
CA LYS D 254 -9.94 -21.92 -18.44
C LYS D 254 -8.65 -21.70 -17.64
N PHE D 255 -8.38 -22.62 -16.70
CA PHE D 255 -7.18 -22.53 -15.89
C PHE D 255 -6.03 -23.12 -16.71
N HIS D 256 -5.00 -22.29 -16.87
CA HIS D 256 -3.83 -22.61 -17.67
C HIS D 256 -2.59 -22.90 -16.81
N PRO D 257 -1.83 -23.95 -17.14
CA PRO D 257 -0.62 -24.36 -16.43
C PRO D 257 0.63 -23.48 -16.55
N GLU D 258 0.66 -22.53 -17.49
CA GLU D 258 1.84 -21.68 -17.61
C GLU D 258 1.70 -20.28 -17.06
N THR D 259 2.81 -19.56 -17.04
CA THR D 259 2.89 -18.18 -16.56
C THR D 259 2.71 -17.20 -17.71
N MET D 260 2.13 -16.04 -17.42
CA MET D 260 1.92 -15.03 -18.45
C MET D 260 2.12 -13.64 -17.87
N LEU D 261 2.15 -13.55 -16.53
CA LEU D 261 2.33 -12.27 -15.85
C LEU D 261 3.56 -11.53 -16.37
N GLY D 262 4.64 -12.27 -16.65
CA GLY D 262 5.85 -11.65 -17.16
C GLY D 262 6.45 -12.41 -18.33
N GLN D 263 5.65 -13.26 -18.95
CA GLN D 263 6.11 -14.07 -20.10
C GLN D 263 5.47 -13.63 -21.42
N LEU D 264 4.29 -13.03 -21.34
CA LEU D 264 3.58 -12.57 -22.53
C LEU D 264 3.86 -11.09 -22.76
N VAL D 265 4.00 -10.34 -21.68
CA VAL D 265 4.27 -8.91 -21.75
C VAL D 265 5.77 -8.62 -21.63
N GLU D 268 -1.02 -11.33 -27.70
CA GLU D 268 -1.64 -11.33 -29.02
C GLU D 268 -2.05 -9.93 -29.46
N MET D 269 -1.49 -9.46 -30.58
CA MET D 269 -1.82 -8.15 -31.13
C MET D 269 -2.88 -8.33 -32.21
N ARG D 270 -3.91 -7.49 -32.21
CA ARG D 270 -4.98 -7.62 -33.19
C ARG D 270 -4.91 -6.54 -34.26
N ASP D 271 -5.74 -6.71 -35.28
CA ASP D 271 -5.83 -5.80 -36.41
C ASP D 271 -5.98 -4.33 -35.97
N PRO D 272 -5.01 -3.49 -36.35
CA PRO D 272 -5.01 -2.06 -36.01
C PRO D 272 -6.26 -1.33 -36.49
N THR D 273 -6.88 -1.87 -37.54
CA THR D 273 -8.08 -1.27 -38.12
C THR D 273 -9.31 -1.41 -37.24
N GLU D 274 -9.19 -2.20 -36.18
CA GLU D 274 -10.30 -2.39 -35.23
C GLU D 274 -10.41 -1.08 -34.44
N VAL D 275 -9.28 -0.39 -34.30
CA VAL D 275 -9.20 0.88 -33.57
C VAL D 275 -9.47 2.07 -34.49
N ILE D 276 -8.71 2.16 -35.57
CA ILE D 276 -8.88 3.25 -36.52
C ILE D 276 -9.22 2.64 -37.88
N PRO D 277 -10.46 2.87 -38.35
CA PRO D 277 -10.97 2.38 -39.63
C PRO D 277 -10.01 2.49 -40.81
N GLU D 278 -10.03 1.49 -41.66
CA GLU D 278 -9.19 1.41 -42.86
C GLU D 278 -9.10 2.73 -43.60
N ASP D 279 -10.25 3.24 -44.05
CA ASP D 279 -10.29 4.50 -44.79
C ASP D 279 -9.59 5.62 -44.04
N GLU D 280 -9.80 5.63 -42.73
CA GLU D 280 -9.22 6.64 -41.85
C GLU D 280 -7.74 6.40 -41.59
N LEU D 281 -7.37 5.15 -41.31
CA LEU D 281 -5.99 4.80 -41.01
C LEU D 281 -4.99 5.11 -42.11
N LYS D 282 -5.40 4.94 -43.37
CA LYS D 282 -4.50 5.21 -44.48
C LYS D 282 -4.26 6.71 -44.67
N THR D 283 -5.18 7.54 -44.16
CA THR D 283 -5.04 8.99 -44.26
C THR D 283 -4.18 9.55 -43.12
N TRP D 284 -3.65 8.67 -42.29
CA TRP D 284 -2.82 9.06 -41.16
C TRP D 284 -1.32 9.01 -41.46
N PRO D 285 -0.52 9.85 -40.77
CA PRO D 285 0.94 9.90 -40.95
C PRO D 285 1.54 8.50 -40.95
N LYS D 286 2.81 8.42 -41.35
CA LYS D 286 3.48 7.12 -41.41
C LYS D 286 4.21 6.79 -40.11
N ASN D 287 4.58 7.82 -39.35
CA ASN D 287 5.31 7.62 -38.11
C ASN D 287 4.39 7.39 -36.91
N ILE D 288 3.08 7.37 -37.16
CA ILE D 288 2.11 7.11 -36.09
C ILE D 288 1.80 5.62 -36.19
N GLU D 289 2.00 4.91 -35.08
CA GLU D 289 1.78 3.48 -35.04
C GLU D 289 0.65 3.11 -34.08
N VAL D 290 -0.37 2.43 -34.59
CA VAL D 290 -1.51 2.02 -33.78
C VAL D 290 -1.35 0.59 -33.28
N TRP D 291 -1.23 0.45 -31.96
CA TRP D 291 -1.10 -0.87 -31.35
C TRP D 291 -2.45 -1.25 -30.79
N ASN D 292 -2.87 -2.48 -31.06
CA ASN D 292 -4.17 -2.95 -30.60
C ASN D 292 -4.06 -4.27 -29.85
N PRO D 293 -3.48 -4.23 -28.64
CA PRO D 293 -3.32 -5.43 -27.80
C PRO D 293 -4.67 -5.99 -27.39
N ALA D 294 -4.85 -7.30 -27.56
CA ALA D 294 -6.13 -7.93 -27.23
C ALA D 294 -6.40 -8.02 -25.74
N PHE D 295 -5.39 -8.40 -24.96
CA PHE D 295 -5.56 -8.55 -23.53
C PHE D 295 -4.49 -7.82 -22.72
N ASP D 296 -4.67 -7.88 -21.42
CA ASP D 296 -3.71 -7.34 -20.47
C ASP D 296 -3.71 -8.40 -19.36
N VAL D 297 -2.77 -8.34 -18.44
CA VAL D 297 -2.73 -9.34 -17.39
C VAL D 297 -3.05 -8.74 -16.04
N THR D 298 -4.09 -9.26 -15.42
CA THR D 298 -4.52 -8.78 -14.12
C THR D 298 -3.83 -9.59 -13.05
N PRO D 299 -3.01 -8.93 -12.23
CA PRO D 299 -2.26 -9.56 -11.14
C PRO D 299 -3.21 -10.22 -10.14
N PRO D 300 -2.84 -11.40 -9.60
CA PRO D 300 -3.65 -12.14 -8.62
C PRO D 300 -4.08 -11.29 -7.42
N GLU D 301 -3.20 -10.40 -6.97
CA GLU D 301 -3.50 -9.53 -5.83
C GLU D 301 -4.67 -8.57 -6.05
N TYR D 302 -4.98 -8.29 -7.31
CA TYR D 302 -6.09 -7.39 -7.61
C TYR D 302 -7.41 -8.15 -7.78
N VAL D 303 -7.39 -9.45 -7.48
CA VAL D 303 -8.60 -10.28 -7.60
C VAL D 303 -8.91 -11.01 -6.29
N ASP D 304 -10.10 -10.78 -5.74
CA ASP D 304 -10.49 -11.44 -4.49
C ASP D 304 -10.83 -12.90 -4.63
N VAL D 305 -11.65 -13.24 -5.63
CA VAL D 305 -12.04 -14.63 -5.83
C VAL D 305 -12.38 -14.95 -7.28
N ILE D 306 -12.26 -16.21 -7.64
CA ILE D 306 -12.60 -16.65 -8.98
C ILE D 306 -13.81 -17.53 -8.81
N ILE D 307 -14.87 -17.24 -9.57
CA ILE D 307 -16.11 -18.00 -9.51
C ILE D 307 -16.11 -19.04 -10.62
N THR D 308 -16.07 -20.31 -10.22
CA THR D 308 -16.06 -21.44 -11.16
C THR D 308 -17.37 -22.25 -11.04
N GLU D 309 -17.53 -23.28 -11.88
CA GLU D 309 -18.75 -24.11 -11.82
C GLU D 309 -18.70 -25.00 -10.58
N ARG D 310 -17.50 -25.17 -10.04
CA ARG D 310 -17.34 -26.02 -8.87
C ARG D 310 -17.24 -25.26 -7.55
N GLY D 311 -17.39 -23.94 -7.61
CA GLY D 311 -17.33 -23.14 -6.40
C GLY D 311 -16.43 -21.93 -6.48
N ILE D 312 -16.49 -21.09 -5.44
CA ILE D 312 -15.67 -19.89 -5.37
C ILE D 312 -14.33 -20.19 -4.71
N ILE D 313 -13.25 -19.78 -5.36
CA ILE D 313 -11.90 -20.02 -4.84
C ILE D 313 -11.03 -18.79 -4.94
N PRO D 314 -9.92 -18.76 -4.19
CA PRO D 314 -9.00 -17.62 -4.23
C PRO D 314 -8.13 -17.81 -5.49
N PRO D 315 -7.63 -16.72 -6.08
CA PRO D 315 -6.80 -16.80 -7.29
C PRO D 315 -5.65 -17.81 -7.22
N TYR D 316 -4.88 -17.75 -6.14
CA TYR D 316 -3.73 -18.63 -5.95
C TYR D 316 -4.08 -20.11 -5.74
N ALA D 317 -5.36 -20.44 -5.80
CA ALA D 317 -5.79 -21.83 -5.67
C ALA D 317 -5.88 -22.43 -7.07
N ALA D 318 -5.56 -21.61 -8.07
CA ALA D 318 -5.59 -22.01 -9.47
C ALA D 318 -4.85 -23.32 -9.73
N ILE D 319 -3.66 -23.43 -9.15
CA ILE D 319 -2.84 -24.61 -9.32
C ILE D 319 -3.48 -25.87 -8.71
N ASP D 320 -4.31 -25.68 -7.68
CA ASP D 320 -4.99 -26.82 -7.06
C ASP D 320 -6.01 -27.33 -8.05
N ILE D 321 -6.63 -26.41 -8.77
CA ILE D 321 -7.62 -26.78 -9.75
C ILE D 321 -6.97 -27.57 -10.87
N LEU D 322 -5.83 -27.09 -11.34
CA LEU D 322 -5.11 -27.77 -12.40
C LEU D 322 -4.74 -29.18 -11.96
N ARG D 323 -4.41 -29.32 -10.68
CA ARG D 323 -4.02 -30.60 -10.11
C ARG D 323 -5.22 -31.56 -9.97
N GLU D 324 -6.22 -31.14 -9.19
CA GLU D 324 -7.41 -31.97 -8.96
C GLU D 324 -8.24 -32.26 -10.20
N GLU D 325 -8.37 -31.28 -11.08
CA GLU D 325 -9.18 -31.46 -12.27
C GLU D 325 -8.53 -32.14 -13.46
N PHE D 326 -7.43 -31.59 -13.94
CA PHE D 326 -6.75 -32.10 -15.12
C PHE D 326 -5.45 -32.87 -14.84
N GLY D 327 -5.35 -33.39 -13.63
CA GLY D 327 -4.17 -34.15 -13.23
C GLY D 327 -2.85 -33.51 -13.59
N TRP D 328 -2.74 -32.21 -13.34
CA TRP D 328 -1.50 -31.51 -13.65
C TRP D 328 -0.48 -31.66 -12.52
N ALA D 329 0.79 -31.57 -12.90
CA ALA D 329 1.90 -31.69 -11.96
C ALA D 329 3.15 -31.39 -12.75
N LEU D 330 4.26 -31.16 -12.07
CA LEU D 330 5.51 -30.87 -12.76
C LEU D 330 6.06 -32.11 -13.46
N LYS D 331 5.26 -33.18 -13.48
CA LYS D 331 5.67 -34.41 -14.13
C LYS D 331 5.85 -34.10 -15.61
N TYR D 332 5.28 -32.97 -16.01
CA TYR D 332 5.33 -32.48 -17.38
C TYR D 332 5.17 -33.52 -18.48
N THR D 333 4.05 -34.23 -18.43
CA THR D 333 3.73 -35.23 -19.45
C THR D 333 2.22 -35.36 -19.58
N GLU D 334 1.75 -35.03 -20.76
CA GLU D 334 0.33 -35.08 -21.07
C GLU D 334 -0.16 -36.53 -21.05
N PRO D 335 -1.41 -36.75 -20.62
CA PRO D 335 -2.02 -38.08 -20.54
C PRO D 335 -1.96 -38.88 -21.84
N TRP D 336 -2.00 -38.19 -22.97
CA TRP D 336 -1.94 -38.85 -24.26
C TRP D 336 -0.49 -38.95 -24.75
N GLU D 337 0.43 -38.68 -23.82
CA GLU D 337 1.86 -38.75 -24.13
C GLU D 337 2.51 -39.80 -23.23
N ASP D 338 3.82 -39.98 -23.42
CA ASP D 338 4.61 -40.93 -22.65
C ASP D 338 6.04 -41.02 -23.19
N ALA E 18 33.48 46.27 -8.29
CA ALA E 18 33.92 47.17 -7.20
C ALA E 18 34.07 46.39 -5.89
N VAL E 19 34.12 45.07 -6.03
CA VAL E 19 34.25 44.17 -4.88
C VAL E 19 35.55 44.35 -4.11
N VAL E 20 35.47 44.20 -2.79
CA VAL E 20 36.64 44.35 -1.93
C VAL E 20 37.52 43.12 -1.89
N LYS E 21 38.82 43.35 -1.73
CA LYS E 21 39.82 42.28 -1.69
C LYS E 21 39.40 41.02 -0.93
N GLU E 22 39.00 41.18 0.33
CA GLU E 22 38.63 40.05 1.16
C GLU E 22 37.56 39.13 0.56
N VAL E 23 36.69 39.68 -0.28
CA VAL E 23 35.64 38.88 -0.90
C VAL E 23 36.21 38.00 -2.01
N LEU E 24 37.17 38.53 -2.75
CA LEU E 24 37.79 37.78 -3.82
C LEU E 24 38.68 36.69 -3.22
N GLU E 25 39.21 36.95 -2.04
CA GLU E 25 40.04 35.97 -1.34
C GLU E 25 39.18 34.76 -0.97
N ILE E 26 38.14 34.98 -0.17
CA ILE E 26 37.25 33.89 0.23
C ILE E 26 36.64 33.24 -1.00
N ALA E 27 36.34 34.05 -2.01
CA ALA E 27 35.75 33.52 -3.24
C ALA E 27 36.69 32.50 -3.88
N GLU E 28 37.97 32.84 -3.94
CA GLU E 28 38.96 31.97 -4.54
C GLU E 28 39.12 30.65 -3.79
N LYS E 29 39.06 30.70 -2.47
CA LYS E 29 39.21 29.49 -1.67
C LYS E 29 38.03 28.54 -1.86
N ILE E 30 36.85 29.08 -2.13
CA ILE E 30 35.69 28.24 -2.35
C ILE E 30 35.80 27.63 -3.74
N LYS E 31 36.43 28.38 -4.65
CA LYS E 31 36.60 27.90 -6.01
C LYS E 31 37.67 26.82 -6.10
N ASN E 32 38.82 27.02 -5.45
CA ASN E 32 39.87 26.01 -5.49
C ASN E 32 39.72 25.03 -4.34
N MET E 33 38.64 25.19 -3.59
CA MET E 33 38.28 24.33 -2.47
C MET E 33 39.18 24.24 -1.23
N GLU E 34 39.76 25.36 -0.83
CA GLU E 34 40.56 25.35 0.40
C GLU E 34 39.49 25.32 1.48
N ILE E 35 38.29 25.78 1.10
CA ILE E 35 37.14 25.78 2.00
C ILE E 35 36.17 24.75 1.42
N ARG E 36 35.89 23.72 2.21
CA ARG E 36 34.98 22.64 1.77
C ARG E 36 33.95 22.32 2.83
N GLY E 37 32.92 21.60 2.43
CA GLY E 37 31.88 21.24 3.38
C GLY E 37 30.71 22.20 3.33
N ALA E 38 29.50 21.64 3.40
CA ALA E 38 28.28 22.44 3.35
C ALA E 38 28.29 23.59 4.34
N GLY E 39 28.71 23.30 5.57
CA GLY E 39 28.75 24.31 6.61
C GLY E 39 29.80 25.38 6.43
N LYS E 40 31.06 24.97 6.29
CA LYS E 40 32.15 25.93 6.14
C LYS E 40 31.96 26.81 4.90
N ILE E 41 31.46 26.22 3.82
CA ILE E 41 31.24 26.98 2.59
C ILE E 41 30.15 28.03 2.77
N ALA E 42 29.12 27.69 3.53
CA ALA E 42 28.00 28.58 3.80
C ALA E 42 28.41 29.75 4.69
N ARG E 43 29.08 29.44 5.79
CA ARG E 43 29.54 30.46 6.72
C ARG E 43 30.56 31.39 6.05
N SER E 44 31.38 30.84 5.16
CA SER E 44 32.38 31.65 4.47
C SER E 44 31.72 32.60 3.48
N ALA E 45 30.80 32.07 2.68
CA ALA E 45 30.09 32.88 1.70
C ALA E 45 29.38 34.03 2.42
N ALA E 46 28.72 33.70 3.53
CA ALA E 46 28.01 34.70 4.29
C ALA E 46 28.97 35.75 4.85
N TYR E 47 30.10 35.28 5.37
CA TYR E 47 31.11 36.18 5.95
C TYR E 47 31.67 37.11 4.88
N ALA E 48 31.76 36.63 3.65
CA ALA E 48 32.27 37.46 2.57
C ALA E 48 31.29 38.61 2.35
N LEU E 49 29.99 38.31 2.36
CA LEU E 49 28.99 39.35 2.15
C LEU E 49 29.06 40.33 3.33
N GLN E 50 29.31 39.82 4.52
CA GLN E 50 29.41 40.68 5.69
C GLN E 50 30.55 41.68 5.51
N LEU E 51 31.68 41.18 5.01
CA LEU E 51 32.86 42.02 4.82
C LEU E 51 32.65 43.08 3.74
N GLN E 52 31.99 42.71 2.64
CA GLN E 52 31.73 43.66 1.57
C GLN E 52 30.90 44.82 2.12
N ALA E 53 30.00 44.50 3.04
CA ALA E 53 29.14 45.50 3.64
C ALA E 53 29.84 46.29 4.73
N GLU E 54 30.78 45.65 5.43
CA GLU E 54 31.49 46.33 6.49
C GLU E 54 32.59 47.25 5.97
N LYS E 55 33.11 46.94 4.80
CA LYS E 55 34.20 47.73 4.25
C LYS E 55 33.88 48.53 2.99
N SER E 56 32.66 48.36 2.46
CA SER E 56 32.30 49.10 1.26
C SER E 56 32.61 50.58 1.39
N LYS E 57 33.13 51.17 0.33
CA LYS E 57 33.47 52.58 0.32
C LYS E 57 32.36 53.41 -0.29
N ALA E 58 31.25 52.75 -0.62
CA ALA E 58 30.10 53.44 -1.22
C ALA E 58 29.58 54.56 -0.31
N THR E 59 28.91 55.52 -0.92
CA THR E 59 28.35 56.65 -0.19
C THR E 59 26.89 56.82 -0.57
N ASN E 60 26.46 56.01 -1.54
CA ASN E 60 25.10 56.03 -2.01
C ASN E 60 24.47 54.63 -1.81
N VAL E 61 23.22 54.60 -1.36
CA VAL E 61 22.52 53.33 -1.11
C VAL E 61 22.41 52.46 -2.36
N ASP E 62 22.23 53.08 -3.51
CA ASP E 62 22.10 52.34 -4.75
C ASP E 62 23.43 51.75 -5.23
N GLU E 63 24.51 52.51 -5.10
CA GLU E 63 25.82 52.04 -5.51
C GLU E 63 26.23 50.87 -4.60
N PHE E 64 25.86 50.99 -3.32
CA PHE E 64 26.17 49.96 -2.33
C PHE E 64 25.53 48.65 -2.70
N TRP E 65 24.21 48.66 -2.78
CA TRP E 65 23.44 47.48 -3.14
C TRP E 65 23.96 46.88 -4.42
N LYS E 66 24.38 47.74 -5.35
CA LYS E 66 24.92 47.29 -6.63
C LYS E 66 26.19 46.48 -6.39
N GLU E 67 26.95 46.85 -5.37
CA GLU E 67 28.17 46.15 -5.04
C GLU E 67 27.82 44.79 -4.44
N MET E 68 26.95 44.78 -3.45
CA MET E 68 26.52 43.54 -2.81
C MET E 68 26.11 42.50 -3.87
N LYS E 69 25.39 42.92 -4.88
CA LYS E 69 24.95 41.99 -5.92
C LYS E 69 26.12 41.50 -6.76
N GLN E 70 27.11 42.35 -6.97
CA GLN E 70 28.29 41.98 -7.73
C GLN E 70 29.07 40.93 -6.92
N ALA E 71 29.31 41.24 -5.65
CA ALA E 71 30.03 40.34 -4.75
C ALA E 71 29.31 39.00 -4.63
N ALA E 72 27.98 39.04 -4.58
CA ALA E 72 27.19 37.82 -4.48
C ALA E 72 27.31 36.99 -5.75
N LYS E 73 27.24 37.66 -6.90
CA LYS E 73 27.33 36.97 -8.17
C LYS E 73 28.67 36.24 -8.30
N ILE E 74 29.74 36.87 -7.83
CA ILE E 74 31.08 36.28 -7.88
C ILE E 74 31.21 35.09 -6.92
N LEU E 75 30.60 35.20 -5.75
CA LEU E 75 30.64 34.13 -4.76
C LEU E 75 29.83 32.93 -5.28
N PHE E 76 28.68 33.23 -5.87
CA PHE E 76 27.77 32.23 -6.41
C PHE E 76 28.33 31.46 -7.60
N GLU E 77 29.28 32.05 -8.30
CA GLU E 77 29.84 31.39 -9.48
C GLU E 77 31.05 30.51 -9.21
N THR E 78 31.56 30.54 -7.99
CA THR E 78 32.72 29.72 -7.67
C THR E 78 32.37 28.24 -7.85
N ARG E 79 31.40 27.76 -7.07
CA ARG E 79 30.96 26.37 -7.12
C ARG E 79 29.45 26.31 -7.31
N PRO E 80 28.99 26.58 -8.55
CA PRO E 80 27.57 26.58 -8.92
C PRO E 80 26.78 25.39 -8.36
N THR E 81 27.38 24.21 -8.40
CA THR E 81 26.74 22.99 -7.93
C THR E 81 26.82 22.75 -6.41
N ALA E 82 27.32 23.73 -5.67
CA ALA E 82 27.40 23.60 -4.20
C ALA E 82 26.00 23.90 -3.69
N VAL E 83 25.52 23.09 -2.75
CA VAL E 83 24.17 23.27 -2.23
C VAL E 83 23.97 24.50 -1.36
N SER E 84 24.67 24.53 -0.24
CA SER E 84 24.56 25.62 0.72
C SER E 84 25.10 26.98 0.26
N LEU E 85 25.97 26.97 -0.74
CA LEU E 85 26.55 28.22 -1.21
C LEU E 85 25.47 29.20 -1.66
N PRO E 86 24.64 28.83 -2.65
CA PRO E 86 23.58 29.76 -3.09
C PRO E 86 22.66 30.20 -1.97
N ASN E 87 22.36 29.29 -1.04
CA ASN E 87 21.47 29.58 0.07
C ASN E 87 22.05 30.55 1.07
N ALA E 88 23.36 30.48 1.29
CA ALA E 88 24.00 31.38 2.22
C ALA E 88 23.81 32.78 1.65
N LEU E 89 23.93 32.88 0.33
CA LEU E 89 23.78 34.15 -0.36
C LEU E 89 22.32 34.61 -0.39
N ARG E 90 21.40 33.66 -0.51
CA ARG E 90 19.98 33.98 -0.56
C ARG E 90 19.51 34.48 0.78
N TYR E 91 19.93 33.80 1.84
CA TYR E 91 19.53 34.21 3.18
C TYR E 91 19.82 35.69 3.35
N VAL E 92 21.10 36.05 3.25
CA VAL E 92 21.56 37.42 3.40
C VAL E 92 21.00 38.40 2.38
N MET E 93 21.18 38.07 1.11
CA MET E 93 20.72 38.93 0.03
C MET E 93 19.21 39.11 -0.05
N HIS E 94 18.46 38.15 0.49
CA HIS E 94 17.01 38.26 0.47
C HIS E 94 16.62 39.37 1.44
N ARG E 95 17.13 39.28 2.65
CA ARG E 95 16.84 40.29 3.66
C ARG E 95 17.43 41.63 3.24
N GLY E 96 18.36 41.58 2.28
CA GLY E 96 18.97 42.79 1.79
C GLY E 96 18.09 43.44 0.74
N LYS E 97 17.56 42.66 -0.17
CA LYS E 97 16.70 43.18 -1.23
C LYS E 97 15.39 43.71 -0.67
N ILE E 98 14.97 43.18 0.48
CA ILE E 98 13.73 43.63 1.12
C ILE E 98 13.97 45.03 1.68
N ALA E 99 14.99 45.18 2.51
CA ALA E 99 15.33 46.47 3.09
C ALA E 99 15.51 47.51 1.98
N TYR E 100 16.33 47.17 0.99
CA TYR E 100 16.58 48.07 -0.13
C TYR E 100 15.33 48.51 -0.88
N SER E 101 14.53 47.53 -1.32
CA SER E 101 13.31 47.84 -2.07
C SER E 101 12.27 48.57 -1.24
N SER E 102 12.43 48.56 0.07
CA SER E 102 11.49 49.24 0.95
C SER E 102 11.90 50.69 1.14
N GLY E 103 13.08 51.06 0.63
CA GLY E 103 13.55 52.43 0.73
C GLY E 103 14.44 52.73 1.92
N ALA E 104 15.28 51.76 2.28
CA ALA E 104 16.19 51.96 3.41
C ALA E 104 17.36 52.83 2.98
N ASP E 105 18.00 53.51 3.94
CA ASP E 105 19.14 54.36 3.63
C ASP E 105 20.41 53.50 3.73
N LEU E 106 21.54 54.02 3.26
CA LEU E 106 22.79 53.26 3.28
C LEU E 106 23.05 52.60 4.63
N GLU E 107 23.06 53.39 5.71
CA GLU E 107 23.33 52.85 7.03
C GLU E 107 22.42 51.67 7.40
N GLN E 108 21.12 51.84 7.18
CA GLN E 108 20.14 50.80 7.50
C GLN E 108 20.36 49.52 6.71
N LEU E 109 20.49 49.63 5.38
CA LEU E 109 20.70 48.45 4.53
C LEU E 109 22.01 47.77 4.91
N ARG E 110 23.03 48.59 5.14
CA ARG E 110 24.34 48.10 5.51
C ARG E 110 24.22 47.30 6.82
N PHE E 111 23.34 47.74 7.70
CA PHE E 111 23.09 47.11 8.99
C PHE E 111 22.31 45.80 8.83
N VAL E 112 21.33 45.81 7.94
CA VAL E 112 20.51 44.64 7.68
C VAL E 112 21.37 43.50 7.15
N ILE E 113 22.15 43.80 6.12
CA ILE E 113 23.03 42.82 5.51
C ILE E 113 24.02 42.31 6.54
N ILE E 114 24.74 43.24 7.18
CA ILE E 114 25.71 42.86 8.19
C ILE E 114 25.06 42.03 9.30
N ASN E 115 23.83 42.37 9.65
CA ASN E 115 23.12 41.66 10.70
C ASN E 115 22.65 40.28 10.22
N ALA E 116 22.20 40.22 8.97
CA ALA E 116 21.74 38.96 8.39
C ALA E 116 22.88 37.94 8.25
N ALA E 117 24.08 38.40 7.91
CA ALA E 117 25.21 37.49 7.75
C ALA E 117 25.62 36.91 9.10
N LYS E 118 25.70 37.76 10.11
CA LYS E 118 26.09 37.34 11.45
C LYS E 118 25.10 36.31 11.98
N GLU E 119 23.81 36.58 11.77
CA GLU E 119 22.75 35.71 12.22
C GLU E 119 22.93 34.32 11.57
N PHE E 120 23.13 34.32 10.25
CA PHE E 120 23.30 33.08 9.52
C PHE E 120 24.55 32.32 9.93
N ILE E 121 25.64 33.04 10.14
CA ILE E 121 26.88 32.40 10.52
C ILE E 121 26.78 31.80 11.92
N HIS E 122 26.24 32.55 12.87
CA HIS E 122 26.08 32.05 14.23
C HIS E 122 25.16 30.81 14.19
N ASN E 123 24.06 30.92 13.46
CA ASN E 123 23.10 29.83 13.33
C ASN E 123 23.79 28.56 12.82
N SER E 124 24.59 28.72 11.79
CA SER E 124 25.30 27.61 11.18
C SER E 124 26.29 26.95 12.15
N GLU E 125 26.83 27.76 13.05
CA GLU E 125 27.81 27.27 14.03
C GLU E 125 27.15 26.47 15.15
N LYS E 126 25.85 26.66 15.34
CA LYS E 126 25.11 25.95 16.37
C LYS E 126 24.23 24.88 15.73
N ALA E 127 24.27 24.79 14.42
CA ALA E 127 23.47 23.85 13.65
C ALA E 127 23.55 22.40 14.14
N LEU E 128 24.76 21.84 14.13
CA LEU E 128 24.95 20.46 14.55
C LEU E 128 24.44 20.23 15.97
N GLU E 129 24.79 21.13 16.87
CA GLU E 129 24.36 21.06 18.26
C GLU E 129 22.83 21.09 18.30
N ARG E 130 22.24 22.04 17.58
CA ARG E 130 20.79 22.19 17.54
C ARG E 130 20.07 21.02 16.91
N ILE E 131 20.58 20.54 15.77
CA ILE E 131 19.96 19.41 15.10
C ILE E 131 20.01 18.22 16.05
N GLY E 132 21.16 18.02 16.68
CA GLY E 132 21.32 16.92 17.60
C GLY E 132 20.26 16.94 18.68
N GLU E 133 20.02 18.11 19.24
CA GLU E 133 19.03 18.27 20.30
C GLU E 133 17.62 17.95 19.82
N PHE E 134 17.22 18.53 18.69
CA PHE E 134 15.90 18.28 18.13
C PHE E 134 15.67 16.81 17.81
N GLY E 135 16.68 16.14 17.28
CA GLY E 135 16.53 14.73 16.96
C GLY E 135 16.42 13.86 18.19
N ALA E 136 17.26 14.15 19.18
CA ALA E 136 17.30 13.41 20.43
C ALA E 136 15.94 13.32 21.14
N LYS E 137 15.14 14.37 21.03
CA LYS E 137 13.82 14.38 21.66
C LYS E 137 13.02 13.19 21.17
N ARG E 138 13.30 12.77 19.93
CA ARG E 138 12.61 11.64 19.34
C ARG E 138 13.28 10.30 19.58
N ILE E 139 14.26 10.27 20.48
CA ILE E 139 14.97 9.02 20.78
C ILE E 139 14.67 8.55 22.19
N GLU E 140 13.81 7.54 22.30
CA GLU E 140 13.44 7.00 23.60
C GLU E 140 14.56 6.17 24.18
N ASP E 141 14.59 6.06 25.50
CA ASP E 141 15.61 5.29 26.18
C ASP E 141 15.40 3.80 25.89
N GLY E 142 16.46 3.14 25.46
CA GLY E 142 16.37 1.72 25.13
C GLY E 142 16.23 1.51 23.63
N ASP E 143 16.27 2.62 22.88
CA ASP E 143 16.15 2.57 21.43
C ASP E 143 17.35 2.01 20.69
N VAL E 144 17.07 1.37 19.56
CA VAL E 144 18.10 0.81 18.69
C VAL E 144 18.05 1.64 17.42
N ILE E 145 19.18 2.26 17.07
CA ILE E 145 19.27 3.12 15.89
C ILE E 145 20.17 2.57 14.81
N MET E 146 19.69 2.61 13.57
CA MET E 146 20.47 2.14 12.42
C MET E 146 20.82 3.37 11.59
N THR E 147 22.11 3.53 11.28
CA THR E 147 22.54 4.68 10.48
C THR E 147 23.30 4.25 9.21
N HIS E 148 23.76 5.24 8.45
CA HIS E 148 24.48 4.97 7.22
C HIS E 148 25.55 6.05 7.01
N CYS E 149 26.55 5.73 6.18
CA CYS E 149 27.66 6.64 5.90
C CYS E 149 28.18 7.22 7.20
N HIS E 150 28.74 8.42 7.14
CA HIS E 150 29.24 9.09 8.33
C HIS E 150 28.73 10.50 8.30
N SER E 151 27.57 10.71 8.93
CA SER E 151 26.94 12.03 8.94
C SER E 151 27.05 12.68 10.31
N LYS E 152 27.71 13.85 10.36
CA LYS E 152 27.87 14.57 11.62
C LYS E 152 26.51 14.90 12.20
N ALA E 153 25.60 15.33 11.34
CA ALA E 153 24.26 15.68 11.78
C ALA E 153 23.63 14.50 12.51
N ALA E 154 23.50 13.37 11.82
CA ALA E 154 22.92 12.17 12.42
C ALA E 154 23.67 11.71 13.67
N ILE E 155 25.00 11.71 13.59
CA ILE E 155 25.81 11.28 14.73
C ILE E 155 25.59 12.23 15.89
N SER E 156 25.27 13.48 15.57
CA SER E 156 25.03 14.47 16.61
C SER E 156 23.77 14.11 17.41
N VAL E 157 22.75 13.58 16.71
CA VAL E 157 21.51 13.18 17.37
C VAL E 157 21.76 12.05 18.35
N MET E 158 22.52 11.05 17.90
CA MET E 158 22.87 9.91 18.74
C MET E 158 23.73 10.32 19.93
N LYS E 159 24.81 11.03 19.64
CA LYS E 159 25.71 11.50 20.70
C LYS E 159 24.91 12.28 21.74
N THR E 160 23.91 13.04 21.29
CA THR E 160 23.08 13.85 22.16
C THR E 160 22.16 13.01 23.03
N ALA E 161 21.44 12.08 22.41
CA ALA E 161 20.51 11.24 23.15
C ALA E 161 21.27 10.49 24.24
N TRP E 162 22.44 9.98 23.90
CA TRP E 162 23.27 9.26 24.84
C TRP E 162 23.71 10.18 25.98
N GLU E 163 24.08 11.41 25.63
CA GLU E 163 24.50 12.38 26.63
C GLU E 163 23.36 12.78 27.55
N GLN E 164 22.12 12.48 27.17
CA GLN E 164 20.97 12.81 27.99
C GLN E 164 20.66 11.68 28.96
N GLY E 165 21.52 10.67 28.98
CA GLY E 165 21.34 9.55 29.89
C GLY E 165 20.53 8.42 29.31
N LYS E 166 20.44 8.36 27.99
CA LYS E 166 19.67 7.32 27.33
C LYS E 166 20.51 6.13 26.86
N ASP E 167 20.01 4.94 27.13
CA ASP E 167 20.69 3.72 26.74
C ASP E 167 20.22 3.36 25.33
N ILE E 168 21.11 3.51 24.37
CA ILE E 168 20.78 3.17 22.99
C ILE E 168 21.92 2.38 22.35
N LYS E 169 21.57 1.57 21.35
CA LYS E 169 22.54 0.77 20.63
C LYS E 169 22.48 1.26 19.19
N VAL E 170 23.63 1.40 18.54
CA VAL E 170 23.62 1.86 17.16
C VAL E 170 24.12 0.80 16.21
N ILE E 171 23.33 0.55 15.17
CA ILE E 171 23.70 -0.42 14.16
C ILE E 171 24.32 0.44 13.05
N VAL E 172 25.60 0.18 12.77
CA VAL E 172 26.33 0.93 11.75
C VAL E 172 26.54 0.10 10.49
N THR E 173 26.00 0.56 9.37
CA THR E 173 26.19 -0.18 8.13
C THR E 173 27.55 0.19 7.55
N GLU E 174 28.21 -0.81 6.97
CA GLU E 174 29.54 -0.68 6.38
C GLU E 174 29.71 0.57 5.52
N THR E 175 28.76 0.78 4.60
CA THR E 175 28.75 1.92 3.70
C THR E 175 29.84 1.86 2.63
N ARG E 176 29.75 0.87 1.77
CA ARG E 176 30.70 0.72 0.69
C ARG E 176 30.44 1.87 -0.27
N PRO E 177 31.40 2.17 -1.15
CA PRO E 177 32.67 1.47 -1.25
C PRO E 177 33.79 2.00 -0.34
N LYS E 178 33.59 3.18 0.25
CA LYS E 178 34.63 3.79 1.09
C LYS E 178 34.67 3.49 2.58
N TRP E 179 33.85 2.54 3.03
CA TRP E 179 33.82 2.13 4.43
C TRP E 179 33.64 3.24 5.46
N GLN E 180 32.89 4.29 5.13
CA GLN E 180 32.70 5.37 6.09
C GLN E 180 32.06 4.86 7.39
N GLY E 181 31.56 3.62 7.35
CA GLY E 181 30.94 3.04 8.53
C GLY E 181 31.93 2.77 9.64
N LYS E 182 33.16 2.44 9.27
CA LYS E 182 34.22 2.14 10.25
C LYS E 182 34.48 3.38 11.08
N ILE E 183 34.46 4.54 10.43
CA ILE E 183 34.68 5.80 11.11
C ILE E 183 33.56 6.03 12.12
N THR E 184 32.32 5.96 11.65
CA THR E 184 31.16 6.16 12.52
C THR E 184 31.16 5.21 13.71
N ALA E 185 31.55 3.96 13.46
CA ALA E 185 31.60 2.97 14.52
C ALA E 185 32.54 3.38 15.65
N LYS E 186 33.82 3.56 15.33
CA LYS E 186 34.81 3.95 16.32
C LYS E 186 34.37 5.22 17.03
N GLU E 187 34.02 6.24 16.25
CA GLU E 187 33.59 7.50 16.82
C GLU E 187 32.52 7.27 17.89
N LEU E 188 31.40 6.67 17.50
CA LEU E 188 30.32 6.39 18.43
C LEU E 188 30.87 5.56 19.59
N ALA E 189 31.64 4.54 19.27
CA ALA E 189 32.24 3.70 20.29
C ALA E 189 33.02 4.57 21.27
N SER E 190 33.80 5.50 20.72
CA SER E 190 34.61 6.42 21.53
C SER E 190 33.80 7.05 22.67
N TYR E 191 32.61 7.55 22.36
CA TYR E 191 31.77 8.18 23.38
C TYR E 191 31.28 7.14 24.38
N GLY E 192 31.39 5.87 23.99
CA GLY E 192 30.95 4.79 24.87
C GLY E 192 29.57 4.28 24.50
N ILE E 193 29.22 4.41 23.22
CA ILE E 193 27.92 3.98 22.73
C ILE E 193 28.02 2.59 22.09
N PRO E 194 27.23 1.63 22.57
CA PRO E 194 27.27 0.28 22.00
C PRO E 194 27.01 0.35 20.50
N VAL E 195 27.83 -0.35 19.74
CA VAL E 195 27.71 -0.34 18.28
C VAL E 195 27.66 -1.73 17.68
N ILE E 196 26.89 -1.87 16.61
CA ILE E 196 26.78 -3.14 15.90
C ILE E 196 27.16 -2.84 14.47
N TYR E 197 28.28 -3.40 14.03
CA TYR E 197 28.75 -3.17 12.67
C TYR E 197 28.34 -4.33 11.78
N VAL E 198 27.76 -4.01 10.62
CA VAL E 198 27.33 -5.03 9.67
C VAL E 198 27.43 -4.50 8.25
N VAL E 199 27.34 -5.41 7.29
CA VAL E 199 27.42 -5.04 5.89
C VAL E 199 26.11 -4.35 5.46
N ASP E 200 26.19 -3.53 4.43
CA ASP E 200 25.02 -2.83 3.93
C ASP E 200 23.90 -3.81 3.65
N SER E 201 24.27 -4.92 3.03
CA SER E 201 23.32 -5.97 2.65
C SER E 201 22.44 -6.47 3.78
N ALA E 202 22.86 -6.24 5.02
CA ALA E 202 22.13 -6.68 6.20
C ALA E 202 21.06 -5.69 6.64
N ALA E 203 20.85 -4.62 5.88
CA ALA E 203 19.86 -3.60 6.23
C ALA E 203 18.52 -4.19 6.67
N ARG E 204 17.82 -4.85 5.74
CA ARG E 204 16.53 -5.45 6.03
C ARG E 204 16.54 -6.46 7.18
N HIS E 205 17.41 -7.47 7.08
CA HIS E 205 17.51 -8.51 8.10
C HIS E 205 17.51 -7.97 9.54
N TYR E 206 18.13 -6.81 9.76
CA TYR E 206 18.15 -6.25 11.12
C TYR E 206 17.16 -5.14 11.34
N MET E 207 16.38 -4.81 10.32
CA MET E 207 15.36 -3.77 10.45
C MET E 207 14.37 -4.21 11.52
N LYS E 208 14.06 -5.50 11.51
CA LYS E 208 13.12 -6.09 12.47
C LYS E 208 13.48 -5.75 13.91
N MET E 209 14.72 -5.38 14.18
CA MET E 209 15.13 -5.06 15.54
C MET E 209 15.46 -3.58 15.71
N THR E 210 15.15 -2.79 14.69
CA THR E 210 15.45 -1.37 14.73
C THR E 210 14.27 -0.48 15.08
N ASP E 211 14.45 0.32 16.12
CA ASP E 211 13.41 1.24 16.57
C ASP E 211 13.36 2.52 15.74
N LYS E 212 14.53 3.05 15.40
CA LYS E 212 14.59 4.28 14.62
C LYS E 212 15.79 4.37 13.70
N VAL E 213 15.55 4.90 12.50
CA VAL E 213 16.59 5.07 11.50
C VAL E 213 17.00 6.54 11.44
N VAL E 214 18.27 6.81 11.70
CA VAL E 214 18.79 8.18 11.68
C VAL E 214 19.94 8.33 10.68
N MET E 215 19.72 9.09 9.62
CA MET E 215 20.75 9.30 8.62
C MET E 215 20.86 10.74 8.19
N GLY E 216 22.02 11.10 7.65
CA GLY E 216 22.24 12.46 7.20
C GLY E 216 21.76 12.66 5.78
N ALA E 217 22.18 13.76 5.17
CA ALA E 217 21.78 14.05 3.80
C ALA E 217 22.76 15.01 3.16
N ASP E 218 22.95 14.84 1.87
CA ASP E 218 23.83 15.70 1.11
C ASP E 218 23.00 16.93 0.76
N SER E 219 21.80 16.70 0.23
CA SER E 219 20.88 17.77 -0.13
C SER E 219 19.43 17.29 -0.13
N ILE E 220 18.50 18.22 0.06
CA ILE E 220 17.08 17.89 0.07
C ILE E 220 16.41 18.59 -1.12
N THR E 221 15.55 17.86 -1.83
CA THR E 221 14.86 18.43 -3.00
C THR E 221 13.63 19.26 -2.61
N VAL E 222 13.07 19.96 -3.60
CA VAL E 222 11.89 20.78 -3.38
C VAL E 222 10.70 19.94 -2.94
N ASN E 223 10.76 18.63 -3.20
CA ASN E 223 9.69 17.71 -2.82
C ASN E 223 9.93 17.02 -1.49
N GLY E 224 11.09 17.26 -0.88
CA GLY E 224 11.38 16.60 0.37
C GLY E 224 12.10 15.29 0.16
N ALA E 225 12.52 15.04 -1.09
CA ALA E 225 13.25 13.81 -1.40
C ALA E 225 14.66 14.01 -0.86
N VAL E 226 15.30 12.94 -0.41
CA VAL E 226 16.65 13.09 0.13
C VAL E 226 17.72 12.48 -0.74
N ILE E 227 18.79 13.24 -0.95
CA ILE E 227 19.92 12.80 -1.75
C ILE E 227 21.04 12.54 -0.74
N ASN E 228 21.58 11.34 -0.79
CA ASN E 228 22.63 10.95 0.14
C ASN E 228 23.39 9.77 -0.45
N LYS E 229 24.41 9.30 0.26
CA LYS E 229 25.23 8.18 -0.21
C LYS E 229 24.41 6.95 -0.61
N ILE E 230 24.76 6.38 -1.76
CA ILE E 230 24.11 5.20 -2.30
C ILE E 230 23.75 4.22 -1.17
N GLY E 231 22.58 3.60 -1.27
CA GLY E 231 22.16 2.68 -0.23
C GLY E 231 21.17 3.28 0.75
N THR E 232 21.23 4.61 0.93
CA THR E 232 20.34 5.32 1.84
C THR E 232 18.87 5.05 1.51
N ALA E 233 18.53 5.15 0.23
CA ALA E 233 17.17 4.91 -0.22
C ALA E 233 16.75 3.46 0.02
N LEU E 234 17.72 2.55 -0.02
CA LEU E 234 17.41 1.14 0.19
C LEU E 234 17.05 0.89 1.64
N ILE E 235 17.80 1.50 2.54
CA ILE E 235 17.56 1.35 3.96
C ILE E 235 16.21 1.97 4.33
N ALA E 236 15.93 3.13 3.76
CA ALA E 236 14.68 3.85 4.01
C ALA E 236 13.49 3.05 3.49
N LEU E 237 13.71 2.29 2.41
CA LEU E 237 12.65 1.49 1.85
C LEU E 237 12.25 0.36 2.80
N THR E 238 13.23 -0.37 3.31
CA THR E 238 12.95 -1.48 4.23
C THR E 238 12.47 -0.96 5.58
N ALA E 239 12.87 0.27 5.91
CA ALA E 239 12.48 0.89 7.17
C ALA E 239 10.98 1.17 7.16
N LYS E 240 10.48 1.64 6.02
CA LYS E 240 9.07 1.95 5.86
C LYS E 240 8.30 0.65 5.74
N GLU E 241 8.96 -0.38 5.19
CA GLU E 241 8.35 -1.69 5.05
C GLU E 241 8.02 -2.21 6.44
N HIS E 242 8.92 -1.93 7.39
CA HIS E 242 8.75 -2.35 8.78
C HIS E 242 8.18 -1.22 9.63
N ARG E 243 7.66 -0.19 8.98
CA ARG E 243 7.09 0.99 9.64
C ARG E 243 7.98 1.49 10.78
N VAL E 244 9.28 1.60 10.55
CA VAL E 244 10.19 2.12 11.57
C VAL E 244 10.34 3.64 11.36
N TRP E 245 10.34 4.38 12.46
CA TRP E 245 10.47 5.84 12.44
C TRP E 245 11.80 6.23 11.78
N THR E 246 11.72 6.89 10.62
CA THR E 246 12.90 7.29 9.85
C THR E 246 13.16 8.80 9.81
N MET E 247 14.27 9.20 10.42
CA MET E 247 14.64 10.62 10.47
C MET E 247 15.87 10.97 9.62
N ILE E 248 15.84 12.14 9.00
CA ILE E 248 16.97 12.60 8.20
C ILE E 248 17.47 13.92 8.78
N ALA E 249 18.69 13.92 9.32
CA ALA E 249 19.27 15.11 9.91
C ALA E 249 19.99 15.94 8.85
N ALA E 250 19.43 17.09 8.52
CA ALA E 250 20.01 17.99 7.53
C ALA E 250 19.82 19.47 7.86
N GLU E 251 20.85 20.27 7.57
CA GLU E 251 20.79 21.70 7.82
C GLU E 251 19.87 22.34 6.77
N THR E 252 19.16 23.39 7.17
CA THR E 252 18.26 24.08 6.25
C THR E 252 18.95 24.50 4.96
N TYR E 253 20.24 24.83 5.05
CA TYR E 253 20.95 25.25 3.84
C TYR E 253 21.28 24.13 2.89
N LYS E 254 20.83 22.91 3.21
CA LYS E 254 21.06 21.79 2.30
C LYS E 254 19.80 21.56 1.45
N PHE E 255 18.74 22.28 1.78
CA PHE E 255 17.50 22.19 1.03
C PHE E 255 17.70 22.96 -0.27
N HIS E 256 17.33 22.34 -1.38
CA HIS E 256 17.51 22.92 -2.71
C HIS E 256 16.16 23.12 -3.41
N PRO E 257 16.02 24.20 -4.19
CA PRO E 257 14.78 24.50 -4.90
C PRO E 257 14.40 23.63 -6.10
N GLU E 258 15.25 22.66 -6.45
CA GLU E 258 14.94 21.82 -7.60
C GLU E 258 14.53 20.38 -7.27
N THR E 259 14.06 19.67 -8.28
CA THR E 259 13.66 18.27 -8.11
C THR E 259 14.74 17.39 -8.73
N MET E 260 15.15 16.37 -8.00
CA MET E 260 16.16 15.46 -8.49
C MET E 260 15.48 14.14 -8.82
N LEU E 261 14.68 13.66 -7.87
CA LEU E 261 13.94 12.41 -8.02
C LEU E 261 13.23 12.38 -9.37
N GLY E 262 12.98 11.17 -9.88
CA GLY E 262 12.31 11.04 -11.17
C GLY E 262 13.24 10.94 -12.37
N ILE E 267 23.23 10.76 -10.97
CA ILE E 267 23.95 11.80 -10.25
C ILE E 267 25.45 11.66 -10.47
N GLU E 268 26.23 12.12 -9.50
CA GLU E 268 27.69 12.05 -9.57
C GLU E 268 28.18 10.60 -9.60
N MET E 269 29.02 10.30 -10.58
CA MET E 269 29.60 8.97 -10.72
C MET E 269 31.06 9.03 -10.27
N ARG E 270 31.36 8.37 -9.15
CA ARG E 270 32.72 8.35 -8.63
C ARG E 270 33.59 7.38 -9.43
N ASP E 271 34.89 7.38 -9.14
CA ASP E 271 35.83 6.51 -9.84
C ASP E 271 35.70 5.04 -9.43
N PRO E 272 35.61 4.13 -10.41
CA PRO E 272 35.47 2.69 -10.18
C PRO E 272 36.53 2.11 -9.24
N THR E 273 37.68 2.77 -9.17
CA THR E 273 38.78 2.32 -8.31
C THR E 273 38.41 2.30 -6.84
N GLU E 274 37.36 3.04 -6.48
CA GLU E 274 36.90 3.08 -5.10
C GLU E 274 36.35 1.71 -4.72
N VAL E 275 35.69 1.08 -5.69
CA VAL E 275 35.12 -0.25 -5.51
C VAL E 275 36.25 -1.27 -5.69
N ILE E 276 36.64 -1.48 -6.94
CA ILE E 276 37.71 -2.42 -7.28
C ILE E 276 39.01 -1.64 -7.50
N PRO E 277 39.99 -1.80 -6.59
CA PRO E 277 41.27 -1.09 -6.73
C PRO E 277 41.86 -1.23 -8.13
N GLU E 278 42.54 -0.18 -8.58
CA GLU E 278 43.17 -0.17 -9.91
C GLU E 278 44.06 -1.40 -10.05
N ASP E 279 44.81 -1.68 -8.99
CA ASP E 279 45.72 -2.81 -8.96
C ASP E 279 45.03 -4.08 -9.44
N GLU E 280 43.75 -4.22 -9.11
CA GLU E 280 42.98 -5.41 -9.48
C GLU E 280 42.03 -5.22 -10.68
N LEU E 281 41.44 -4.04 -10.79
CA LEU E 281 40.51 -3.78 -11.89
C LEU E 281 41.16 -3.99 -13.26
N LYS E 282 42.50 -3.99 -13.28
CA LYS E 282 43.25 -4.19 -14.53
C LYS E 282 43.13 -5.65 -15.00
N THR E 283 43.01 -6.57 -14.04
CA THR E 283 42.88 -7.98 -14.35
C THR E 283 41.61 -8.26 -15.13
N TRP E 284 40.47 -8.01 -14.47
CA TRP E 284 39.12 -8.22 -15.01
C TRP E 284 38.94 -7.98 -16.51
N PRO E 285 38.11 -8.83 -17.14
CA PRO E 285 37.80 -8.75 -18.58
C PRO E 285 37.27 -7.37 -18.91
N LYS E 286 37.39 -6.97 -20.18
CA LYS E 286 36.92 -5.65 -20.57
C LYS E 286 35.41 -5.57 -20.77
N ASN E 287 34.74 -6.72 -20.81
CA ASN E 287 33.30 -6.73 -21.00
C ASN E 287 32.54 -6.56 -19.68
N ILE E 288 33.26 -6.08 -18.67
CA ILE E 288 32.71 -5.79 -17.34
C ILE E 288 32.84 -4.28 -17.10
N GLU E 289 31.84 -3.67 -16.45
CA GLU E 289 31.88 -2.24 -16.14
C GLU E 289 31.60 -2.06 -14.66
N VAL E 290 32.46 -1.33 -13.97
CA VAL E 290 32.26 -1.08 -12.54
C VAL E 290 31.65 0.29 -12.29
N TRP E 291 30.32 0.33 -12.20
CA TRP E 291 29.63 1.59 -11.93
C TRP E 291 29.69 1.88 -10.46
N ASN E 292 29.96 3.14 -10.11
CA ASN E 292 30.06 3.55 -8.71
C ASN E 292 29.37 4.87 -8.42
N PRO E 293 28.03 4.89 -8.43
CA PRO E 293 27.30 6.13 -8.15
C PRO E 293 27.54 6.56 -6.71
N ALA E 294 27.56 7.86 -6.48
CA ALA E 294 27.80 8.38 -5.13
C ALA E 294 26.52 8.47 -4.30
N PHE E 295 25.42 8.76 -4.98
CA PHE E 295 24.15 8.93 -4.28
C PHE E 295 22.99 8.22 -4.96
N ASP E 296 21.90 8.11 -4.22
CA ASP E 296 20.66 7.55 -4.75
C ASP E 296 19.61 8.51 -4.22
N VAL E 297 18.39 8.43 -4.74
CA VAL E 297 17.34 9.34 -4.29
C VAL E 297 16.26 8.65 -3.46
N THR E 298 16.17 9.05 -2.20
CA THR E 298 15.19 8.52 -1.27
C THR E 298 13.89 9.33 -1.37
N PRO E 299 12.79 8.68 -1.73
CA PRO E 299 11.48 9.34 -1.87
C PRO E 299 11.03 9.90 -0.53
N PRO E 300 10.39 11.08 -0.53
CA PRO E 300 9.92 11.67 0.73
C PRO E 300 9.00 10.70 1.50
N GLU E 301 8.26 9.88 0.77
CA GLU E 301 7.36 8.90 1.37
C GLU E 301 8.08 7.95 2.34
N TYR E 302 9.37 7.73 2.13
CA TYR E 302 10.12 6.83 3.01
C TYR E 302 10.86 7.52 4.14
N VAL E 303 10.49 8.76 4.41
CA VAL E 303 11.11 9.51 5.50
C VAL E 303 10.02 10.23 6.26
N ASP E 304 10.03 10.06 7.59
CA ASP E 304 9.00 10.67 8.42
C ASP E 304 9.31 12.13 8.71
N VAL E 305 10.50 12.41 9.23
CA VAL E 305 10.86 13.79 9.48
C VAL E 305 12.30 14.12 9.13
N ILE E 306 12.52 15.41 8.89
CA ILE E 306 13.84 15.93 8.58
C ILE E 306 14.20 16.73 9.82
N ILE E 307 15.35 16.45 10.40
CA ILE E 307 15.78 17.18 11.59
C ILE E 307 16.63 18.38 11.24
N THR E 308 16.04 19.57 11.34
CA THR E 308 16.71 20.84 11.03
C THR E 308 17.17 21.57 12.29
N GLU E 309 18.08 22.54 12.12
CA GLU E 309 18.59 23.32 13.25
C GLU E 309 17.52 24.33 13.75
N ARG E 310 16.41 24.44 13.02
CA ARG E 310 15.33 25.32 13.45
C ARG E 310 14.09 24.51 13.82
N GLY E 311 14.18 23.18 13.73
CA GLY E 311 13.04 22.35 14.09
C GLY E 311 12.83 21.07 13.28
N ILE E 312 11.93 20.23 13.78
CA ILE E 312 11.60 18.97 13.13
C ILE E 312 10.45 19.20 12.16
N ILE E 313 10.66 18.84 10.90
CA ILE E 313 9.63 19.04 9.88
C ILE E 313 9.33 17.81 9.05
N PRO E 314 8.16 17.81 8.39
CA PRO E 314 7.74 16.70 7.53
C PRO E 314 8.43 16.95 6.21
N PRO E 315 8.86 15.89 5.52
CA PRO E 315 9.53 16.07 4.23
C PRO E 315 8.83 17.09 3.35
N TYR E 316 7.50 16.98 3.27
CA TYR E 316 6.71 17.87 2.44
C TYR E 316 6.71 19.34 2.89
N ALA E 317 7.39 19.61 4.00
CA ALA E 317 7.48 20.96 4.55
C ALA E 317 8.81 21.61 4.16
N ALA E 318 9.50 20.99 3.20
CA ALA E 318 10.78 21.49 2.74
C ALA E 318 10.60 22.80 1.98
N ILE E 319 9.49 22.93 1.27
CA ILE E 319 9.24 24.14 0.51
C ILE E 319 9.00 25.34 1.42
N ASP E 320 8.53 25.11 2.64
CA ASP E 320 8.29 26.19 3.58
C ASP E 320 9.61 26.70 4.11
N ILE E 321 10.63 25.85 4.07
CA ILE E 321 11.95 26.24 4.55
C ILE E 321 12.66 27.08 3.48
N LEU E 322 12.50 26.70 2.21
CA LEU E 322 13.13 27.45 1.15
C LEU E 322 12.58 28.88 1.16
N ARG E 323 11.30 29.01 1.51
CA ARG E 323 10.61 30.29 1.57
C ARG E 323 10.93 31.09 2.83
N GLU E 324 10.66 30.48 3.98
CA GLU E 324 10.86 31.10 5.28
C GLU E 324 12.30 31.50 5.56
N GLU E 325 13.23 30.67 5.13
CA GLU E 325 14.65 30.88 5.39
C GLU E 325 15.42 31.60 4.29
N PHE E 326 15.26 31.16 3.05
CA PHE E 326 15.99 31.75 1.94
C PHE E 326 15.12 32.54 0.97
N GLY E 327 13.97 33.01 1.46
CA GLY E 327 13.07 33.79 0.65
C GLY E 327 12.81 33.25 -0.75
N TRP E 328 12.68 31.94 -0.87
CA TRP E 328 12.43 31.33 -2.18
C TRP E 328 10.96 31.37 -2.56
N ALA E 329 10.68 31.76 -3.79
CA ALA E 329 9.32 31.83 -4.29
C ALA E 329 9.26 31.46 -5.76
N LEU E 330 8.10 31.66 -6.38
CA LEU E 330 7.91 31.34 -7.79
C LEU E 330 8.51 32.43 -8.67
N LYS E 331 9.52 33.11 -8.15
CA LYS E 331 10.19 34.18 -8.90
C LYS E 331 11.09 33.57 -9.98
N TYR E 332 11.62 34.44 -10.84
CA TYR E 332 12.50 34.02 -11.92
C TYR E 332 13.93 34.46 -11.61
N THR E 333 14.08 35.37 -10.66
CA THR E 333 15.41 35.88 -10.33
C THR E 333 15.86 35.70 -8.89
N GLU E 334 17.17 35.65 -8.72
CA GLU E 334 17.80 35.50 -7.43
C GLU E 334 17.95 36.93 -6.87
N PRO E 335 17.95 37.08 -5.55
CA PRO E 335 18.06 38.40 -4.91
C PRO E 335 19.25 39.26 -5.32
N TRP E 336 20.20 38.69 -6.08
CA TRP E 336 21.36 39.45 -6.52
C TRP E 336 21.38 39.64 -8.03
N GLU E 337 20.38 39.10 -8.70
CA GLU E 337 20.26 39.24 -10.15
C GLU E 337 19.35 40.44 -10.43
N ASP E 338 19.50 41.05 -11.60
CA ASP E 338 18.68 42.20 -11.96
C ASP E 338 17.20 41.84 -11.96
N ALA F 18 22.90 -54.89 9.42
CA ALA F 18 23.54 -55.52 8.22
C ALA F 18 23.79 -54.47 7.13
N VAL F 19 24.24 -53.29 7.56
CA VAL F 19 24.52 -52.20 6.63
C VAL F 19 25.73 -52.44 5.74
N VAL F 20 25.46 -52.59 4.44
CA VAL F 20 26.51 -52.84 3.45
C VAL F 20 27.73 -51.95 3.67
N LYS F 21 28.86 -52.41 3.14
CA LYS F 21 30.12 -51.71 3.26
C LYS F 21 30.04 -50.26 2.76
N GLU F 22 29.95 -50.11 1.45
CA GLU F 22 29.90 -48.81 0.79
C GLU F 22 28.94 -47.78 1.42
N VAL F 23 27.97 -48.25 2.19
CA VAL F 23 27.01 -47.35 2.83
C VAL F 23 27.65 -46.61 4.01
N LEU F 24 28.32 -47.37 4.88
CA LEU F 24 29.00 -46.78 6.03
C LEU F 24 30.17 -45.98 5.46
N GLU F 25 30.56 -46.34 4.25
CA GLU F 25 31.66 -45.72 3.52
C GLU F 25 31.34 -44.26 3.18
N ILE F 26 30.29 -44.06 2.39
CA ILE F 26 29.87 -42.73 1.99
C ILE F 26 29.36 -41.91 3.17
N ALA F 27 28.67 -42.57 4.09
CA ALA F 27 28.13 -41.90 5.28
C ALA F 27 29.29 -41.29 6.07
N GLU F 28 30.50 -41.78 5.82
CA GLU F 28 31.71 -41.27 6.47
C GLU F 28 32.14 -40.01 5.75
N LYS F 29 32.25 -40.10 4.44
CA LYS F 29 32.65 -38.97 3.61
C LYS F 29 31.73 -37.78 3.89
N ILE F 30 30.43 -38.06 4.04
CA ILE F 30 29.42 -37.04 4.30
C ILE F 30 29.56 -36.40 5.69
N LYS F 31 29.59 -37.23 6.73
CA LYS F 31 29.72 -36.71 8.09
C LYS F 31 31.07 -36.02 8.29
N ASN F 32 32.04 -36.38 7.47
CA ASN F 32 33.38 -35.81 7.54
C ASN F 32 33.56 -34.60 6.63
N MET F 33 32.48 -34.14 6.03
CA MET F 33 32.54 -32.98 5.13
C MET F 33 33.44 -33.27 3.93
N GLU F 34 33.97 -34.48 3.86
CA GLU F 34 34.84 -34.88 2.74
C GLU F 34 34.03 -34.62 1.47
N ILE F 35 32.73 -34.86 1.57
CA ILE F 35 31.79 -34.66 0.46
C ILE F 35 30.92 -33.48 0.85
N ARG F 36 30.87 -32.45 0.01
CA ARG F 36 30.04 -31.30 0.32
C ARG F 36 29.39 -30.70 -0.93
N GLY F 37 28.21 -30.11 -0.72
CA GLY F 37 27.46 -29.52 -1.83
C GLY F 37 26.05 -30.04 -1.80
N ALA F 38 25.09 -29.24 -2.25
CA ALA F 38 23.69 -29.67 -2.25
C ALA F 38 23.47 -30.87 -3.15
N GLY F 39 23.91 -30.76 -4.40
CA GLY F 39 23.75 -31.85 -5.34
C GLY F 39 24.58 -33.06 -4.94
N LYS F 40 25.89 -32.88 -4.90
CA LYS F 40 26.81 -33.95 -4.56
C LYS F 40 26.40 -34.80 -3.35
N ILE F 41 26.24 -34.18 -2.18
CA ILE F 41 25.85 -34.94 -1.00
C ILE F 41 24.54 -35.67 -1.25
N ALA F 42 23.70 -35.10 -2.12
CA ALA F 42 22.41 -35.71 -2.44
C ALA F 42 22.64 -36.97 -3.25
N ARG F 43 23.07 -36.82 -4.50
CA ARG F 43 23.33 -37.96 -5.37
C ARG F 43 24.10 -39.06 -4.64
N SER F 44 25.11 -38.62 -3.90
CA SER F 44 25.95 -39.54 -3.13
C SER F 44 25.12 -40.35 -2.15
N ALA F 45 24.24 -39.67 -1.42
CA ALA F 45 23.38 -40.35 -0.44
C ALA F 45 22.42 -41.31 -1.13
N ALA F 46 21.93 -40.90 -2.29
CA ALA F 46 21.02 -41.74 -3.05
C ALA F 46 21.79 -42.99 -3.42
N TYR F 47 22.93 -42.78 -4.05
CA TYR F 47 23.79 -43.89 -4.47
C TYR F 47 23.93 -44.90 -3.33
N ALA F 48 24.35 -44.41 -2.16
CA ALA F 48 24.52 -45.28 -1.00
C ALA F 48 23.36 -46.25 -0.86
N LEU F 49 22.14 -45.75 -0.94
CA LEU F 49 20.96 -46.59 -0.82
C LEU F 49 20.88 -47.56 -2.00
N GLN F 50 21.39 -47.12 -3.15
CA GLN F 50 21.38 -47.94 -4.35
C GLN F 50 22.26 -49.19 -4.19
N LEU F 51 23.45 -49.02 -3.61
CA LEU F 51 24.35 -50.14 -3.43
C LEU F 51 23.80 -51.05 -2.34
N GLN F 52 23.27 -50.45 -1.28
CA GLN F 52 22.69 -51.20 -0.18
C GLN F 52 21.66 -52.18 -0.73
N ALA F 53 20.94 -51.75 -1.76
CA ALA F 53 19.93 -52.59 -2.37
C ALA F 53 20.55 -53.58 -3.35
N GLU F 54 21.55 -53.13 -4.08
CA GLU F 54 22.23 -53.96 -5.06
C GLU F 54 23.08 -55.06 -4.46
N LYS F 55 23.53 -54.88 -3.22
CA LYS F 55 24.38 -55.87 -2.57
C LYS F 55 23.88 -56.38 -1.23
N SER F 56 22.57 -56.41 -1.04
CA SER F 56 22.01 -56.89 0.22
C SER F 56 21.92 -58.41 0.23
N LYS F 57 22.01 -59.00 1.41
CA LYS F 57 21.94 -60.45 1.56
C LYS F 57 20.69 -60.81 2.38
N ALA F 58 19.56 -60.23 2.00
CA ALA F 58 18.30 -60.49 2.69
C ALA F 58 17.56 -61.67 2.08
N THR F 59 16.83 -62.40 2.92
CA THR F 59 16.08 -63.57 2.48
C THR F 59 14.70 -63.17 1.93
N ASN F 60 13.97 -62.41 2.73
CA ASN F 60 12.64 -61.96 2.33
C ASN F 60 12.57 -60.43 2.30
N VAL F 61 11.44 -59.92 1.86
CA VAL F 61 11.23 -58.48 1.77
C VAL F 61 11.37 -57.78 3.12
N ASP F 62 10.55 -58.21 4.09
CA ASP F 62 10.57 -57.62 5.44
C ASP F 62 11.96 -57.39 6.04
N GLU F 63 12.85 -58.37 5.92
CA GLU F 63 14.19 -58.23 6.48
C GLU F 63 15.02 -57.28 5.64
N PHE F 64 14.73 -57.23 4.34
CA PHE F 64 15.45 -56.35 3.42
C PHE F 64 15.10 -54.89 3.71
N TRP F 65 13.80 -54.61 3.77
CA TRP F 65 13.32 -53.27 4.06
C TRP F 65 14.05 -52.77 5.31
N LYS F 66 14.12 -53.63 6.32
CA LYS F 66 14.79 -53.27 7.56
C LYS F 66 16.20 -52.76 7.25
N GLU F 67 16.93 -53.49 6.42
CA GLU F 67 18.28 -53.08 6.06
C GLU F 67 18.24 -51.70 5.39
N MET F 68 17.25 -51.51 4.51
CA MET F 68 17.11 -50.24 3.81
C MET F 68 16.80 -49.10 4.78
N LYS F 69 15.91 -49.36 5.73
CA LYS F 69 15.54 -48.34 6.72
C LYS F 69 16.70 -48.01 7.64
N GLN F 70 17.60 -48.98 7.83
CA GLN F 70 18.76 -48.79 8.69
C GLN F 70 19.89 -48.05 7.98
N ALA F 71 20.05 -48.30 6.68
CA ALA F 71 21.08 -47.64 5.90
C ALA F 71 20.72 -46.17 5.72
N ALA F 72 19.42 -45.90 5.65
CA ALA F 72 18.91 -44.55 5.48
C ALA F 72 19.16 -43.76 6.76
N LYS F 73 18.68 -44.28 7.89
CA LYS F 73 18.85 -43.60 9.17
C LYS F 73 20.32 -43.35 9.49
N ILE F 74 21.21 -44.14 8.90
CA ILE F 74 22.64 -43.97 9.13
C ILE F 74 23.17 -42.77 8.34
N LEU F 75 22.61 -42.55 7.16
CA LEU F 75 23.03 -41.43 6.31
C LEU F 75 22.44 -40.12 6.87
N PHE F 76 21.21 -40.22 7.35
CA PHE F 76 20.47 -39.10 7.91
C PHE F 76 21.08 -38.58 9.21
N GLU F 77 21.41 -39.48 10.13
CA GLU F 77 21.99 -39.10 11.42
C GLU F 77 23.35 -38.41 11.34
N THR F 78 23.94 -38.36 10.14
CA THR F 78 25.25 -37.73 9.98
C THR F 78 25.15 -36.20 10.07
N ARG F 79 24.13 -35.64 9.40
CA ARG F 79 23.90 -34.19 9.40
C ARG F 79 22.40 -33.98 9.41
N PRO F 80 21.73 -34.37 10.51
CA PRO F 80 20.28 -34.28 10.76
C PRO F 80 19.62 -32.93 10.53
N THR F 81 20.40 -31.93 10.14
CA THR F 81 19.86 -30.59 9.92
C THR F 81 20.08 -30.12 8.48
N ALA F 82 20.81 -30.93 7.69
CA ALA F 82 21.07 -30.59 6.29
C ALA F 82 19.74 -30.58 5.56
N VAL F 83 19.75 -30.16 4.29
CA VAL F 83 18.51 -30.09 3.54
C VAL F 83 18.44 -31.04 2.34
N SER F 84 19.39 -30.93 1.41
CA SER F 84 19.41 -31.80 0.24
C SER F 84 19.45 -33.29 0.63
N LEU F 85 20.37 -33.63 1.53
CA LEU F 85 20.54 -35.00 1.98
C LEU F 85 19.21 -35.70 2.28
N PRO F 86 18.48 -35.25 3.31
CA PRO F 86 17.21 -35.90 3.61
C PRO F 86 16.22 -36.00 2.45
N ASN F 87 16.26 -35.04 1.53
CA ASN F 87 15.34 -35.09 0.38
C ASN F 87 15.73 -36.22 -0.56
N ALA F 88 17.03 -36.52 -0.59
CA ALA F 88 17.53 -37.59 -1.43
C ALA F 88 16.99 -38.90 -0.85
N LEU F 89 17.14 -39.05 0.47
CA LEU F 89 16.70 -40.22 1.18
C LEU F 89 15.19 -40.39 1.04
N ARG F 90 14.44 -39.32 1.25
CA ARG F 90 12.99 -39.39 1.13
C ARG F 90 12.59 -39.83 -0.27
N TYR F 91 13.29 -39.30 -1.27
CA TYR F 91 12.98 -39.65 -2.65
C TYR F 91 12.99 -41.15 -2.87
N VAL F 92 14.08 -41.80 -2.46
CA VAL F 92 14.21 -43.24 -2.63
C VAL F 92 13.35 -44.01 -1.63
N MET F 93 13.54 -43.70 -0.34
CA MET F 93 12.82 -44.40 0.71
C MET F 93 11.31 -44.28 0.67
N HIS F 94 10.81 -43.14 0.20
CA HIS F 94 9.36 -42.97 0.12
C HIS F 94 8.80 -43.90 -0.95
N ARG F 95 9.50 -43.98 -2.07
CA ARG F 95 9.09 -44.83 -3.17
C ARG F 95 9.19 -46.31 -2.79
N GLY F 96 10.15 -46.62 -1.93
CA GLY F 96 10.34 -47.98 -1.47
C GLY F 96 9.24 -48.40 -0.52
N LYS F 97 8.83 -47.49 0.37
CA LYS F 97 7.78 -47.78 1.33
C LYS F 97 6.44 -48.05 0.61
N ILE F 98 6.10 -47.20 -0.35
CA ILE F 98 4.86 -47.38 -1.12
C ILE F 98 4.81 -48.82 -1.64
N ALA F 99 5.90 -49.27 -2.26
CA ALA F 99 6.01 -50.62 -2.82
C ALA F 99 5.84 -51.65 -1.70
N TYR F 100 6.70 -51.57 -0.70
CA TYR F 100 6.66 -52.47 0.44
C TYR F 100 5.23 -52.57 1.00
N SER F 101 4.64 -51.44 1.34
CA SER F 101 3.29 -51.42 1.88
C SER F 101 2.30 -52.12 0.95
N SER F 102 2.45 -51.91 -0.35
CA SER F 102 1.56 -52.52 -1.34
C SER F 102 1.76 -54.03 -1.47
N GLY F 103 2.66 -54.59 -0.65
CA GLY F 103 2.91 -56.02 -0.69
C GLY F 103 4.03 -56.43 -1.63
N ALA F 104 4.86 -55.47 -2.01
CA ALA F 104 5.97 -55.73 -2.92
C ALA F 104 6.87 -56.83 -2.39
N ASP F 105 7.25 -57.75 -3.28
CA ASP F 105 8.11 -58.85 -2.91
C ASP F 105 9.56 -58.37 -2.86
N LEU F 106 10.46 -59.21 -2.36
CA LEU F 106 11.87 -58.86 -2.24
C LEU F 106 12.45 -58.22 -3.50
N GLU F 107 12.61 -59.00 -4.56
CA GLU F 107 13.16 -58.46 -5.80
C GLU F 107 12.50 -57.18 -6.26
N GLN F 108 11.17 -57.16 -6.25
CA GLN F 108 10.42 -55.97 -6.65
C GLN F 108 10.91 -54.74 -5.88
N LEU F 109 10.86 -54.83 -4.55
CA LEU F 109 11.28 -53.73 -3.69
C LEU F 109 12.69 -53.26 -4.03
N ARG F 110 13.59 -54.22 -4.27
CA ARG F 110 14.96 -53.87 -4.62
C ARG F 110 14.96 -53.08 -5.90
N PHE F 111 14.13 -53.52 -6.85
CA PHE F 111 14.02 -52.87 -8.16
C PHE F 111 13.56 -51.42 -7.95
N VAL F 112 12.51 -51.23 -7.17
CA VAL F 112 11.97 -49.91 -6.88
C VAL F 112 13.05 -49.01 -6.28
N ILE F 113 13.70 -49.48 -5.23
CA ILE F 113 14.76 -48.74 -4.57
C ILE F 113 15.83 -48.31 -5.58
N ILE F 114 16.47 -49.30 -6.19
CA ILE F 114 17.54 -49.05 -7.15
C ILE F 114 17.14 -48.09 -8.26
N ASN F 115 15.98 -48.32 -8.87
CA ASN F 115 15.53 -47.46 -9.96
C ASN F 115 15.15 -46.06 -9.51
N ALA F 116 14.91 -45.90 -8.21
CA ALA F 116 14.54 -44.60 -7.65
C ALA F 116 15.81 -43.81 -7.39
N ALA F 117 16.83 -44.49 -6.91
CA ALA F 117 18.11 -43.84 -6.66
C ALA F 117 18.66 -43.35 -7.99
N LYS F 118 18.48 -44.14 -9.04
CA LYS F 118 18.97 -43.78 -10.36
C LYS F 118 18.22 -42.61 -10.97
N GLU F 119 16.92 -42.52 -10.71
CA GLU F 119 16.14 -41.39 -11.22
C GLU F 119 16.69 -40.16 -10.54
N PHE F 120 16.71 -40.21 -9.21
CA PHE F 120 17.18 -39.08 -8.43
C PHE F 120 18.56 -38.60 -8.85
N ILE F 121 19.49 -39.54 -9.03
CA ILE F 121 20.84 -39.17 -9.42
C ILE F 121 20.90 -38.54 -10.81
N HIS F 122 20.27 -39.17 -11.79
CA HIS F 122 20.25 -38.65 -13.16
C HIS F 122 19.64 -37.25 -13.17
N ASN F 123 18.39 -37.15 -12.73
CA ASN F 123 17.66 -35.89 -12.66
C ASN F 123 18.53 -34.82 -12.01
N SER F 124 19.22 -35.18 -10.94
CA SER F 124 20.09 -34.26 -10.21
C SER F 124 21.35 -33.86 -10.96
N GLU F 125 21.80 -34.70 -11.88
CA GLU F 125 23.00 -34.41 -12.66
C GLU F 125 22.68 -33.43 -13.77
N LYS F 126 21.45 -33.49 -14.26
CA LYS F 126 20.99 -32.58 -15.32
C LYS F 126 20.17 -31.45 -14.71
N ALA F 127 20.26 -31.30 -13.40
CA ALA F 127 19.50 -30.25 -12.70
C ALA F 127 19.77 -28.86 -13.26
N LEU F 128 21.02 -28.43 -13.20
CA LEU F 128 21.40 -27.10 -13.68
C LEU F 128 21.00 -26.87 -15.14
N GLU F 129 21.24 -27.83 -16.01
CA GLU F 129 20.87 -27.67 -17.42
C GLU F 129 19.38 -27.36 -17.53
N ARG F 130 18.57 -28.16 -16.86
CA ARG F 130 17.11 -28.00 -16.87
C ARG F 130 16.68 -26.63 -16.33
N ILE F 131 17.19 -26.25 -15.16
CA ILE F 131 16.84 -24.96 -14.57
C ILE F 131 17.16 -23.84 -15.53
N GLY F 132 18.34 -23.91 -16.15
CA GLY F 132 18.73 -22.90 -17.11
C GLY F 132 17.80 -22.92 -18.29
N GLU F 133 17.34 -24.10 -18.66
CA GLU F 133 16.43 -24.23 -19.79
C GLU F 133 15.07 -23.60 -19.49
N PHE F 134 14.56 -23.82 -18.29
CA PHE F 134 13.27 -23.26 -17.90
C PHE F 134 13.37 -21.75 -17.66
N GLY F 135 14.36 -21.34 -16.87
CA GLY F 135 14.53 -19.93 -16.59
C GLY F 135 14.75 -19.11 -17.84
N ALA F 136 15.40 -19.70 -18.84
CA ALA F 136 15.68 -19.00 -20.09
C ALA F 136 14.40 -18.66 -20.84
N LYS F 137 13.38 -19.51 -20.70
CA LYS F 137 12.09 -19.30 -21.36
C LYS F 137 11.43 -18.02 -20.86
N ARG F 138 11.73 -17.62 -19.63
CA ARG F 138 11.14 -16.42 -19.04
C ARG F 138 12.01 -15.17 -19.20
N ILE F 139 13.14 -15.31 -19.88
CA ILE F 139 14.06 -14.20 -20.11
C ILE F 139 13.91 -13.71 -21.54
N GLU F 140 13.62 -12.42 -21.71
CA GLU F 140 13.43 -11.86 -23.05
C GLU F 140 14.66 -11.13 -23.59
N ASP F 141 14.72 -10.99 -24.91
CA ASP F 141 15.83 -10.33 -25.58
C ASP F 141 15.90 -8.84 -25.24
N GLY F 142 17.07 -8.40 -24.77
CA GLY F 142 17.25 -7.01 -24.39
C GLY F 142 17.17 -6.83 -22.89
N ASP F 143 16.63 -7.83 -22.20
CA ASP F 143 16.49 -7.81 -20.76
C ASP F 143 17.76 -7.55 -19.96
N VAL F 144 17.60 -6.81 -18.87
CA VAL F 144 18.69 -6.49 -17.97
C VAL F 144 18.44 -7.31 -16.70
N ILE F 145 19.32 -8.26 -16.42
CA ILE F 145 19.18 -9.13 -15.25
C ILE F 145 20.09 -8.75 -14.10
N MET F 146 19.55 -8.74 -12.89
CA MET F 146 20.34 -8.44 -11.69
C MET F 146 20.37 -9.70 -10.82
N THR F 147 21.51 -9.98 -10.21
CA THR F 147 21.67 -11.15 -9.37
C THR F 147 22.49 -10.83 -8.12
N HIS F 148 22.61 -11.79 -7.22
CA HIS F 148 23.34 -11.60 -5.97
C HIS F 148 24.16 -12.88 -5.70
N CYS F 149 25.18 -12.78 -4.85
CA CYS F 149 26.02 -13.93 -4.52
C CYS F 149 26.48 -14.64 -5.81
N HIS F 150 26.89 -15.90 -5.68
CA HIS F 150 27.34 -16.67 -6.83
C HIS F 150 26.50 -17.94 -6.90
N SER F 151 25.49 -17.93 -7.76
CA SER F 151 24.59 -19.07 -7.90
C SER F 151 24.69 -19.76 -9.24
N LYS F 152 25.16 -21.01 -9.21
CA LYS F 152 25.30 -21.80 -10.43
C LYS F 152 23.97 -21.90 -11.15
N ALA F 153 22.91 -22.09 -10.38
CA ALA F 153 21.56 -22.19 -10.93
C ALA F 153 21.16 -20.88 -11.59
N ALA F 154 21.36 -19.77 -10.89
CA ALA F 154 21.00 -18.46 -11.44
C ALA F 154 21.85 -18.21 -12.67
N ILE F 155 23.16 -18.38 -12.51
CA ILE F 155 24.08 -18.18 -13.63
C ILE F 155 23.67 -19.05 -14.81
N SER F 156 23.37 -20.31 -14.53
CA SER F 156 22.96 -21.23 -15.60
C SER F 156 21.80 -20.69 -16.44
N VAL F 157 20.90 -19.94 -15.81
CA VAL F 157 19.76 -19.35 -16.53
C VAL F 157 20.21 -18.29 -17.52
N MET F 158 21.05 -17.38 -17.03
CA MET F 158 21.59 -16.29 -17.83
C MET F 158 22.37 -16.85 -19.02
N LYS F 159 23.31 -17.74 -18.72
CA LYS F 159 24.13 -18.37 -19.74
C LYS F 159 23.26 -18.96 -20.83
N THR F 160 22.25 -19.72 -20.44
CA THR F 160 21.34 -20.36 -21.38
C THR F 160 20.61 -19.31 -22.21
N ALA F 161 20.28 -18.18 -21.60
CA ALA F 161 19.58 -17.10 -22.29
C ALA F 161 20.55 -16.46 -23.28
N TRP F 162 21.73 -16.13 -22.80
CA TRP F 162 22.75 -15.51 -23.65
C TRP F 162 23.09 -16.40 -24.84
N GLU F 163 23.28 -17.70 -24.58
CA GLU F 163 23.61 -18.64 -25.64
C GLU F 163 22.43 -18.92 -26.57
N GLN F 164 21.27 -18.36 -26.23
CA GLN F 164 20.06 -18.53 -27.04
C GLN F 164 20.03 -17.44 -28.10
N GLY F 165 20.93 -16.47 -27.99
CA GLY F 165 20.98 -15.38 -28.94
C GLY F 165 20.32 -14.14 -28.36
N LYS F 166 19.80 -14.28 -27.14
CA LYS F 166 19.13 -13.17 -26.46
C LYS F 166 20.14 -12.19 -25.87
N ASP F 167 20.17 -11.00 -26.46
CA ASP F 167 21.07 -9.94 -26.02
C ASP F 167 20.67 -9.49 -24.62
N ILE F 168 21.52 -9.74 -23.63
CA ILE F 168 21.21 -9.37 -22.27
C ILE F 168 22.42 -8.86 -21.48
N LYS F 169 22.16 -7.89 -20.61
CA LYS F 169 23.21 -7.34 -19.76
C LYS F 169 22.86 -7.85 -18.37
N VAL F 170 23.86 -8.03 -17.51
CA VAL F 170 23.60 -8.50 -16.16
C VAL F 170 24.28 -7.65 -15.11
N ILE F 171 23.49 -7.08 -14.21
CA ILE F 171 24.01 -6.28 -13.13
C ILE F 171 24.36 -7.25 -12.01
N VAL F 172 25.63 -7.34 -11.68
CA VAL F 172 26.10 -8.24 -10.65
C VAL F 172 26.32 -7.46 -9.37
N THR F 173 25.81 -7.97 -8.26
CA THR F 173 25.99 -7.29 -7.00
C THR F 173 27.17 -7.87 -6.21
N GLU F 174 28.12 -7.00 -5.90
CA GLU F 174 29.32 -7.33 -5.14
C GLU F 174 29.14 -8.53 -4.19
N THR F 175 28.14 -8.42 -3.32
CA THR F 175 27.83 -9.48 -2.36
C THR F 175 28.84 -9.60 -1.23
N ARG F 176 28.93 -8.58 -0.37
CA ARG F 176 29.84 -8.64 0.77
C ARG F 176 29.28 -9.69 1.72
N PRO F 177 30.10 -10.19 2.65
CA PRO F 177 31.50 -9.81 2.85
C PRO F 177 32.50 -10.65 2.06
N LYS F 178 32.04 -11.75 1.45
CA LYS F 178 32.91 -12.65 0.71
C LYS F 178 33.12 -12.36 -0.79
N TRP F 179 32.56 -11.25 -1.26
CA TRP F 179 32.73 -10.84 -2.67
C TRP F 179 32.34 -11.81 -3.78
N GLN F 180 31.37 -12.69 -3.55
CA GLN F 180 30.96 -13.65 -4.58
C GLN F 180 30.65 -12.97 -5.91
N GLY F 181 30.41 -11.67 -5.86
CA GLY F 181 30.10 -10.91 -7.07
C GLY F 181 31.26 -10.95 -8.06
N LYS F 182 32.48 -10.88 -7.55
CA LYS F 182 33.66 -10.91 -8.42
C LYS F 182 33.66 -12.18 -9.27
N ILE F 183 33.40 -13.32 -8.63
CA ILE F 183 33.35 -14.61 -9.33
C ILE F 183 32.28 -14.63 -10.41
N THR F 184 31.09 -14.15 -10.07
CA THR F 184 29.97 -14.12 -11.00
C THR F 184 30.22 -13.14 -12.15
N ALA F 185 30.76 -11.98 -11.81
CA ALA F 185 31.06 -10.97 -12.81
C ALA F 185 32.09 -11.53 -13.81
N LYS F 186 33.18 -12.10 -13.29
CA LYS F 186 34.22 -12.68 -14.15
C LYS F 186 33.65 -13.81 -14.98
N GLU F 187 32.94 -14.73 -14.32
CA GLU F 187 32.37 -15.87 -15.01
C GLU F 187 31.44 -15.49 -16.17
N LEU F 188 30.40 -14.71 -15.87
CA LEU F 188 29.47 -14.29 -16.92
C LEU F 188 30.20 -13.57 -18.05
N ALA F 189 31.31 -12.92 -17.70
CA ALA F 189 32.11 -12.20 -18.67
C ALA F 189 32.67 -13.19 -19.69
N SER F 190 33.22 -14.29 -19.18
CA SER F 190 33.80 -15.32 -20.02
C SER F 190 32.84 -15.77 -21.13
N TYR F 191 31.61 -16.13 -20.75
CA TYR F 191 30.62 -16.58 -21.72
C TYR F 191 30.31 -15.50 -22.74
N GLY F 192 30.92 -14.33 -22.54
CA GLY F 192 30.72 -13.22 -23.45
C GLY F 192 29.58 -12.30 -23.07
N ILE F 193 29.06 -12.46 -21.85
CA ILE F 193 27.95 -11.64 -21.38
C ILE F 193 28.41 -10.33 -20.75
N PRO F 194 27.91 -9.20 -21.26
CA PRO F 194 28.28 -7.88 -20.73
C PRO F 194 27.79 -7.73 -19.29
N VAL F 195 28.73 -7.50 -18.39
CA VAL F 195 28.45 -7.35 -16.96
C VAL F 195 28.61 -5.93 -16.42
N ILE F 196 27.84 -5.62 -15.38
CA ILE F 196 27.90 -4.33 -14.72
C ILE F 196 28.05 -4.61 -13.23
N TYR F 197 29.25 -4.40 -12.70
CA TYR F 197 29.53 -4.63 -11.29
C TYR F 197 29.12 -3.39 -10.50
N VAL F 198 28.44 -3.59 -9.37
CA VAL F 198 27.99 -2.49 -8.54
C VAL F 198 27.83 -2.99 -7.10
N VAL F 199 28.18 -2.15 -6.14
CA VAL F 199 28.12 -2.53 -4.73
C VAL F 199 26.70 -2.92 -4.31
N ASP F 200 26.56 -3.57 -3.15
CA ASP F 200 25.24 -3.99 -2.67
C ASP F 200 24.27 -2.83 -2.50
N SER F 201 24.75 -1.75 -1.88
CA SER F 201 23.95 -0.56 -1.60
C SER F 201 23.23 0.08 -2.79
N ALA F 202 23.57 -0.32 -4.00
CA ALA F 202 22.99 0.27 -5.20
C ALA F 202 21.89 -0.54 -5.88
N ALA F 203 21.38 -1.54 -5.19
CA ALA F 203 20.34 -2.39 -5.74
C ALA F 203 19.10 -1.62 -6.20
N ARG F 204 18.64 -0.69 -5.37
CA ARG F 204 17.45 0.08 -5.72
C ARG F 204 17.72 1.06 -6.84
N HIS F 205 18.81 1.81 -6.72
CA HIS F 205 19.17 2.80 -7.72
C HIS F 205 19.19 2.20 -9.12
N TYR F 206 19.63 0.95 -9.25
CA TYR F 206 19.66 0.36 -10.57
C TYR F 206 18.46 -0.54 -10.93
N MET F 207 17.60 -0.81 -9.95
CA MET F 207 16.42 -1.63 -10.19
C MET F 207 15.52 -0.92 -11.19
N LYS F 208 15.64 0.40 -11.23
CA LYS F 208 14.85 1.23 -12.13
C LYS F 208 15.06 0.86 -13.59
N MET F 209 16.23 0.30 -13.89
CA MET F 209 16.55 -0.09 -15.27
C MET F 209 16.60 -1.60 -15.48
N THR F 210 16.26 -2.34 -14.42
CA THR F 210 16.27 -3.80 -14.48
C THR F 210 14.95 -4.37 -14.97
N ASP F 211 15.03 -5.38 -15.84
CA ASP F 211 13.84 -6.02 -16.41
C ASP F 211 13.49 -7.33 -15.70
N LYS F 212 14.50 -7.98 -15.14
CA LYS F 212 14.33 -9.25 -14.46
C LYS F 212 15.36 -9.48 -13.38
N VAL F 213 14.93 -10.07 -12.28
CA VAL F 213 15.82 -10.40 -11.19
C VAL F 213 15.90 -11.94 -11.12
N VAL F 214 17.11 -12.46 -11.00
CA VAL F 214 17.34 -13.90 -10.94
C VAL F 214 18.40 -14.20 -9.89
N MET F 215 18.01 -14.89 -8.83
CA MET F 215 18.94 -15.24 -7.77
C MET F 215 18.85 -16.72 -7.41
N GLY F 216 19.71 -17.15 -6.48
CA GLY F 216 19.68 -18.55 -6.08
C GLY F 216 19.04 -18.76 -4.73
N ALA F 217 19.34 -19.89 -4.11
CA ALA F 217 18.77 -20.18 -2.80
C ALA F 217 19.54 -21.23 -2.05
N ASP F 218 19.65 -21.04 -0.74
CA ASP F 218 20.32 -22.02 0.08
C ASP F 218 19.26 -23.05 0.51
N SER F 219 17.99 -22.68 0.35
CA SER F 219 16.85 -23.52 0.69
C SER F 219 15.53 -22.76 0.56
N ILE F 220 14.44 -23.51 0.47
CA ILE F 220 13.10 -22.93 0.38
C ILE F 220 12.28 -23.54 1.50
N THR F 221 11.49 -22.73 2.19
CA THR F 221 10.67 -23.24 3.30
C THR F 221 9.36 -23.82 2.79
N VAL F 222 8.58 -24.45 3.69
CA VAL F 222 7.29 -25.03 3.30
C VAL F 222 6.32 -23.97 2.78
N ASN F 223 6.54 -22.73 3.18
CA ASN F 223 5.66 -21.65 2.76
C ASN F 223 6.17 -20.88 1.56
N GLY F 224 7.30 -21.32 1.02
CA GLY F 224 7.85 -20.67 -0.15
C GLY F 224 8.83 -19.55 0.10
N ALA F 225 9.21 -19.34 1.35
CA ALA F 225 10.17 -18.27 1.66
C ALA F 225 11.54 -18.76 1.22
N VAL F 226 12.37 -17.82 0.74
CA VAL F 226 13.70 -18.14 0.26
C VAL F 226 14.81 -17.77 1.21
N ILE F 227 15.64 -18.74 1.54
CA ILE F 227 16.79 -18.54 2.42
C ILE F 227 18.01 -18.44 1.52
N ASN F 228 18.68 -17.28 1.54
CA ASN F 228 19.84 -17.11 0.68
C ASN F 228 20.86 -16.17 1.28
N LYS F 229 21.93 -15.89 0.54
CA LYS F 229 22.97 -15.01 1.05
C LYS F 229 22.43 -13.65 1.46
N ILE F 230 22.91 -13.19 2.61
CA ILE F 230 22.50 -11.90 3.15
C ILE F 230 22.47 -10.80 2.08
N GLY F 231 21.36 -10.05 2.07
CA GLY F 231 21.18 -8.98 1.11
C GLY F 231 20.16 -9.38 0.06
N THR F 232 19.85 -10.67 0.01
CA THR F 232 18.89 -11.22 -0.96
C THR F 232 17.49 -10.67 -0.76
N ALA F 233 17.04 -10.60 0.49
CA ALA F 233 15.71 -10.07 0.77
C ALA F 233 15.60 -8.60 0.36
N LEU F 234 16.64 -7.82 0.62
CA LEU F 234 16.64 -6.40 0.23
C LEU F 234 16.38 -6.19 -1.25
N ILE F 235 17.03 -6.99 -2.09
CA ILE F 235 16.88 -6.84 -3.54
C ILE F 235 15.48 -7.22 -4.01
N ALA F 236 14.96 -8.32 -3.46
CA ALA F 236 13.61 -8.78 -3.82
C ALA F 236 12.63 -7.71 -3.36
N LEU F 237 12.96 -7.08 -2.23
CA LEU F 237 12.13 -6.03 -1.67
C LEU F 237 11.96 -4.91 -2.72
N THR F 238 13.08 -4.35 -3.16
CA THR F 238 13.03 -3.26 -4.15
C THR F 238 12.45 -3.71 -5.48
N ALA F 239 12.67 -4.98 -5.83
CA ALA F 239 12.13 -5.49 -7.07
C ALA F 239 10.60 -5.53 -6.99
N LYS F 240 10.09 -5.75 -5.79
CA LYS F 240 8.63 -5.79 -5.61
C LYS F 240 8.11 -4.37 -5.73
N GLU F 241 8.92 -3.43 -5.26
CA GLU F 241 8.61 -2.02 -5.30
C GLU F 241 8.52 -1.51 -6.75
N HIS F 242 9.41 -2.03 -7.60
CA HIS F 242 9.46 -1.63 -9.01
C HIS F 242 8.73 -2.58 -9.95
N ARG F 243 8.04 -3.55 -9.36
CA ARG F 243 7.29 -4.54 -10.13
C ARG F 243 8.13 -5.30 -11.16
N VAL F 244 9.37 -5.61 -10.76
CA VAL F 244 10.29 -6.34 -11.64
C VAL F 244 10.11 -7.84 -11.40
N TRP F 245 9.85 -8.58 -12.47
CA TRP F 245 9.68 -10.03 -12.38
C TRP F 245 10.91 -10.63 -11.71
N THR F 246 10.74 -11.20 -10.52
CA THR F 246 11.83 -11.81 -9.77
C THR F 246 11.76 -13.33 -9.78
N MET F 247 12.89 -13.97 -10.06
CA MET F 247 12.94 -15.43 -10.10
C MET F 247 14.04 -16.01 -9.23
N ILE F 248 13.74 -17.11 -8.57
CA ILE F 248 14.70 -17.80 -7.73
C ILE F 248 14.95 -19.16 -8.35
N ALA F 249 16.22 -19.45 -8.63
CA ALA F 249 16.59 -20.72 -9.23
C ALA F 249 17.03 -21.67 -8.13
N ALA F 250 16.37 -22.82 -8.03
CA ALA F 250 16.72 -23.78 -6.99
C ALA F 250 16.22 -25.19 -7.24
N GLU F 251 17.07 -26.17 -6.93
CA GLU F 251 16.74 -27.57 -7.08
C GLU F 251 15.61 -27.98 -6.14
N THR F 252 14.72 -28.84 -6.63
CA THR F 252 13.60 -29.34 -5.84
C THR F 252 14.09 -29.87 -4.50
N TYR F 253 15.26 -30.50 -4.49
CA TYR F 253 15.76 -31.03 -3.23
C TYR F 253 16.23 -29.94 -2.27
N LYS F 254 16.04 -28.68 -2.63
CA LYS F 254 16.42 -27.60 -1.73
C LYS F 254 15.23 -27.15 -0.88
N PHE F 255 14.05 -27.69 -1.18
CA PHE F 255 12.86 -27.36 -0.42
C PHE F 255 12.97 -28.09 0.91
N HIS F 256 12.77 -27.34 1.99
CA HIS F 256 12.90 -27.86 3.34
C HIS F 256 11.56 -27.85 4.09
N PRO F 257 11.13 -29.00 4.63
CA PRO F 257 9.86 -29.09 5.37
C PRO F 257 9.89 -28.43 6.74
N GLU F 258 10.23 -27.14 6.76
CA GLU F 258 10.29 -26.37 7.99
C GLU F 258 9.68 -25.00 7.74
N THR F 259 9.38 -24.27 8.82
CA THR F 259 8.79 -22.95 8.70
C THR F 259 9.62 -21.89 9.41
N MET F 260 9.66 -20.69 8.83
CA MET F 260 10.39 -19.56 9.41
C MET F 260 9.39 -18.60 10.01
N LEU F 261 8.12 -18.79 9.68
CA LEU F 261 7.05 -17.95 10.18
C LEU F 261 7.15 -17.71 11.68
N GLY F 262 6.59 -18.63 12.46
CA GLY F 262 6.62 -18.48 13.92
C GLY F 262 7.39 -19.58 14.61
N VAL F 265 14.82 -15.85 15.39
CA VAL F 265 16.20 -16.20 15.72
C VAL F 265 17.13 -16.15 14.51
N GLU F 266 18.43 -16.31 14.77
CA GLU F 266 19.45 -16.28 13.72
C GLU F 266 19.64 -17.66 13.08
N ILE F 267 19.80 -17.69 11.76
CA ILE F 267 19.99 -18.94 11.05
C ILE F 267 21.43 -19.44 11.17
N GLU F 268 22.38 -18.57 10.83
CA GLU F 268 23.79 -18.93 10.87
C GLU F 268 24.73 -17.72 10.93
N MET F 269 25.39 -17.55 12.07
CA MET F 269 26.32 -16.44 12.25
C MET F 269 27.70 -16.87 11.76
N ARG F 270 28.23 -16.18 10.75
CA ARG F 270 29.55 -16.52 10.23
C ARG F 270 30.64 -15.76 10.96
N ASP F 271 31.88 -16.21 10.80
CA ASP F 271 33.03 -15.59 11.43
C ASP F 271 33.06 -14.10 11.09
N PRO F 272 33.24 -13.24 12.12
CA PRO F 272 33.29 -11.78 11.96
C PRO F 272 34.44 -11.28 11.08
N THR F 273 35.48 -12.09 10.94
CA THR F 273 36.66 -11.73 10.15
C THR F 273 36.40 -11.61 8.65
N GLU F 274 35.30 -12.18 8.16
CA GLU F 274 34.98 -12.06 6.74
C GLU F 274 34.58 -10.61 6.49
N VAL F 275 34.08 -9.97 7.54
CA VAL F 275 33.64 -8.58 7.47
C VAL F 275 34.85 -7.66 7.70
N ILE F 276 35.40 -7.76 8.90
CA ILE F 276 36.56 -6.96 9.27
C ILE F 276 37.68 -7.87 9.78
N PRO F 277 38.77 -7.98 9.00
CA PRO F 277 39.95 -8.80 9.29
C PRO F 277 40.43 -8.75 10.74
N GLU F 278 41.10 -9.81 11.18
CA GLU F 278 41.63 -9.90 12.53
C GLU F 278 42.62 -8.79 12.82
N ASP F 279 43.56 -8.58 11.91
CA ASP F 279 44.57 -7.54 12.05
C ASP F 279 43.96 -6.17 12.34
N GLU F 280 42.87 -5.85 11.66
CA GLU F 280 42.19 -4.57 11.84
C GLU F 280 41.17 -4.59 12.98
N LEU F 281 40.50 -5.73 13.16
CA LEU F 281 39.48 -5.88 14.20
C LEU F 281 40.07 -5.91 15.62
N LYS F 282 41.24 -6.53 15.75
CA LYS F 282 41.92 -6.65 17.03
C LYS F 282 42.12 -5.30 17.71
N THR F 283 42.16 -4.22 16.92
CA THR F 283 42.37 -2.88 17.45
C THR F 283 41.09 -2.13 17.78
N TRP F 284 39.93 -2.71 17.48
CA TRP F 284 38.65 -2.06 17.77
C TRP F 284 38.27 -2.32 19.22
N PRO F 285 37.68 -1.30 19.88
CA PRO F 285 37.25 -1.39 21.28
C PRO F 285 36.08 -2.34 21.55
N LYS F 286 35.92 -2.67 22.83
CA LYS F 286 34.86 -3.55 23.30
C LYS F 286 33.48 -3.10 22.81
N ASN F 287 33.22 -1.80 22.91
CA ASN F 287 31.95 -1.22 22.49
C ASN F 287 31.44 -1.71 21.15
N ILE F 288 32.34 -1.93 20.20
CA ILE F 288 31.97 -2.40 18.88
C ILE F 288 31.89 -3.91 18.83
N GLU F 289 30.91 -4.41 18.07
CA GLU F 289 30.70 -5.84 17.91
C GLU F 289 30.14 -6.07 16.51
N VAL F 290 30.84 -6.83 15.68
CA VAL F 290 30.38 -7.07 14.33
C VAL F 290 29.56 -8.36 14.20
N TRP F 291 28.41 -8.24 13.54
CA TRP F 291 27.51 -9.36 13.31
C TRP F 291 27.55 -9.72 11.84
N ASN F 292 27.84 -10.98 11.55
CA ASN F 292 27.94 -11.41 10.17
C ASN F 292 26.94 -12.52 9.80
N PRO F 293 25.65 -12.16 9.71
CA PRO F 293 24.67 -13.18 9.35
C PRO F 293 24.99 -13.71 7.96
N ALA F 294 24.78 -15.00 7.74
CA ALA F 294 25.06 -15.57 6.45
C ALA F 294 23.86 -15.46 5.53
N PHE F 295 22.66 -15.57 6.12
CA PHE F 295 21.43 -15.53 5.32
C PHE F 295 20.39 -14.47 5.63
N ASP F 296 19.56 -14.25 4.61
CA ASP F 296 18.44 -13.30 4.59
C ASP F 296 17.21 -14.17 4.36
N VAL F 297 16.07 -13.79 4.95
CA VAL F 297 14.87 -14.56 4.71
C VAL F 297 13.93 -13.77 3.82
N THR F 298 13.81 -14.20 2.57
CA THR F 298 12.94 -13.53 1.63
C THR F 298 11.52 -14.07 1.60
N PRO F 299 10.53 -13.25 1.99
CA PRO F 299 9.12 -13.61 2.03
C PRO F 299 8.67 -14.11 0.66
N PRO F 300 7.75 -15.08 0.63
CA PRO F 300 7.30 -15.59 -0.66
C PRO F 300 6.55 -14.55 -1.48
N GLU F 301 6.09 -13.47 -0.83
CA GLU F 301 5.36 -12.44 -1.55
C GLU F 301 6.24 -11.63 -2.51
N TYR F 302 7.55 -11.56 -2.24
CA TYR F 302 8.47 -10.81 -3.10
C TYR F 302 9.12 -11.72 -4.16
N VAL F 303 8.53 -12.88 -4.38
CA VAL F 303 9.04 -13.84 -5.35
C VAL F 303 7.93 -14.30 -6.28
N ASP F 304 8.07 -14.01 -7.57
CA ASP F 304 7.05 -14.40 -8.54
C ASP F 304 7.04 -15.89 -8.85
N VAL F 305 8.22 -16.47 -9.06
CA VAL F 305 8.31 -17.89 -9.38
C VAL F 305 9.66 -18.48 -8.99
N ILE F 306 9.65 -19.79 -8.73
CA ILE F 306 10.87 -20.49 -8.40
C ILE F 306 11.15 -21.39 -9.59
N ILE F 307 12.41 -21.46 -10.01
CA ILE F 307 12.80 -22.29 -11.15
C ILE F 307 13.44 -23.57 -10.66
N THR F 308 12.79 -24.71 -10.93
CA THR F 308 13.32 -26.01 -10.53
C THR F 308 13.60 -26.84 -11.78
N GLU F 309 14.26 -27.99 -11.61
CA GLU F 309 14.60 -28.88 -12.72
C GLU F 309 13.37 -29.46 -13.39
N ARG F 310 12.20 -29.25 -12.78
CA ARG F 310 10.97 -29.79 -13.34
C ARG F 310 10.03 -28.72 -13.88
N GLY F 311 10.43 -27.45 -13.73
CA GLY F 311 9.60 -26.37 -14.22
C GLY F 311 9.44 -25.21 -13.26
N ILE F 312 8.76 -24.16 -13.70
CA ILE F 312 8.54 -23.00 -12.85
C ILE F 312 7.31 -23.21 -11.98
N ILE F 313 7.41 -22.80 -10.71
CA ILE F 313 6.29 -22.92 -9.78
C ILE F 313 6.20 -21.70 -8.89
N PRO F 314 4.99 -21.40 -8.39
CA PRO F 314 4.87 -20.24 -7.50
C PRO F 314 5.45 -20.66 -6.15
N PRO F 315 6.02 -19.71 -5.40
CA PRO F 315 6.60 -20.02 -4.08
C PRO F 315 5.69 -20.83 -3.15
N TYR F 316 4.43 -20.41 -3.03
CA TYR F 316 3.47 -21.08 -2.16
C TYR F 316 3.12 -22.51 -2.57
N ALA F 317 3.78 -23.02 -3.59
CA ALA F 317 3.55 -24.39 -4.06
C ALA F 317 4.67 -25.30 -3.58
N ALA F 318 5.60 -24.74 -2.81
CA ALA F 318 6.73 -25.48 -2.27
C ALA F 318 6.28 -26.73 -1.52
N ILE F 319 5.15 -26.63 -0.84
CA ILE F 319 4.60 -27.73 -0.07
C ILE F 319 4.19 -28.88 -1.01
N ASP F 320 3.75 -28.54 -2.21
CA ASP F 320 3.33 -29.56 -3.18
C ASP F 320 4.55 -30.31 -3.72
N ILE F 321 5.66 -29.62 -3.90
CA ILE F 321 6.89 -30.26 -4.36
C ILE F 321 7.37 -31.23 -3.27
N LEU F 322 7.29 -30.81 -2.01
CA LEU F 322 7.70 -31.67 -0.90
C LEU F 322 6.80 -32.91 -0.81
N ARG F 323 5.51 -32.74 -1.07
CA ARG F 323 4.55 -33.85 -1.02
C ARG F 323 4.70 -34.79 -2.20
N GLU F 324 4.61 -34.24 -3.41
CA GLU F 324 4.70 -35.04 -4.63
C GLU F 324 6.08 -35.59 -5.00
N GLU F 325 7.13 -34.82 -4.73
CA GLU F 325 8.46 -35.28 -5.06
C GLU F 325 9.07 -36.16 -3.99
N PHE F 326 8.98 -35.72 -2.73
CA PHE F 326 9.59 -36.48 -1.66
C PHE F 326 8.63 -37.20 -0.70
N GLY F 327 7.34 -37.21 -1.04
CA GLY F 327 6.36 -37.89 -0.21
C GLY F 327 6.18 -37.37 1.21
N TRP F 328 6.74 -36.22 1.53
CA TRP F 328 6.62 -35.67 2.86
C TRP F 328 5.19 -35.25 3.18
N ALA F 329 4.83 -35.39 4.45
CA ALA F 329 3.51 -34.99 4.92
C ALA F 329 3.70 -34.76 6.41
N LEU F 330 3.14 -33.67 6.89
CA LEU F 330 3.24 -33.29 8.30
C LEU F 330 2.68 -34.36 9.26
N LYS F 331 1.64 -35.06 8.85
CA LYS F 331 1.04 -36.08 9.70
C LYS F 331 1.72 -37.44 9.62
N TYR F 332 2.72 -37.56 8.74
CA TYR F 332 3.44 -38.83 8.61
C TYR F 332 4.85 -38.72 9.14
N THR F 333 5.51 -39.87 9.29
CA THR F 333 6.89 -39.93 9.77
C THR F 333 7.79 -40.12 8.54
N GLU F 334 9.09 -39.90 8.70
CA GLU F 334 10.00 -40.08 7.58
C GLU F 334 9.87 -41.52 7.11
N PRO F 335 9.96 -41.75 5.79
CA PRO F 335 9.84 -43.11 5.26
C PRO F 335 10.79 -44.19 5.82
N TRP F 336 11.81 -43.79 6.59
CA TRP F 336 12.73 -44.76 7.17
C TRP F 336 12.56 -44.94 8.67
N GLU F 337 11.53 -44.32 9.24
CA GLU F 337 11.26 -44.42 10.67
C GLU F 337 10.44 -45.65 11.02
N ASP F 338 10.38 -45.98 12.31
CA ASP F 338 9.65 -47.14 12.80
C ASP F 338 10.18 -48.43 12.18
#